data_8TAN
#
_entry.id   8TAN
#
_cell.length_a   1.00
_cell.length_b   1.00
_cell.length_c   1.00
_cell.angle_alpha   90.00
_cell.angle_beta   90.00
_cell.angle_gamma   90.00
#
_symmetry.space_group_name_H-M   'P 1'
#
loop_
_entity.id
_entity.type
_entity.pdbx_description
1 polymer 'Insulin-like growth factor 1 receptor'
2 polymer 'Insulin-like growth factor'
3 branched beta-D-mannopyranose-(1-4)-2-acetamido-2-deoxy-beta-D-glucopyranose-(1-4)-2-acetamido-2-deoxy-beta-D-glucopyranose
4 branched 2-acetamido-2-deoxy-beta-D-glucopyranose-(1-4)-2-acetamido-2-deoxy-beta-D-glucopyranose
5 non-polymer 2-acetamido-2-deoxy-beta-D-glucopyranose
#
loop_
_entity_poly.entity_id
_entity_poly.type
_entity_poly.pdbx_seq_one_letter_code
_entity_poly.pdbx_strand_id
1 'polypeptide(L)'
;EICGPGIDIRNDYQQLKRLENCTVIEGYLHILLISKAEDYRSYRFPKLTVITEYLLLFRVAGLESLGDLFPNLTVIRGWK
LFYNYALVIFEMTNLKDIGLYNLRNITRGAIRIEKNADLCYLSTVDWSLILDAVSNNYIVGNKPPKECGDLCPGTMEEKP
MCEKTTINNEYNYRCWTTNRCQKMCPSTCGKRACTENNECCHPECLGSCSAPDNDTACVACRHYYYAGVCVPACPPNTYR
FEGWRCVDRDFCANILSAESSDSEGFVIHDGECMQECPSGFIRNGSQSMYCIPCEGPCPKVCEEEKKTKTIDSVTSAQML
QGCTIFKGNLLINIRRGNNIASELENFMGLIEVVTGYVKIRHSHALVSLSFLKNLRLILGEEQLEGNYSFYVLDNQNLQQ
LWDWDHRNLTIKAGKMYFAFNPKLCVSEIYRMEEVTGTKGRQSKGDINTRNNGERASCESDVLHFTSTTTSKNRIIITWH
RYRPPDYRDLISFTVYYKEAPFKNVTEYDGQDACGSNSWNMVDVDLPPNKDVEPGILLHGLKPWTQYAVYVKAVTLTMVE
NDHIRGAKSEILYIRTNASVPSIPLDVLSASNSSSQLIVKWNPPSLPNGNLSYYIVRWQRQPQDGYLYRHNYCSKDKIPI
RKYADGTIDIEEVTENPKTEVCGGEKGPCCACPKTEAEKQAEKEEAEYRKVFENFLHNSIFVPRPERKRRDVMQVANTTM
SSRSRNTTAADTYNITDPEELETEYPFFESRVDNKERTVISNLRPFTLYRIDIHSCNHEAEKLGCSASNFVFARTMPAEG
ADDIPGPVTWEPRPENSIFLKWPEPENPNGLILMYEIKYGSQVEDQRECVSRQEYRKYGGAKLNRLNPGNYTARIQATSL
SGNGSWTDPVFFYVQAKTGYENFIHRMKQLEDKVEELLSKNYHLENEVARLKKLVGERSSSEQKLISEEDLN
;
A,B
2 'polypeptide(L)' VLTDKLCGKDLVDALLLVCGEKGVYSPKMGYARAKTVKGNGIADVCCTSANGCDLNFLEKFCKT C
#
# COMPACT_ATOMS: atom_id res chain seq x y z
N GLU A 1 -48.59 15.79 -6.67
CA GLU A 1 -48.00 16.36 -5.46
C GLU A 1 -46.48 16.26 -5.46
N ILE A 2 -45.86 16.99 -4.52
CA ILE A 2 -44.43 16.89 -4.27
C ILE A 2 -44.16 15.67 -3.42
N CYS A 3 -43.07 14.96 -3.71
CA CYS A 3 -42.76 13.70 -3.04
C CYS A 3 -41.39 13.77 -2.38
N GLY A 4 -41.14 12.80 -1.51
CA GLY A 4 -39.88 12.69 -0.80
C GLY A 4 -40.10 12.32 0.65
N PRO A 5 -39.02 12.23 1.42
CA PRO A 5 -37.61 12.33 1.01
C PRO A 5 -37.07 11.03 0.45
N GLY A 6 -36.00 11.11 -0.35
CA GLY A 6 -35.20 9.96 -0.72
C GLY A 6 -35.91 8.72 -1.21
N ILE A 7 -36.68 8.85 -2.29
CA ILE A 7 -37.35 7.68 -2.86
C ILE A 7 -36.34 6.62 -3.22
N ASP A 8 -36.67 5.37 -2.93
CA ASP A 8 -35.74 4.25 -3.13
C ASP A 8 -36.55 3.04 -3.55
N ILE A 9 -36.40 2.62 -4.81
CA ILE A 9 -37.05 1.44 -5.35
C ILE A 9 -35.97 0.37 -5.49
N ARG A 10 -36.21 -0.82 -4.94
CA ARG A 10 -35.10 -1.73 -4.72
C ARG A 10 -35.32 -3.20 -5.11
N ASN A 11 -36.54 -3.63 -5.43
CA ASN A 11 -36.70 -5.04 -5.78
C ASN A 11 -37.50 -5.34 -7.05
N ASP A 12 -38.60 -4.62 -7.30
CA ASP A 12 -39.48 -4.99 -8.40
C ASP A 12 -40.23 -3.79 -8.94
N TYR A 13 -40.72 -3.94 -10.19
CA TYR A 13 -41.44 -2.88 -10.87
C TYR A 13 -42.68 -2.45 -10.11
N GLN A 14 -43.30 -3.37 -9.37
CA GLN A 14 -44.47 -3.02 -8.58
C GLN A 14 -44.17 -1.93 -7.56
N GLN A 15 -42.92 -1.86 -7.09
CA GLN A 15 -42.53 -0.82 -6.14
C GLN A 15 -42.35 0.53 -6.80
N LEU A 16 -42.22 0.57 -8.13
CA LEU A 16 -42.10 1.85 -8.83
C LEU A 16 -43.34 2.71 -8.68
N LYS A 17 -44.50 2.08 -8.49
CA LYS A 17 -45.79 2.77 -8.53
C LYS A 17 -45.94 3.79 -7.40
N ARG A 18 -44.92 3.92 -6.55
CA ARG A 18 -44.85 5.02 -5.60
C ARG A 18 -44.75 6.37 -6.29
N LEU A 19 -44.33 6.40 -7.56
CA LEU A 19 -43.94 7.65 -8.21
C LEU A 19 -45.07 8.38 -8.92
N GLU A 20 -46.19 7.71 -9.21
CA GLU A 20 -47.15 8.28 -10.16
C GLU A 20 -47.92 9.47 -9.61
N ASN A 21 -47.85 9.75 -8.31
CA ASN A 21 -48.41 10.97 -7.74
C ASN A 21 -47.35 12.05 -7.57
N CYS A 22 -46.16 11.86 -8.12
CA CYS A 22 -45.03 12.76 -7.91
C CYS A 22 -44.74 13.59 -9.15
N THR A 23 -44.67 14.90 -8.98
CA THR A 23 -44.20 15.79 -10.03
C THR A 23 -42.83 16.39 -9.74
N VAL A 24 -42.48 16.56 -8.47
CA VAL A 24 -41.15 16.97 -8.03
C VAL A 24 -40.74 16.04 -6.91
N ILE A 25 -39.47 15.61 -6.91
CA ILE A 25 -38.96 14.70 -5.90
C ILE A 25 -37.93 15.44 -5.07
N GLU A 26 -38.26 15.67 -3.79
CA GLU A 26 -37.34 16.27 -2.84
C GLU A 26 -36.40 15.20 -2.26
N GLY A 27 -35.72 14.52 -3.18
CA GLY A 27 -34.80 13.47 -2.79
C GLY A 27 -34.09 12.92 -3.99
N TYR A 28 -33.43 11.78 -3.81
CA TYR A 28 -32.65 11.21 -4.91
C TYR A 28 -33.52 10.48 -5.93
N LEU A 29 -34.35 9.53 -5.48
CA LEU A 29 -34.96 8.50 -6.34
C LEU A 29 -33.91 7.53 -6.88
N HIS A 30 -33.39 6.67 -6.01
CA HIS A 30 -32.70 5.46 -6.43
C HIS A 30 -33.69 4.47 -7.03
N ILE A 31 -33.24 3.74 -8.05
CA ILE A 31 -33.91 2.51 -8.48
C ILE A 31 -32.83 1.45 -8.65
N LEU A 32 -32.94 0.37 -7.87
CA LEU A 32 -31.86 -0.61 -7.74
C LEU A 32 -32.36 -2.03 -7.89
N LEU A 33 -31.56 -2.87 -8.55
CA LEU A 33 -31.64 -4.32 -8.48
C LEU A 33 -32.98 -4.89 -8.95
N ILE A 34 -33.76 -4.11 -9.69
CA ILE A 34 -35.09 -4.54 -10.12
C ILE A 34 -35.00 -5.72 -11.08
N SER A 35 -35.75 -6.78 -10.79
CA SER A 35 -35.91 -7.87 -11.74
C SER A 35 -36.96 -7.52 -12.78
N LYS A 36 -36.75 -8.01 -14.01
CA LYS A 36 -37.69 -7.78 -15.09
C LYS A 36 -39.03 -8.41 -14.77
N ALA A 37 -40.09 -7.60 -14.83
CA ALA A 37 -41.42 -8.03 -14.44
C ALA A 37 -42.28 -8.53 -15.60
N GLU A 38 -41.83 -8.36 -16.84
CA GLU A 38 -42.57 -8.76 -18.03
C GLU A 38 -43.89 -8.02 -18.18
N ASP A 39 -44.05 -6.91 -17.47
CA ASP A 39 -45.15 -5.99 -17.75
C ASP A 39 -44.83 -5.03 -18.88
N TYR A 40 -43.60 -5.09 -19.41
CA TYR A 40 -43.14 -4.26 -20.51
C TYR A 40 -43.43 -2.78 -20.33
N ARG A 41 -44.19 -2.19 -21.25
CA ARG A 41 -44.33 -0.74 -21.36
C ARG A 41 -45.17 -0.11 -20.25
N SER A 42 -45.54 -0.87 -19.24
CA SER A 42 -46.22 -0.30 -18.08
C SER A 42 -45.24 0.52 -17.23
N TYR A 43 -45.78 1.16 -16.20
CA TYR A 43 -45.00 1.89 -15.19
C TYR A 43 -44.28 3.10 -15.80
N ARG A 44 -45.04 3.93 -16.51
CA ARG A 44 -44.58 5.26 -16.87
C ARG A 44 -45.00 6.25 -15.79
N PHE A 45 -44.18 7.29 -15.60
CA PHE A 45 -44.45 8.33 -14.60
C PHE A 45 -44.28 9.71 -15.23
N PRO A 46 -45.19 10.10 -16.13
CA PRO A 46 -45.04 11.39 -16.83
C PRO A 46 -45.24 12.60 -15.95
N LYS A 47 -45.78 12.45 -14.74
CA LYS A 47 -45.96 13.59 -13.86
C LYS A 47 -44.64 14.18 -13.40
N LEU A 48 -43.60 13.34 -13.27
CA LEU A 48 -42.34 13.78 -12.70
C LEU A 48 -41.67 14.80 -13.62
N THR A 49 -41.40 15.99 -13.07
CA THR A 49 -40.71 17.05 -13.80
C THR A 49 -39.34 17.37 -13.25
N VAL A 50 -39.12 17.24 -11.95
CA VAL A 50 -37.86 17.65 -11.33
C VAL A 50 -37.44 16.60 -10.30
N ILE A 51 -36.17 16.22 -10.36
CA ILE A 51 -35.50 15.51 -9.27
C ILE A 51 -34.53 16.49 -8.64
N THR A 52 -34.67 16.70 -7.32
CA THR A 52 -33.88 17.75 -6.69
C THR A 52 -32.44 17.33 -6.44
N GLU A 53 -32.17 16.09 -6.01
CA GLU A 53 -30.82 15.73 -5.61
C GLU A 53 -30.12 14.98 -6.74
N TYR A 54 -30.50 13.73 -7.05
CA TYR A 54 -29.76 12.94 -8.04
C TYR A 54 -30.50 11.65 -8.35
N LEU A 55 -30.56 11.30 -9.64
CA LEU A 55 -31.15 10.04 -10.09
C LEU A 55 -30.06 8.98 -10.20
N LEU A 56 -30.21 7.88 -9.45
CA LEU A 56 -29.25 6.79 -9.43
C LEU A 56 -29.97 5.50 -9.82
N LEU A 57 -29.46 4.83 -10.86
CA LEU A 57 -30.04 3.60 -11.39
C LEU A 57 -28.97 2.52 -11.44
N PHE A 58 -29.25 1.37 -10.83
CA PHE A 58 -28.30 0.26 -10.72
C PHE A 58 -29.01 -1.07 -10.91
N ARG A 59 -28.51 -1.87 -11.85
CA ARG A 59 -28.97 -3.25 -12.07
C ARG A 59 -30.47 -3.35 -12.35
N VAL A 60 -31.09 -2.30 -12.88
CA VAL A 60 -32.52 -2.34 -13.19
C VAL A 60 -32.72 -3.12 -14.49
N ALA A 61 -33.08 -4.39 -14.36
CA ALA A 61 -33.21 -5.26 -15.52
C ALA A 61 -34.44 -4.90 -16.34
N GLY A 62 -34.32 -5.09 -17.66
CA GLY A 62 -35.42 -4.92 -18.58
C GLY A 62 -35.82 -3.51 -18.90
N LEU A 63 -35.19 -2.52 -18.27
CA LEU A 63 -35.50 -1.11 -18.53
C LEU A 63 -34.71 -0.67 -19.76
N GLU A 64 -35.39 -0.61 -20.91
CA GLU A 64 -34.73 -0.28 -22.16
C GLU A 64 -34.43 1.21 -22.30
N SER A 65 -35.14 2.07 -21.58
CA SER A 65 -34.93 3.51 -21.69
C SER A 65 -35.53 4.19 -20.47
N LEU A 66 -34.84 5.23 -19.96
CA LEU A 66 -35.36 5.99 -18.85
C LEU A 66 -36.45 6.97 -19.29
N GLY A 67 -36.52 7.27 -20.60
CA GLY A 67 -37.63 8.04 -21.12
C GLY A 67 -38.96 7.34 -20.98
N ASP A 68 -38.95 6.00 -20.89
CA ASP A 68 -40.15 5.28 -20.56
C ASP A 68 -40.51 5.43 -19.08
N LEU A 69 -39.51 5.62 -18.22
CA LEU A 69 -39.77 5.85 -16.80
C LEU A 69 -40.16 7.30 -16.54
N PHE A 70 -39.36 8.25 -17.01
CA PHE A 70 -39.52 9.66 -16.69
C PHE A 70 -39.52 10.47 -17.97
N PRO A 71 -40.58 10.37 -18.77
CA PRO A 71 -40.62 11.11 -20.05
C PRO A 71 -40.57 12.61 -19.90
N ASN A 72 -41.04 13.16 -18.78
CA ASN A 72 -41.10 14.60 -18.57
C ASN A 72 -40.10 15.11 -17.53
N LEU A 73 -39.17 14.26 -17.07
CA LEU A 73 -38.14 14.70 -16.15
C LEU A 73 -37.28 15.76 -16.81
N THR A 74 -37.38 17.01 -16.34
CA THR A 74 -36.76 18.14 -17.00
C THR A 74 -35.49 18.63 -16.33
N VAL A 75 -35.41 18.59 -15.01
CA VAL A 75 -34.27 19.12 -14.28
C VAL A 75 -33.89 18.15 -13.16
N ILE A 76 -32.60 17.84 -13.08
CA ILE A 76 -32.00 17.20 -11.92
C ILE A 76 -31.14 18.25 -11.25
N ARG A 77 -31.62 18.81 -10.14
CA ARG A 77 -31.04 20.03 -9.59
C ARG A 77 -29.68 19.80 -8.93
N GLY A 78 -29.40 18.60 -8.45
CA GLY A 78 -28.11 18.33 -7.86
C GLY A 78 -27.83 19.04 -6.56
N TRP A 79 -28.89 19.36 -5.79
CA TRP A 79 -28.69 20.02 -4.49
C TRP A 79 -27.90 19.13 -3.53
N LYS A 80 -28.17 17.83 -3.55
CA LYS A 80 -27.29 16.82 -2.97
C LYS A 80 -26.83 15.89 -4.07
N LEU A 81 -25.60 15.41 -3.96
CA LEU A 81 -24.97 14.69 -5.05
C LEU A 81 -24.50 13.31 -4.60
N PHE A 82 -24.51 12.37 -5.54
CA PHE A 82 -24.01 11.02 -5.30
C PHE A 82 -22.54 11.01 -5.68
N TYR A 83 -21.68 11.37 -4.72
CA TYR A 83 -20.24 11.44 -4.93
C TYR A 83 -19.91 12.31 -6.16
N ASN A 84 -20.43 13.53 -6.13
CA ASN A 84 -20.30 14.56 -7.17
C ASN A 84 -21.10 14.26 -8.43
N TYR A 85 -21.88 13.19 -8.46
CA TYR A 85 -22.70 12.85 -9.62
C TYR A 85 -24.17 13.08 -9.33
N ALA A 86 -24.85 13.72 -10.28
CA ALA A 86 -26.29 13.94 -10.22
C ALA A 86 -27.09 12.88 -10.97
N LEU A 87 -26.52 12.30 -12.02
CA LEU A 87 -27.14 11.19 -12.72
C LEU A 87 -26.13 10.04 -12.78
N VAL A 88 -26.50 8.90 -12.21
CA VAL A 88 -25.65 7.71 -12.19
C VAL A 88 -26.41 6.57 -12.83
N ILE A 89 -25.78 5.91 -13.80
CA ILE A 89 -26.35 4.78 -14.51
C ILE A 89 -25.32 3.67 -14.52
N PHE A 90 -25.46 2.70 -13.62
CA PHE A 90 -24.40 1.74 -13.34
C PHE A 90 -24.91 0.32 -13.56
N GLU A 91 -24.19 -0.43 -14.40
CA GLU A 91 -24.47 -1.85 -14.66
C GLU A 91 -25.93 -2.08 -15.09
N MET A 92 -26.49 -1.11 -15.81
CA MET A 92 -27.87 -1.20 -16.27
C MET A 92 -27.99 -2.03 -17.55
N THR A 93 -28.22 -3.32 -17.39
CA THR A 93 -28.44 -4.18 -18.54
C THR A 93 -29.70 -3.77 -19.28
N ASN A 94 -29.73 -4.09 -20.58
CA ASN A 94 -30.89 -3.89 -21.46
C ASN A 94 -31.17 -2.42 -21.73
N LEU A 95 -30.40 -1.52 -21.13
CA LEU A 95 -30.61 -0.08 -21.31
C LEU A 95 -30.00 0.36 -22.64
N LYS A 96 -30.86 0.55 -23.65
CA LYS A 96 -30.37 0.96 -24.96
C LYS A 96 -30.02 2.44 -25.02
N ASP A 97 -30.74 3.30 -24.29
CA ASP A 97 -30.41 4.71 -24.29
C ASP A 97 -30.86 5.33 -22.97
N ILE A 98 -30.27 6.48 -22.65
CA ILE A 98 -30.72 7.24 -21.48
C ILE A 98 -32.14 7.76 -21.72
N GLY A 99 -32.37 8.37 -22.88
CA GLY A 99 -33.71 8.67 -23.30
C GLY A 99 -34.46 9.70 -22.49
N LEU A 100 -33.80 10.39 -21.56
CA LEU A 100 -34.47 11.42 -20.78
C LEU A 100 -34.66 12.65 -21.66
N TYR A 101 -35.54 12.53 -22.66
CA TYR A 101 -35.60 13.47 -23.78
C TYR A 101 -36.12 14.85 -23.39
N ASN A 102 -36.65 15.01 -22.18
CA ASN A 102 -37.05 16.33 -21.70
C ASN A 102 -36.11 16.89 -20.66
N LEU A 103 -35.03 16.17 -20.31
CA LEU A 103 -34.04 16.67 -19.37
C LEU A 103 -33.24 17.78 -20.03
N ARG A 104 -33.43 19.01 -19.56
CA ARG A 104 -32.86 20.20 -20.19
C ARG A 104 -31.61 20.71 -19.49
N ASN A 105 -31.63 20.85 -18.15
CA ASN A 105 -30.65 21.65 -17.43
C ASN A 105 -30.40 21.00 -16.07
N ILE A 106 -29.42 20.11 -16.03
CA ILE A 106 -28.93 19.55 -14.77
C ILE A 106 -28.15 20.64 -14.05
N THR A 107 -28.66 21.10 -12.91
CA THR A 107 -28.16 22.33 -12.30
C THR A 107 -26.81 22.14 -11.60
N ARG A 108 -26.47 20.91 -11.19
CA ARG A 108 -25.25 20.70 -10.44
C ARG A 108 -24.78 19.26 -10.62
N GLY A 109 -23.48 19.05 -10.43
CA GLY A 109 -22.90 17.73 -10.48
C GLY A 109 -22.42 17.30 -11.85
N ALA A 110 -22.12 16.00 -11.95
CA ALA A 110 -21.60 15.36 -13.14
C ALA A 110 -22.46 14.15 -13.48
N ILE A 111 -22.21 13.55 -14.64
CA ILE A 111 -23.02 12.44 -15.14
C ILE A 111 -22.10 11.23 -15.31
N ARG A 112 -22.02 10.39 -14.28
CA ARG A 112 -21.34 9.10 -14.43
C ARG A 112 -22.30 8.08 -15.02
N ILE A 113 -21.89 7.44 -16.11
CA ILE A 113 -22.70 6.43 -16.78
C ILE A 113 -21.75 5.26 -17.08
N GLU A 114 -21.80 4.23 -16.24
CA GLU A 114 -20.73 3.25 -16.11
C GLU A 114 -21.21 1.84 -16.43
N LYS A 115 -20.46 1.16 -17.30
CA LYS A 115 -20.60 -0.29 -17.53
C LYS A 115 -22.03 -0.72 -17.87
N ASN A 116 -22.73 0.08 -18.66
CA ASN A 116 -24.05 -0.27 -19.15
C ASN A 116 -23.88 -0.86 -20.55
N ALA A 117 -23.83 -2.20 -20.62
CA ALA A 117 -23.23 -2.88 -21.76
C ALA A 117 -23.95 -2.62 -23.09
N ASP A 118 -25.21 -2.21 -23.06
CA ASP A 118 -25.96 -1.93 -24.27
C ASP A 118 -26.23 -0.44 -24.47
N LEU A 119 -25.64 0.42 -23.65
CA LEU A 119 -26.03 1.82 -23.62
C LEU A 119 -25.44 2.59 -24.80
N CYS A 120 -26.31 3.09 -25.66
CA CYS A 120 -25.96 4.01 -26.73
C CYS A 120 -26.61 5.37 -26.49
N TYR A 121 -26.46 6.26 -27.46
CA TYR A 121 -26.96 7.63 -27.38
C TYR A 121 -26.37 8.39 -26.19
N LEU A 122 -25.12 8.06 -25.85
CA LEU A 122 -24.32 8.83 -24.91
C LEU A 122 -23.60 9.98 -25.60
N SER A 123 -22.85 9.66 -26.66
CA SER A 123 -22.12 10.68 -27.40
C SER A 123 -23.04 11.58 -28.21
N THR A 124 -24.30 11.16 -28.43
CA THR A 124 -25.23 12.02 -29.13
C THR A 124 -25.76 13.15 -28.25
N VAL A 125 -25.62 13.05 -26.93
CA VAL A 125 -26.06 14.12 -26.04
C VAL A 125 -24.95 15.15 -25.90
N ASP A 126 -25.26 16.42 -26.17
CA ASP A 126 -24.33 17.50 -25.89
C ASP A 126 -24.55 17.96 -24.45
N TRP A 127 -23.94 17.24 -23.51
CA TRP A 127 -24.10 17.54 -22.10
C TRP A 127 -23.63 18.94 -21.75
N SER A 128 -22.81 19.56 -22.60
CA SER A 128 -22.34 20.92 -22.35
C SER A 128 -23.46 21.93 -22.34
N LEU A 129 -24.63 21.63 -22.90
CA LEU A 129 -25.75 22.53 -22.73
C LEU A 129 -26.75 22.04 -21.69
N ILE A 130 -26.57 20.81 -21.20
CA ILE A 130 -27.31 20.32 -20.04
C ILE A 130 -26.53 20.54 -18.74
N LEU A 131 -25.20 20.57 -18.83
CA LEU A 131 -24.32 20.53 -17.67
C LEU A 131 -23.24 21.60 -17.80
N ASP A 132 -22.93 22.25 -16.68
CA ASP A 132 -21.84 23.23 -16.66
C ASP A 132 -20.47 22.58 -16.67
N ALA A 133 -20.34 21.35 -16.17
CA ALA A 133 -19.05 20.75 -15.85
C ALA A 133 -18.84 19.39 -16.49
N VAL A 134 -19.05 19.30 -17.80
CA VAL A 134 -18.92 18.03 -18.54
C VAL A 134 -17.60 17.32 -18.24
N SER A 135 -16.54 18.07 -17.91
CA SER A 135 -15.23 17.47 -17.66
C SER A 135 -15.26 16.44 -16.54
N ASN A 136 -16.25 16.50 -15.65
CA ASN A 136 -16.35 15.55 -14.54
C ASN A 136 -17.21 14.31 -14.86
N ASN A 137 -17.66 14.15 -16.10
CA ASN A 137 -18.72 13.18 -16.40
C ASN A 137 -18.35 11.75 -16.01
N TYR A 138 -17.21 11.26 -16.51
CA TYR A 138 -16.81 9.86 -16.34
C TYR A 138 -17.78 8.90 -17.02
N ILE A 139 -17.91 9.03 -18.35
CA ILE A 139 -18.68 8.09 -19.14
C ILE A 139 -17.74 6.94 -19.53
N VAL A 140 -17.66 5.93 -18.67
CA VAL A 140 -16.68 4.85 -18.79
C VAL A 140 -17.41 3.54 -19.03
N GLY A 141 -16.89 2.74 -19.95
CA GLY A 141 -17.46 1.43 -20.25
C GLY A 141 -18.56 1.48 -21.28
N ASN A 142 -19.74 0.99 -20.91
CA ASN A 142 -20.92 1.01 -21.78
C ASN A 142 -20.68 0.25 -23.07
N LYS A 143 -21.58 0.38 -24.03
CA LYS A 143 -21.34 -0.17 -25.36
C LYS A 143 -20.23 0.63 -26.03
N PRO A 144 -19.24 -0.02 -26.63
CA PRO A 144 -18.16 0.70 -27.30
C PRO A 144 -18.69 1.66 -28.35
N PRO A 145 -18.17 2.89 -28.40
CA PRO A 145 -18.73 3.88 -29.34
C PRO A 145 -18.70 3.45 -30.79
N LYS A 146 -17.77 2.57 -31.18
CA LYS A 146 -17.68 2.10 -32.55
C LYS A 146 -18.83 1.17 -32.93
N GLU A 147 -19.60 0.69 -31.96
CA GLU A 147 -20.64 -0.31 -32.20
C GLU A 147 -22.05 0.21 -31.95
N CYS A 148 -22.24 1.51 -31.76
CA CYS A 148 -23.53 2.01 -31.30
C CYS A 148 -24.49 2.38 -32.42
N GLY A 149 -23.98 2.81 -33.57
CA GLY A 149 -24.86 3.34 -34.61
C GLY A 149 -25.33 4.74 -34.32
N ASP A 150 -26.00 4.92 -33.17
CA ASP A 150 -26.36 6.24 -32.63
C ASP A 150 -27.18 7.08 -33.61
N LEU A 151 -27.91 6.45 -34.52
CA LEU A 151 -28.64 7.20 -35.54
C LEU A 151 -29.70 8.10 -34.90
N CYS A 152 -29.68 9.38 -35.24
CA CYS A 152 -30.64 10.34 -34.74
C CYS A 152 -31.97 10.21 -35.48
N PRO A 153 -33.08 10.65 -34.87
CA PRO A 153 -34.36 10.62 -35.57
C PRO A 153 -34.32 11.48 -36.84
N GLY A 154 -34.84 10.90 -37.92
CA GLY A 154 -34.82 11.54 -39.22
C GLY A 154 -33.56 11.30 -40.02
N THR A 155 -32.50 10.79 -39.41
CA THR A 155 -31.28 10.50 -40.16
C THR A 155 -31.50 9.35 -41.13
N MET A 156 -32.02 8.23 -40.63
CA MET A 156 -32.30 7.08 -41.48
C MET A 156 -33.42 7.37 -42.49
N GLU A 157 -34.23 8.40 -42.24
CA GLU A 157 -35.27 8.83 -43.15
C GLU A 157 -34.78 9.89 -44.14
N GLU A 158 -33.50 10.27 -44.06
CA GLU A 158 -32.94 11.39 -44.83
C GLU A 158 -33.70 12.69 -44.57
N LYS A 159 -34.32 12.79 -43.39
CA LYS A 159 -35.07 13.98 -42.99
C LYS A 159 -34.71 14.33 -41.54
N PRO A 160 -33.44 14.68 -41.30
CA PRO A 160 -33.00 14.91 -39.91
C PRO A 160 -33.79 16.04 -39.25
N MET A 161 -34.21 15.80 -38.02
CA MET A 161 -35.10 16.70 -37.30
C MET A 161 -34.46 17.32 -36.06
N CYS A 162 -33.17 17.15 -35.84
CA CYS A 162 -32.53 17.55 -34.60
C CYS A 162 -31.53 18.69 -34.81
N GLU A 163 -31.16 19.34 -33.72
CA GLU A 163 -30.18 20.40 -33.73
C GLU A 163 -28.77 19.83 -33.67
N LYS A 164 -27.80 20.62 -34.14
CA LYS A 164 -26.39 20.27 -34.10
C LYS A 164 -25.62 21.29 -33.29
N THR A 165 -24.58 20.84 -32.60
CA THR A 165 -23.71 21.75 -31.86
C THR A 165 -22.32 21.13 -31.77
N THR A 166 -21.31 22.01 -31.80
CA THR A 166 -19.92 21.54 -31.77
C THR A 166 -19.51 21.14 -30.36
N ILE A 167 -18.92 19.96 -30.24
CA ILE A 167 -18.14 19.59 -29.07
C ILE A 167 -16.73 19.35 -29.57
N ASN A 168 -15.83 20.31 -29.30
CA ASN A 168 -14.48 20.29 -29.83
C ASN A 168 -14.50 20.11 -31.34
N ASN A 169 -13.85 19.06 -31.84
CA ASN A 169 -13.79 18.79 -33.27
C ASN A 169 -15.08 18.23 -33.85
N GLU A 170 -15.99 17.73 -33.01
CA GLU A 170 -17.12 16.94 -33.46
C GLU A 170 -18.36 17.81 -33.64
N TYR A 171 -19.05 17.64 -34.77
CA TYR A 171 -20.26 18.41 -35.07
C TYR A 171 -21.27 17.47 -35.72
N ASN A 172 -22.24 17.00 -34.92
CA ASN A 172 -23.27 16.10 -35.40
C ASN A 172 -24.57 16.37 -34.64
N TYR A 173 -25.65 15.78 -35.14
CA TYR A 173 -26.96 15.93 -34.53
C TYR A 173 -26.96 15.41 -33.09
N ARG A 174 -27.70 16.08 -32.22
CA ARG A 174 -27.72 15.75 -30.80
C ARG A 174 -29.06 15.14 -30.42
N CYS A 175 -29.02 13.96 -29.77
CA CYS A 175 -30.22 13.18 -29.53
C CYS A 175 -30.12 12.42 -28.22
N TRP A 176 -31.29 12.11 -27.66
CA TRP A 176 -31.43 11.31 -26.45
C TRP A 176 -31.78 9.85 -26.72
N THR A 177 -32.52 9.60 -27.80
CA THR A 177 -32.95 8.25 -28.13
C THR A 177 -33.30 8.23 -29.61
N THR A 178 -33.37 7.01 -30.16
CA THR A 178 -33.50 6.82 -31.61
C THR A 178 -34.63 7.65 -32.21
N ASN A 179 -35.66 7.95 -31.42
CA ASN A 179 -36.83 8.66 -31.94
C ASN A 179 -36.91 10.14 -31.54
N ARG A 180 -36.09 10.61 -30.61
CA ARG A 180 -36.30 11.94 -30.05
C ARG A 180 -34.99 12.72 -29.96
N CYS A 181 -35.07 14.00 -30.36
CA CYS A 181 -33.92 14.91 -30.34
C CYS A 181 -33.70 15.52 -28.97
N GLN A 182 -32.49 16.03 -28.76
CA GLN A 182 -32.22 16.93 -27.65
C GLN A 182 -32.76 18.32 -27.94
N LYS A 183 -33.57 18.84 -27.03
CA LYS A 183 -34.28 20.09 -27.24
C LYS A 183 -33.40 21.27 -26.84
N MET A 184 -33.09 22.14 -27.81
CA MET A 184 -32.20 23.27 -27.60
C MET A 184 -32.91 24.55 -28.03
N CYS A 185 -32.79 25.59 -27.20
CA CYS A 185 -33.46 26.85 -27.47
C CYS A 185 -32.72 27.63 -28.56
N PRO A 186 -33.42 28.50 -29.28
CA PRO A 186 -32.75 29.32 -30.30
C PRO A 186 -31.78 30.32 -29.68
N SER A 187 -30.89 30.85 -30.52
CA SER A 187 -29.84 31.75 -30.05
C SER A 187 -30.41 33.03 -29.46
N THR A 188 -31.61 33.43 -29.87
CA THR A 188 -32.20 34.69 -29.39
C THR A 188 -32.52 34.64 -27.90
N CYS A 189 -32.97 33.50 -27.39
CA CYS A 189 -33.30 33.38 -25.98
C CYS A 189 -32.05 33.17 -25.13
N GLY A 190 -31.14 34.13 -25.16
CA GLY A 190 -29.86 34.04 -24.48
C GLY A 190 -29.93 33.62 -23.03
N LYS A 191 -29.40 32.43 -22.74
CA LYS A 191 -29.35 31.83 -21.41
C LYS A 191 -30.72 31.63 -20.78
N ARG A 192 -31.80 31.79 -21.55
CA ARG A 192 -33.13 31.48 -21.09
C ARG A 192 -33.53 30.06 -21.48
N ALA A 193 -34.55 29.54 -20.82
CA ALA A 193 -35.26 28.37 -21.30
C ALA A 193 -36.24 28.78 -22.40
N CYS A 194 -36.96 27.79 -22.93
CA CYS A 194 -37.92 28.08 -23.99
C CYS A 194 -38.99 27.00 -23.99
N THR A 195 -40.15 27.36 -24.56
CA THR A 195 -41.20 26.36 -24.79
C THR A 195 -40.84 25.48 -25.98
N GLU A 196 -41.68 24.48 -26.24
CA GLU A 196 -41.41 23.56 -27.32
C GLU A 196 -41.45 24.26 -28.68
N ASN A 197 -42.40 25.18 -28.86
CA ASN A 197 -42.44 25.98 -30.08
C ASN A 197 -41.58 27.24 -29.95
N ASN A 198 -40.34 27.08 -29.49
CA ASN A 198 -39.24 28.03 -29.65
C ASN A 198 -39.42 29.37 -28.93
N GLU A 199 -40.58 29.60 -28.30
CA GLU A 199 -40.79 30.89 -27.63
C GLU A 199 -40.08 30.94 -26.29
N CYS A 200 -39.39 32.05 -26.05
CA CYS A 200 -38.49 32.16 -24.90
C CYS A 200 -39.27 32.12 -23.58
N CYS A 201 -38.69 31.45 -22.59
CA CYS A 201 -39.25 31.37 -21.26
C CYS A 201 -39.12 32.70 -20.53
N HIS A 202 -39.76 32.78 -19.37
CA HIS A 202 -39.50 33.86 -18.44
C HIS A 202 -38.05 33.76 -17.94
N PRO A 203 -37.39 34.89 -17.68
CA PRO A 203 -35.98 34.83 -17.25
C PRO A 203 -35.73 33.97 -16.01
N GLU A 204 -36.67 33.91 -15.08
CA GLU A 204 -36.48 33.14 -13.85
C GLU A 204 -36.88 31.68 -14.02
N CYS A 205 -37.23 31.26 -15.24
CA CYS A 205 -37.65 29.90 -15.51
C CYS A 205 -36.44 28.98 -15.68
N LEU A 206 -36.72 27.69 -15.82
CA LEU A 206 -35.70 26.70 -16.07
C LEU A 206 -36.29 25.56 -16.89
N GLY A 207 -35.54 25.10 -17.88
CA GLY A 207 -35.92 23.94 -18.69
C GLY A 207 -36.92 24.18 -19.79
N SER A 208 -38.18 24.42 -19.45
CA SER A 208 -39.23 24.50 -20.46
C SER A 208 -40.39 25.34 -19.94
N CYS A 209 -41.27 25.75 -20.86
CA CYS A 209 -42.44 26.55 -20.55
C CYS A 209 -43.66 26.01 -21.25
N SER A 210 -44.82 26.15 -20.59
CA SER A 210 -46.09 25.96 -21.27
C SER A 210 -46.46 27.19 -22.11
N ALA A 211 -46.12 28.38 -21.61
CA ALA A 211 -46.39 29.65 -22.28
C ALA A 211 -45.20 30.57 -22.07
N PRO A 212 -44.86 31.41 -23.05
CA PRO A 212 -43.66 32.24 -22.92
C PRO A 212 -43.87 33.43 -21.98
N ASP A 213 -42.74 33.93 -21.46
CA ASP A 213 -42.69 35.14 -20.63
C ASP A 213 -43.71 35.10 -19.48
N ASN A 214 -44.02 33.89 -18.99
CA ASN A 214 -44.95 33.72 -17.89
C ASN A 214 -44.24 33.01 -16.75
N ASP A 215 -44.26 33.63 -15.56
CA ASP A 215 -43.67 33.00 -14.38
C ASP A 215 -44.40 31.74 -13.95
N THR A 216 -45.70 31.63 -14.27
CA THR A 216 -46.53 30.53 -13.81
C THR A 216 -46.53 29.31 -14.73
N ALA A 217 -45.93 29.41 -15.90
CA ALA A 217 -46.00 28.36 -16.90
C ALA A 217 -44.80 27.42 -16.87
N CYS A 218 -43.93 27.55 -15.88
CA CYS A 218 -42.68 26.80 -15.85
C CYS A 218 -42.89 25.37 -15.38
N VAL A 219 -42.14 24.44 -16.00
CA VAL A 219 -42.03 23.09 -15.47
C VAL A 219 -40.92 22.98 -14.42
N ALA A 220 -40.01 23.96 -14.37
CA ALA A 220 -38.96 24.02 -13.37
C ALA A 220 -38.52 25.46 -13.24
N CYS A 221 -38.02 25.81 -12.05
CA CYS A 221 -37.52 27.15 -11.79
C CYS A 221 -36.02 27.11 -11.57
N ARG A 222 -35.32 28.10 -12.12
CA ARG A 222 -34.05 28.47 -11.54
C ARG A 222 -34.32 29.36 -10.33
N HIS A 223 -33.40 29.29 -9.36
CA HIS A 223 -33.64 29.85 -8.03
C HIS A 223 -34.85 29.17 -7.40
N TYR A 224 -35.96 29.89 -7.17
CA TYR A 224 -36.95 29.31 -6.26
C TYR A 224 -38.38 29.33 -6.83
N TYR A 225 -39.19 28.43 -6.27
CA TYR A 225 -40.58 28.22 -6.66
C TYR A 225 -41.50 28.60 -5.53
N TYR A 226 -42.59 29.31 -5.84
CA TYR A 226 -43.56 29.68 -4.82
C TYR A 226 -44.94 29.83 -5.45
N ALA A 227 -45.89 29.00 -5.01
CA ALA A 227 -47.29 29.06 -5.46
C ALA A 227 -47.40 29.05 -6.98
N GLY A 228 -46.50 28.32 -7.65
CA GLY A 228 -46.53 28.21 -9.08
C GLY A 228 -45.67 29.23 -9.81
N VAL A 229 -45.34 30.34 -9.16
CA VAL A 229 -44.52 31.38 -9.76
C VAL A 229 -43.04 31.08 -9.49
N CYS A 230 -42.23 31.12 -10.54
CA CYS A 230 -40.78 31.09 -10.36
C CYS A 230 -40.30 32.48 -9.96
N VAL A 231 -39.42 32.51 -8.96
CA VAL A 231 -39.01 33.75 -8.30
C VAL A 231 -37.49 33.73 -8.14
N PRO A 232 -36.82 34.86 -8.35
CA PRO A 232 -35.37 34.93 -8.09
C PRO A 232 -35.00 34.65 -6.65
N ALA A 233 -35.86 35.06 -5.72
CA ALA A 233 -35.64 34.83 -4.30
C ALA A 233 -37.00 34.83 -3.63
N CYS A 234 -37.09 34.14 -2.51
CA CYS A 234 -38.39 33.94 -1.88
C CYS A 234 -38.98 35.27 -1.43
N PRO A 235 -40.28 35.48 -1.64
CA PRO A 235 -40.94 36.67 -1.12
C PRO A 235 -40.74 36.78 0.38
N PRO A 236 -40.69 38.01 0.92
CA PRO A 236 -40.20 38.18 2.30
C PRO A 236 -41.02 37.44 3.35
N ASN A 237 -42.25 37.03 3.05
CA ASN A 237 -43.03 36.23 3.98
C ASN A 237 -42.65 34.75 3.96
N THR A 238 -41.80 34.31 3.03
CA THR A 238 -41.50 32.90 2.87
C THR A 238 -39.99 32.67 2.93
N TYR A 239 -39.59 31.40 3.03
CA TYR A 239 -38.20 31.03 3.22
C TYR A 239 -37.81 29.92 2.27
N ARG A 240 -36.54 29.94 1.85
CA ARG A 240 -36.02 28.97 0.89
C ARG A 240 -35.97 27.59 1.51
N PHE A 241 -36.37 26.58 0.72
CA PHE A 241 -36.48 25.20 1.19
C PHE A 241 -36.03 24.22 0.12
N GLU A 242 -35.20 23.27 0.54
CA GLU A 242 -34.67 22.15 -0.22
C GLU A 242 -34.10 22.56 -1.58
N GLY A 243 -33.62 23.80 -1.67
CA GLY A 243 -32.92 24.26 -2.84
C GLY A 243 -33.80 24.65 -4.00
N TRP A 244 -35.11 24.41 -3.91
CA TRP A 244 -35.97 24.65 -5.06
C TRP A 244 -37.27 25.40 -4.77
N ARG A 245 -37.73 25.52 -3.53
CA ARG A 245 -39.04 26.13 -3.36
C ARG A 245 -39.06 27.10 -2.19
N CYS A 246 -40.15 27.86 -2.08
CA CYS A 246 -40.39 28.77 -0.97
C CYS A 246 -41.53 28.24 -0.13
N VAL A 247 -41.30 28.11 1.16
CA VAL A 247 -42.32 27.63 2.10
C VAL A 247 -42.40 28.59 3.28
N ASP A 248 -43.59 28.77 3.81
CA ASP A 248 -43.77 29.65 4.95
C ASP A 248 -43.28 28.99 6.24
N ARG A 249 -43.07 29.84 7.26
CA ARG A 249 -42.72 29.35 8.58
C ARG A 249 -43.76 28.39 9.11
N ASP A 250 -45.03 28.61 8.77
CA ASP A 250 -46.09 27.68 9.13
C ASP A 250 -45.92 26.32 8.46
N PHE A 251 -45.15 26.25 7.36
CA PHE A 251 -44.81 24.96 6.78
C PHE A 251 -43.58 24.35 7.46
N CYS A 252 -42.52 25.14 7.59
CA CYS A 252 -41.28 24.61 8.15
C CYS A 252 -41.40 24.27 9.63
N ALA A 253 -42.46 24.73 10.30
CA ALA A 253 -42.71 24.27 11.66
C ALA A 253 -43.26 22.84 11.69
N ASN A 254 -43.93 22.42 10.62
CA ASN A 254 -44.71 21.18 10.61
C ASN A 254 -43.92 19.98 10.08
N ILE A 255 -42.71 20.16 9.57
CA ILE A 255 -41.93 19.05 9.07
C ILE A 255 -41.42 18.19 10.22
N LEU A 256 -41.63 16.88 10.12
CA LEU A 256 -41.12 15.98 11.14
C LEU A 256 -39.60 15.93 11.12
N SER A 257 -39.01 15.67 12.29
CA SER A 257 -37.55 15.65 12.41
C SER A 257 -37.09 14.60 13.43
N GLU A 264 -35.82 18.11 17.58
CA GLU A 264 -36.01 19.52 17.28
C GLU A 264 -36.29 19.72 15.79
N GLY A 265 -37.22 20.61 15.49
CA GLY A 265 -37.68 20.80 14.13
C GLY A 265 -36.71 21.57 13.26
N PHE A 266 -37.16 21.85 12.04
CA PHE A 266 -36.36 22.61 11.09
C PHE A 266 -36.18 24.05 11.56
N VAL A 267 -35.09 24.68 11.10
CA VAL A 267 -34.70 26.01 11.55
C VAL A 267 -34.64 26.94 10.36
N ILE A 268 -34.85 28.23 10.61
CA ILE A 268 -34.80 29.26 9.58
C ILE A 268 -33.61 30.17 9.86
N HIS A 269 -32.72 30.31 8.88
CA HIS A 269 -31.56 31.17 8.99
C HIS A 269 -31.14 31.64 7.60
N ASP A 270 -30.72 32.91 7.52
CA ASP A 270 -30.33 33.55 6.27
C ASP A 270 -31.32 33.28 5.14
N GLY A 271 -32.62 33.26 5.49
CA GLY A 271 -33.66 33.08 4.50
C GLY A 271 -33.91 31.67 4.04
N GLU A 272 -33.21 30.67 4.58
CA GLU A 272 -33.42 29.30 4.19
C GLU A 272 -33.71 28.41 5.39
N CYS A 273 -34.45 27.34 5.14
CA CYS A 273 -34.95 26.44 6.17
C CYS A 273 -34.21 25.10 6.06
N MET A 274 -33.70 24.62 7.20
CA MET A 274 -32.72 23.54 7.23
C MET A 274 -33.04 22.55 8.33
N GLN A 275 -32.54 21.32 8.17
CA GLN A 275 -32.72 20.30 9.20
C GLN A 275 -32.04 20.71 10.50
N GLU A 276 -30.83 21.26 10.41
CA GLU A 276 -30.09 21.73 11.57
C GLU A 276 -29.33 22.99 11.17
N CYS A 277 -29.22 23.93 12.10
CA CYS A 277 -28.61 25.21 11.76
C CYS A 277 -27.13 25.03 11.49
N PRO A 278 -26.59 25.71 10.47
CA PRO A 278 -25.28 25.35 9.93
C PRO A 278 -24.13 25.80 10.82
N SER A 279 -22.92 25.66 10.28
CA SER A 279 -21.69 25.97 11.00
C SER A 279 -21.72 27.37 11.60
N GLY A 280 -21.50 27.44 12.92
CA GLY A 280 -21.43 28.71 13.61
C GLY A 280 -22.75 29.30 14.06
N PHE A 281 -23.86 28.57 13.94
CA PHE A 281 -25.16 29.07 14.37
C PHE A 281 -25.88 28.04 15.23
N ILE A 282 -26.62 28.55 16.22
CA ILE A 282 -27.33 27.69 17.16
C ILE A 282 -28.73 28.27 17.39
N ARG A 283 -29.67 27.40 17.75
CA ARG A 283 -31.06 27.80 17.91
C ARG A 283 -31.20 28.85 19.02
N ASN A 284 -32.30 29.62 18.95
CA ASN A 284 -32.53 30.68 19.91
C ASN A 284 -32.56 30.15 21.34
N GLY A 285 -33.23 29.02 21.55
CA GLY A 285 -33.21 28.34 22.83
C GLY A 285 -34.18 27.18 22.86
N SER A 286 -33.75 26.05 23.39
CA SER A 286 -34.53 24.80 23.32
C SER A 286 -34.94 24.58 21.87
N GLN A 287 -36.09 23.95 21.64
CA GLN A 287 -36.63 23.80 20.29
C GLN A 287 -37.20 25.14 19.82
N SER A 288 -36.48 25.81 18.92
CA SER A 288 -36.97 27.05 18.34
C SER A 288 -36.41 27.17 16.92
N MET A 289 -37.13 27.91 16.08
CA MET A 289 -36.84 27.91 14.65
C MET A 289 -35.69 28.85 14.26
N TYR A 290 -35.51 29.96 14.98
CA TYR A 290 -34.52 30.95 14.59
C TYR A 290 -33.19 30.71 15.32
N CYS A 291 -32.11 31.18 14.69
CA CYS A 291 -30.75 30.90 15.15
C CYS A 291 -29.97 32.19 15.34
N ILE A 292 -28.89 32.07 16.12
CA ILE A 292 -27.96 33.16 16.41
C ILE A 292 -26.54 32.67 16.15
N PRO A 293 -25.61 33.56 15.80
CA PRO A 293 -24.21 33.13 15.65
C PRO A 293 -23.60 32.76 16.99
N CYS A 294 -22.70 31.79 16.94
CA CYS A 294 -22.05 31.25 18.13
C CYS A 294 -20.69 31.92 18.37
N GLU A 295 -20.24 31.87 19.62
CA GLU A 295 -18.96 32.47 20.00
C GLU A 295 -17.81 31.69 19.38
N GLY A 296 -17.67 30.42 19.75
CA GLY A 296 -16.81 29.51 19.04
C GLY A 296 -17.64 28.59 18.17
N PRO A 297 -17.15 27.39 17.88
CA PRO A 297 -18.07 26.34 17.40
C PRO A 297 -19.16 26.13 18.43
N CYS A 298 -20.38 25.94 17.94
CA CYS A 298 -21.56 26.09 18.79
C CYS A 298 -21.55 25.09 19.92
N PRO A 299 -21.64 25.54 21.20
CA PRO A 299 -21.56 24.60 22.33
C PRO A 299 -22.62 23.52 22.31
N LYS A 300 -22.17 22.26 22.22
CA LYS A 300 -23.05 21.10 22.26
C LYS A 300 -22.70 20.25 23.47
N VAL A 301 -23.70 19.98 24.32
CA VAL A 301 -23.51 19.00 25.39
C VAL A 301 -23.72 17.61 24.83
N CYS A 302 -22.93 16.66 25.34
CA CYS A 302 -22.81 15.33 24.76
C CYS A 302 -23.02 14.25 25.82
N GLU A 303 -24.01 14.46 26.67
CA GLU A 303 -24.23 13.63 27.86
C GLU A 303 -24.54 12.18 27.47
N GLU A 304 -24.13 11.26 28.34
CA GLU A 304 -24.40 9.84 28.20
C GLU A 304 -24.92 9.31 29.52
N GLU A 305 -25.85 8.35 29.46
CA GLU A 305 -26.42 7.81 30.69
C GLU A 305 -25.38 7.00 31.47
N LYS A 306 -24.45 6.36 30.77
CA LYS A 306 -23.29 5.77 31.43
C LYS A 306 -22.31 6.87 31.81
N LYS A 307 -21.91 6.87 33.09
CA LYS A 307 -21.10 7.97 33.61
C LYS A 307 -19.74 8.03 32.92
N THR A 308 -19.13 6.89 32.64
CA THR A 308 -17.81 6.82 32.01
C THR A 308 -17.94 6.18 30.64
N LYS A 309 -17.72 6.98 29.60
CA LYS A 309 -17.77 6.52 28.21
C LYS A 309 -16.42 5.87 27.87
N THR A 310 -16.45 4.57 27.66
CA THR A 310 -15.26 3.88 27.18
C THR A 310 -15.08 4.11 25.68
N ILE A 311 -13.84 4.35 25.27
CA ILE A 311 -13.48 4.51 23.87
C ILE A 311 -12.36 3.50 23.62
N ASP A 312 -12.73 2.32 23.13
CA ASP A 312 -11.81 1.21 23.00
C ASP A 312 -11.51 0.82 21.56
N SER A 313 -12.18 1.45 20.60
CA SER A 313 -11.90 1.26 19.19
C SER A 313 -12.16 2.58 18.48
N VAL A 314 -11.64 2.71 17.27
CA VAL A 314 -11.70 3.99 16.57
C VAL A 314 -13.15 4.40 16.32
N THR A 315 -14.03 3.42 16.10
CA THR A 315 -15.45 3.70 15.90
C THR A 315 -16.21 3.86 17.22
N SER A 316 -15.62 3.43 18.35
CA SER A 316 -16.31 3.58 19.63
C SER A 316 -16.45 5.05 20.02
N ALA A 317 -15.56 5.91 19.54
CA ALA A 317 -15.69 7.35 19.73
C ALA A 317 -16.67 7.99 18.76
N GLN A 318 -17.23 7.21 17.83
CA GLN A 318 -18.06 7.78 16.77
C GLN A 318 -19.28 8.50 17.32
N MET A 319 -19.83 8.06 18.46
CA MET A 319 -21.00 8.70 19.01
C MET A 319 -20.71 10.08 19.59
N LEU A 320 -19.44 10.47 19.69
CA LEU A 320 -19.12 11.87 19.95
C LEU A 320 -19.47 12.72 18.73
N GLN A 321 -18.95 12.35 17.56
CA GLN A 321 -19.44 12.79 16.24
C GLN A 321 -19.19 14.28 15.98
N GLY A 322 -18.71 14.97 17.01
CA GLY A 322 -18.61 16.42 17.01
C GLY A 322 -19.26 16.87 18.28
N CYS A 323 -18.53 17.60 19.12
CA CYS A 323 -18.97 17.81 20.49
C CYS A 323 -18.27 19.03 21.05
N THR A 324 -18.84 19.59 22.11
CA THR A 324 -18.13 20.68 22.78
C THR A 324 -17.97 20.45 24.28
N ILE A 325 -18.97 19.87 24.94
CA ILE A 325 -18.97 19.72 26.39
C ILE A 325 -19.46 18.31 26.71
N PHE A 326 -18.52 17.44 27.07
CA PHE A 326 -18.86 16.07 27.49
C PHE A 326 -19.23 16.11 28.97
N LYS A 327 -20.50 15.84 29.27
CA LYS A 327 -21.02 15.93 30.62
C LYS A 327 -20.78 14.65 31.41
N GLY A 328 -19.82 13.83 30.97
CA GLY A 328 -19.45 12.63 31.69
C GLY A 328 -17.94 12.46 31.77
N ASN A 329 -17.49 11.22 31.97
CA ASN A 329 -16.06 10.90 32.06
C ASN A 329 -15.64 10.14 30.81
N LEU A 330 -14.35 10.25 30.46
CA LEU A 330 -13.80 9.54 29.31
C LEU A 330 -12.82 8.48 29.76
N LEU A 331 -12.89 7.31 29.13
CA LEU A 331 -11.93 6.22 29.34
C LEU A 331 -11.42 5.78 27.96
N ILE A 332 -10.38 6.46 27.48
CA ILE A 332 -9.77 6.09 26.20
C ILE A 332 -8.98 4.80 26.38
N ASN A 333 -9.18 3.85 25.46
CA ASN A 333 -8.65 2.50 25.59
C ASN A 333 -8.15 1.95 24.24
N ILE A 334 -7.75 2.83 23.33
CA ILE A 334 -7.58 2.46 21.93
C ILE A 334 -6.37 1.56 21.75
N ARG A 335 -6.59 0.35 21.23
CA ARG A 335 -5.53 -0.50 20.72
C ARG A 335 -5.73 -0.75 19.24
N ARG A 336 -4.64 -0.68 18.47
CA ARG A 336 -4.62 -1.00 17.05
C ARG A 336 -5.53 -0.11 16.20
N GLY A 337 -5.33 -0.17 14.88
CA GLY A 337 -6.20 0.50 13.90
C GLY A 337 -5.48 1.38 12.91
N ASN A 338 -4.31 1.95 13.23
CA ASN A 338 -3.37 2.52 12.27
C ASN A 338 -3.84 3.84 11.65
N ASN A 339 -5.13 4.17 11.76
CA ASN A 339 -5.65 5.49 11.38
C ASN A 339 -6.04 6.35 12.59
N ILE A 340 -5.47 6.08 13.77
CA ILE A 340 -6.13 6.44 15.03
C ILE A 340 -6.24 7.95 15.26
N ALA A 341 -5.10 8.65 15.34
CA ALA A 341 -5.15 10.06 15.72
C ALA A 341 -5.90 10.91 14.68
N SER A 342 -5.67 10.63 13.40
CA SER A 342 -6.35 11.38 12.34
C SER A 342 -7.85 11.17 12.34
N GLU A 343 -8.34 10.14 13.02
CA GLU A 343 -9.78 9.89 13.16
C GLU A 343 -10.29 10.14 14.57
N LEU A 344 -9.47 9.89 15.60
CA LEU A 344 -9.82 10.34 16.93
C LEU A 344 -10.00 11.85 16.97
N GLU A 345 -9.22 12.59 16.18
CA GLU A 345 -9.43 14.05 16.12
C GLU A 345 -10.71 14.40 15.37
N ASN A 346 -11.06 13.63 14.35
CA ASN A 346 -12.34 13.83 13.65
C ASN A 346 -13.49 13.68 14.64
N PHE A 347 -13.41 12.68 15.52
CA PHE A 347 -14.54 12.41 16.40
C PHE A 347 -14.52 13.26 17.68
N MET A 348 -13.35 13.60 18.21
CA MET A 348 -13.24 14.22 19.54
C MET A 348 -12.49 15.54 19.58
N GLY A 349 -11.89 15.99 18.47
CA GLY A 349 -11.04 17.18 18.53
C GLY A 349 -11.76 18.42 18.99
N LEU A 350 -13.07 18.50 18.76
CA LEU A 350 -13.85 19.67 19.15
C LEU A 350 -14.25 19.66 20.61
N ILE A 351 -13.96 18.59 21.36
CA ILE A 351 -14.35 18.52 22.77
C ILE A 351 -13.58 19.57 23.55
N GLU A 352 -14.28 20.63 23.98
CA GLU A 352 -13.63 21.71 24.72
C GLU A 352 -13.54 21.39 26.21
N VAL A 353 -14.59 20.80 26.78
CA VAL A 353 -14.67 20.55 28.21
C VAL A 353 -15.07 19.10 28.45
N VAL A 354 -14.36 18.44 29.35
CA VAL A 354 -14.79 17.17 29.93
C VAL A 354 -15.11 17.42 31.39
N THR A 355 -16.38 17.26 31.75
CA THR A 355 -16.81 17.59 33.11
C THR A 355 -16.29 16.59 34.13
N GLY A 356 -16.14 15.33 33.75
CA GLY A 356 -15.61 14.31 34.62
C GLY A 356 -14.11 14.19 34.52
N TYR A 357 -13.62 12.97 34.70
CA TYR A 357 -12.20 12.66 34.56
C TYR A 357 -11.91 12.12 33.16
N VAL A 358 -10.64 12.15 32.80
CA VAL A 358 -10.14 11.54 31.56
C VAL A 358 -9.09 10.50 31.93
N LYS A 359 -9.35 9.25 31.59
CA LYS A 359 -8.44 8.13 31.77
C LYS A 359 -7.97 7.68 30.40
N ILE A 360 -6.68 7.43 30.26
CA ILE A 360 -6.09 6.88 29.04
C ILE A 360 -5.39 5.60 29.46
N ARG A 361 -6.09 4.47 29.33
CA ARG A 361 -5.61 3.20 29.86
C ARG A 361 -5.42 2.19 28.74
N HIS A 362 -4.25 1.53 28.74
CA HIS A 362 -3.92 0.47 27.80
C HIS A 362 -4.04 0.93 26.34
N SER A 363 -3.92 2.24 26.12
CA SER A 363 -4.05 2.85 24.79
C SER A 363 -2.72 2.77 24.04
N HIS A 364 -2.34 1.54 23.70
CA HIS A 364 -1.04 1.28 23.08
C HIS A 364 -0.91 1.87 21.68
N ALA A 365 -2.00 2.27 21.04
CA ALA A 365 -1.91 2.82 19.69
C ALA A 365 -1.38 4.25 19.70
N LEU A 366 -1.69 5.01 20.75
CA LEU A 366 -1.50 6.45 20.77
C LEU A 366 -0.04 6.81 21.02
N VAL A 367 0.53 7.65 20.15
CA VAL A 367 1.80 8.29 20.49
C VAL A 367 1.59 9.70 21.04
N SER A 368 0.44 10.32 20.77
CA SER A 368 0.15 11.66 21.25
C SER A 368 -1.34 11.81 21.49
N LEU A 369 -1.70 12.55 22.53
CA LEU A 369 -3.09 12.89 22.80
C LEU A 369 -3.51 14.19 22.12
N SER A 370 -2.73 14.65 21.13
CA SER A 370 -3.05 15.88 20.41
C SER A 370 -4.35 15.77 19.62
N PHE A 371 -4.90 14.57 19.43
CA PHE A 371 -6.20 14.44 18.77
C PHE A 371 -7.30 15.14 19.56
N LEU A 372 -7.17 15.22 20.88
CA LEU A 372 -8.06 16.04 21.71
C LEU A 372 -7.62 17.50 21.58
N LYS A 373 -7.86 18.03 20.38
CA LYS A 373 -7.25 19.31 19.99
C LYS A 373 -7.71 20.45 20.87
N ASN A 374 -9.02 20.60 21.04
CA ASN A 374 -9.60 21.78 21.66
C ASN A 374 -9.96 21.55 23.13
N LEU A 375 -9.41 20.52 23.77
CA LEU A 375 -9.70 20.27 25.17
C LEU A 375 -9.12 21.37 26.02
N ARG A 376 -9.96 22.30 26.47
CA ARG A 376 -9.53 23.42 27.29
C ARG A 376 -9.66 23.16 28.77
N LEU A 377 -10.67 22.38 29.19
CA LEU A 377 -10.91 22.12 30.59
C LEU A 377 -11.29 20.67 30.82
N ILE A 378 -10.69 20.08 31.84
CA ILE A 378 -11.19 18.87 32.49
C ILE A 378 -11.67 19.30 33.87
N LEU A 379 -12.98 19.29 34.08
CA LEU A 379 -13.51 19.88 35.29
C LEU A 379 -13.23 19.00 36.51
N GLY A 380 -13.25 17.69 36.33
CA GLY A 380 -13.02 16.79 37.45
C GLY A 380 -14.06 16.90 38.54
N GLU A 381 -15.29 17.25 38.20
CA GLU A 381 -16.38 17.21 39.17
C GLU A 381 -16.59 15.78 39.67
N GLU A 382 -16.48 14.81 38.76
CA GLU A 382 -16.40 13.40 39.12
C GLU A 382 -14.97 12.92 38.92
N GLN A 383 -14.48 12.12 39.87
CA GLN A 383 -13.11 11.64 39.86
C GLN A 383 -13.08 10.14 40.10
N LEU A 384 -12.08 9.48 39.51
CA LEU A 384 -12.04 8.02 39.49
C LEU A 384 -11.94 7.42 40.89
N GLU A 385 -10.77 7.59 41.51
CA GLU A 385 -10.43 7.00 42.80
C GLU A 385 -9.20 7.74 43.30
N GLY A 386 -9.12 7.91 44.62
CA GLY A 386 -8.03 8.70 45.15
C GLY A 386 -7.95 10.09 44.56
N ASN A 387 -9.07 10.65 44.09
CA ASN A 387 -9.18 12.00 43.55
C ASN A 387 -8.45 12.20 42.23
N TYR A 388 -8.21 11.13 41.46
CA TYR A 388 -7.59 11.28 40.15
C TYR A 388 -8.59 11.81 39.13
N SER A 389 -8.14 12.77 38.31
CA SER A 389 -8.99 13.43 37.33
C SER A 389 -8.43 13.31 35.93
N PHE A 390 -7.10 13.23 35.81
CA PHE A 390 -6.45 12.87 34.56
C PHE A 390 -5.47 11.75 34.86
N TYR A 391 -5.61 10.63 34.16
CA TYR A 391 -5.03 9.37 34.62
C TYR A 391 -4.67 8.53 33.41
N VAL A 392 -3.38 8.41 33.09
CA VAL A 392 -2.91 7.56 32.01
C VAL A 392 -2.15 6.39 32.63
N LEU A 393 -2.38 5.19 32.09
CA LEU A 393 -1.81 3.98 32.65
C LEU A 393 -1.47 2.98 31.55
N ASP A 394 -0.26 2.44 31.59
CA ASP A 394 0.17 1.32 30.75
C ASP A 394 -0.08 1.61 29.26
N ASN A 395 0.61 2.65 28.77
CA ASN A 395 0.58 3.06 27.37
C ASN A 395 1.96 2.80 26.78
N GLN A 396 2.09 1.69 26.05
CA GLN A 396 3.40 1.26 25.56
C GLN A 396 4.02 2.20 24.56
N ASN A 397 3.25 3.10 23.94
CA ASN A 397 3.79 3.93 22.87
C ASN A 397 3.49 5.42 23.00
N LEU A 398 2.87 5.85 24.11
CA LEU A 398 2.62 7.26 24.31
C LEU A 398 3.94 8.03 24.41
N GLN A 399 4.04 9.14 23.67
CA GLN A 399 5.28 9.93 23.65
C GLN A 399 5.01 11.38 24.01
N GLN A 400 3.81 11.88 23.68
CA GLN A 400 3.45 13.27 23.90
C GLN A 400 2.01 13.36 24.38
N LEU A 401 1.74 14.33 25.26
CA LEU A 401 0.35 14.56 25.71
C LEU A 401 -0.31 15.61 24.82
N TRP A 402 0.26 16.82 24.81
CA TRP A 402 -0.18 17.88 23.92
C TRP A 402 1.03 18.73 23.55
N ASP A 403 0.91 19.50 22.47
CA ASP A 403 1.95 20.45 22.13
C ASP A 403 1.84 21.63 23.10
N TRP A 404 2.59 21.57 24.21
CA TRP A 404 2.45 22.56 25.26
C TRP A 404 2.99 23.92 24.85
N ASP A 405 3.70 24.00 23.73
CA ASP A 405 4.04 25.27 23.12
C ASP A 405 2.82 26.00 22.57
N HIS A 406 1.68 25.33 22.45
CA HIS A 406 0.50 25.92 21.81
C HIS A 406 -0.78 25.81 22.63
N ARG A 407 -0.93 24.77 23.45
CA ARG A 407 -2.21 24.44 24.07
C ARG A 407 -2.21 24.77 25.56
N ASN A 408 -3.36 25.23 26.06
CA ASN A 408 -3.50 25.68 27.44
C ASN A 408 -4.53 24.88 28.25
N LEU A 409 -4.49 23.56 28.17
CA LEU A 409 -5.37 22.69 28.95
C LEU A 409 -5.32 23.04 30.44
N THR A 410 -6.42 22.80 31.15
CA THR A 410 -6.51 23.11 32.57
C THR A 410 -7.42 22.07 33.23
N ILE A 411 -7.06 21.67 34.45
CA ILE A 411 -7.87 20.78 35.27
C ILE A 411 -8.38 21.57 36.46
N LYS A 412 -9.71 21.66 36.60
CA LYS A 412 -10.29 22.41 37.70
C LYS A 412 -10.06 21.71 39.03
N ALA A 413 -10.38 20.42 39.10
CA ALA A 413 -10.24 19.65 40.33
C ALA A 413 -9.70 18.26 40.04
N GLY A 414 -9.06 17.68 41.05
CA GLY A 414 -8.51 16.33 40.95
C GLY A 414 -7.03 16.32 40.59
N LYS A 415 -6.40 15.20 40.91
CA LYS A 415 -4.97 15.03 40.71
C LYS A 415 -4.66 14.40 39.36
N MET A 416 -3.47 14.71 38.84
CA MET A 416 -2.96 14.01 37.66
C MET A 416 -2.21 12.75 38.07
N TYR A 417 -2.27 11.74 37.20
CA TYR A 417 -1.63 10.46 37.46
C TYR A 417 -1.04 9.90 36.17
N PHE A 418 0.18 9.38 36.27
CA PHE A 418 0.87 8.77 35.14
C PHE A 418 1.64 7.56 35.65
N ALA A 419 1.48 6.42 34.97
CA ALA A 419 2.19 5.21 35.35
C ALA A 419 2.45 4.35 34.13
N PHE A 420 3.63 3.75 34.09
CA PHE A 420 4.03 2.78 33.06
C PHE A 420 3.83 3.32 31.65
N ASN A 421 4.57 4.39 31.33
CA ASN A 421 4.57 4.99 30.00
C ASN A 421 6.01 5.01 29.51
N PRO A 422 6.45 3.93 28.85
CA PRO A 422 7.88 3.81 28.52
C PRO A 422 8.41 4.91 27.61
N LYS A 423 7.59 5.47 26.72
CA LYS A 423 8.07 6.41 25.72
C LYS A 423 7.66 7.85 25.98
N LEU A 424 6.90 8.11 27.05
CA LEU A 424 6.44 9.46 27.37
C LEU A 424 7.32 10.03 28.49
N CYS A 425 7.90 11.20 28.23
CA CYS A 425 8.92 11.74 29.11
C CYS A 425 8.32 12.43 30.33
N VAL A 426 9.00 12.27 31.46
CA VAL A 426 8.60 12.94 32.69
C VAL A 426 8.72 14.45 32.54
N SER A 427 9.61 14.93 31.67
CA SER A 427 9.66 16.36 31.38
C SER A 427 8.38 16.82 30.70
N GLU A 428 7.82 15.99 29.82
CA GLU A 428 6.57 16.34 29.14
C GLU A 428 5.39 16.31 30.09
N ILE A 429 5.35 15.32 31.00
CA ILE A 429 4.24 15.33 31.96
C ILE A 429 4.40 16.49 32.95
N TYR A 430 5.63 16.85 33.32
CA TYR A 430 5.85 18.01 34.16
C TYR A 430 5.42 19.29 33.46
N ARG A 431 5.72 19.41 32.17
CA ARG A 431 5.26 20.58 31.41
C ARG A 431 3.75 20.60 31.30
N MET A 432 3.11 19.43 31.23
CA MET A 432 1.65 19.40 31.29
C MET A 432 1.15 19.98 32.60
N GLU A 433 1.71 19.52 33.72
CA GLU A 433 1.26 20.01 35.02
C GLU A 433 1.62 21.48 35.23
N GLU A 434 2.63 21.98 34.52
CA GLU A 434 2.99 23.39 34.60
C GLU A 434 1.98 24.30 33.89
N VAL A 435 1.18 23.76 32.97
CA VAL A 435 0.19 24.55 32.26
C VAL A 435 -1.24 24.19 32.65
N THR A 436 -1.48 22.99 33.17
CA THR A 436 -2.82 22.52 33.47
C THR A 436 -3.36 23.07 34.80
N GLY A 437 -2.58 23.87 35.51
CA GLY A 437 -3.01 24.32 36.82
C GLY A 437 -2.98 23.24 37.87
N THR A 438 -2.07 22.27 37.73
CA THR A 438 -1.98 21.14 38.65
C THR A 438 -0.59 21.03 39.25
N LYS A 439 0.07 22.16 39.49
CA LYS A 439 1.45 22.16 39.93
C LYS A 439 1.65 21.58 41.33
N GLY A 440 0.59 21.43 42.11
CA GLY A 440 0.75 20.95 43.47
C GLY A 440 -0.36 20.03 43.97
N ARG A 441 -1.13 19.43 43.07
CA ARG A 441 -2.20 18.54 43.48
C ARG A 441 -1.63 17.17 43.85
N GLN A 442 -0.90 16.54 42.94
CA GLN A 442 -0.36 15.21 43.11
C GLN A 442 1.02 15.27 43.76
N SER A 443 1.44 14.13 44.32
CA SER A 443 2.73 14.04 44.98
C SER A 443 3.30 12.64 44.83
N LYS A 444 4.62 12.55 44.97
CA LYS A 444 5.41 11.31 45.05
C LYS A 444 4.93 10.23 44.11
N GLY A 445 4.29 9.19 44.65
CA GLY A 445 3.91 8.01 43.90
C GLY A 445 3.02 8.30 42.70
N ASP A 446 2.35 9.46 42.67
CA ASP A 446 1.53 9.79 41.51
C ASP A 446 2.35 10.04 40.25
N ILE A 447 3.64 10.35 40.40
CA ILE A 447 4.48 10.79 39.28
C ILE A 447 5.73 9.93 39.23
N ASN A 448 5.58 8.66 39.64
CA ASN A 448 6.65 7.83 40.20
C ASN A 448 8.03 8.02 39.54
N THR A 449 8.07 8.31 38.23
CA THR A 449 9.29 8.60 37.47
C THR A 449 10.14 7.34 37.24
N ARG A 450 9.77 6.24 37.88
CA ARG A 450 10.46 4.96 37.63
C ARG A 450 9.98 4.35 36.31
N ASN A 451 8.69 4.46 36.01
CA ASN A 451 8.08 3.76 34.89
C ASN A 451 7.64 4.69 33.77
N ASN A 452 7.87 5.99 33.89
CA ASN A 452 7.48 6.97 32.88
C ASN A 452 8.74 7.50 32.21
N GLY A 453 8.80 7.37 30.89
CA GLY A 453 10.02 7.72 30.19
C GLY A 453 11.16 6.74 30.38
N GLU A 454 10.88 5.55 30.91
CA GLU A 454 11.93 4.59 31.20
C GLU A 454 12.72 4.20 29.94
N ARG A 455 12.09 4.24 28.78
CA ARG A 455 12.73 3.90 27.52
C ARG A 455 12.48 5.00 26.48
N ALA A 456 12.58 6.25 26.91
CA ALA A 456 12.29 7.41 26.06
C ALA A 456 13.52 8.29 25.92
N SER A 457 13.64 8.93 24.75
CA SER A 457 14.68 9.92 24.48
C SER A 457 14.20 11.28 24.98
N CYS A 458 14.52 11.56 26.25
CA CYS A 458 13.98 12.74 26.92
C CYS A 458 14.89 13.97 26.84
N GLU A 459 16.11 13.83 26.34
CA GLU A 459 16.99 14.97 26.12
C GLU A 459 17.62 14.87 24.74
N SER A 460 17.60 15.98 23.99
CA SER A 460 18.04 15.99 22.61
C SER A 460 18.96 17.17 22.33
N ASP A 461 20.06 16.90 21.62
CA ASP A 461 20.78 17.96 20.94
C ASP A 461 20.05 18.33 19.65
N VAL A 462 20.43 19.46 19.08
CA VAL A 462 19.75 19.99 17.88
C VAL A 462 20.60 19.71 16.65
N LEU A 463 20.02 19.02 15.69
CA LEU A 463 20.67 18.79 14.39
C LEU A 463 20.43 20.01 13.52
N HIS A 464 21.30 21.01 13.65
CA HIS A 464 21.15 22.24 12.89
C HIS A 464 21.34 21.98 11.41
N PHE A 465 20.36 22.39 10.61
CA PHE A 465 20.51 22.32 9.16
C PHE A 465 21.57 23.31 8.71
N THR A 466 22.59 22.81 7.99
CA THR A 466 23.68 23.66 7.54
C THR A 466 23.44 24.25 6.16
N SER A 467 22.86 23.47 5.25
CA SER A 467 22.61 23.99 3.91
C SER A 467 21.37 23.32 3.32
N THR A 468 20.68 24.08 2.47
CA THR A 468 19.49 23.62 1.76
C THR A 468 19.60 24.03 0.29
N THR A 469 19.00 23.22 -0.56
CA THR A 469 18.96 23.46 -2.00
C THR A 469 17.68 22.82 -2.53
N THR A 470 17.06 23.45 -3.52
CA THR A 470 15.76 23.00 -3.98
C THR A 470 15.71 22.97 -5.49
N SER A 471 14.76 22.18 -6.00
CA SER A 471 14.43 22.17 -7.42
C SER A 471 12.94 21.90 -7.54
N LYS A 472 12.46 21.77 -8.78
CA LYS A 472 11.05 21.48 -9.01
C LYS A 472 10.63 20.17 -8.37
N ASN A 473 11.53 19.19 -8.32
CA ASN A 473 11.16 17.88 -7.79
C ASN A 473 12.21 17.34 -6.81
N ARG A 474 13.02 18.20 -6.20
CA ARG A 474 14.09 17.77 -5.31
C ARG A 474 14.28 18.74 -4.16
N ILE A 475 14.74 18.21 -3.03
CA ILE A 475 15.32 18.98 -1.95
C ILE A 475 16.59 18.29 -1.49
N ILE A 476 17.72 19.00 -1.54
CA ILE A 476 19.00 18.50 -1.05
C ILE A 476 19.30 19.25 0.24
N ILE A 477 19.48 18.52 1.33
CA ILE A 477 19.56 19.16 2.64
C ILE A 477 20.67 18.49 3.45
N THR A 478 21.39 19.30 4.23
CA THR A 478 22.51 18.82 5.05
C THR A 478 22.39 19.40 6.44
N TRP A 479 23.09 18.78 7.40
CA TRP A 479 23.06 19.24 8.78
C TRP A 479 24.43 19.10 9.42
N HIS A 480 24.58 19.76 10.57
CA HIS A 480 25.84 19.79 11.30
C HIS A 480 26.28 18.39 11.70
N ARG A 481 27.59 18.14 11.58
CA ARG A 481 28.18 16.85 11.93
C ARG A 481 27.91 16.51 13.40
N TYR A 482 27.15 15.44 13.63
CA TYR A 482 26.77 15.04 14.98
C TYR A 482 27.54 13.79 15.39
N ARG A 483 28.16 13.85 16.56
CA ARG A 483 28.86 12.70 17.14
C ARG A 483 28.60 12.66 18.64
N PRO A 484 27.80 11.71 19.12
CA PRO A 484 27.60 11.56 20.57
C PRO A 484 28.92 11.27 21.26
N PRO A 485 28.95 11.35 22.60
CA PRO A 485 30.22 11.09 23.31
C PRO A 485 30.90 9.80 22.86
N ASP A 486 30.13 8.74 22.64
CA ASP A 486 30.60 7.55 21.93
C ASP A 486 30.13 7.69 20.48
N TYR A 487 31.07 7.92 19.56
CA TYR A 487 30.68 8.13 18.16
C TYR A 487 30.05 6.88 17.56
N ARG A 488 30.33 5.70 18.13
CA ARG A 488 29.80 4.47 17.57
C ARG A 488 28.28 4.39 17.63
N ASP A 489 27.65 4.98 18.64
CA ASP A 489 26.25 4.71 18.89
C ASP A 489 25.31 5.51 18.00
N LEU A 490 25.83 6.42 17.18
CA LEU A 490 25.04 7.06 16.12
C LEU A 490 25.07 6.14 14.92
N ILE A 491 23.97 5.42 14.69
CA ILE A 491 23.96 4.42 13.62
C ILE A 491 23.45 5.00 12.29
N SER A 492 22.59 6.01 12.34
CA SER A 492 22.05 6.63 11.13
C SER A 492 21.25 7.88 11.52
N PHE A 493 20.85 8.63 10.50
CA PHE A 493 19.87 9.69 10.64
C PHE A 493 18.61 9.30 9.89
N THR A 494 17.45 9.57 10.51
CA THR A 494 16.17 9.44 9.84
C THR A 494 15.64 10.82 9.49
N VAL A 495 15.37 11.04 8.20
CA VAL A 495 14.79 12.29 7.73
C VAL A 495 13.33 12.03 7.42
N TYR A 496 12.45 12.76 8.12
CA TYR A 496 11.01 12.69 7.93
C TYR A 496 10.56 13.93 7.19
N TYR A 497 9.86 13.72 6.08
CA TYR A 497 9.35 14.82 5.26
C TYR A 497 7.92 14.52 4.88
N LYS A 498 7.08 15.55 4.89
CA LYS A 498 5.69 15.43 4.50
C LYS A 498 5.21 16.72 3.87
N GLU A 499 4.26 16.61 2.96
CA GLU A 499 3.63 17.79 2.38
C GLU A 499 2.89 18.56 3.46
N ALA A 500 3.37 19.77 3.76
CA ALA A 500 2.86 20.57 4.88
C ALA A 500 2.52 21.96 4.37
N PRO A 501 1.32 22.15 3.81
CA PRO A 501 0.93 23.47 3.28
C PRO A 501 1.00 24.58 4.32
N PHE A 502 0.80 24.26 5.59
CA PHE A 502 0.81 25.25 6.67
C PHE A 502 1.84 24.90 7.72
N LYS A 503 2.48 25.93 8.28
CA LYS A 503 3.61 25.77 9.20
C LYS A 503 3.14 25.57 10.64
N ASN A 504 2.33 24.53 10.83
CA ASN A 504 1.90 24.14 12.17
C ASN A 504 2.10 22.65 12.42
N VAL A 505 2.80 21.95 11.53
CA VAL A 505 2.99 20.50 11.64
C VAL A 505 4.09 20.20 12.64
N THR A 506 3.76 19.46 13.69
CA THR A 506 4.73 18.90 14.60
C THR A 506 4.99 17.43 14.27
N GLU A 507 5.93 16.83 15.00
CA GLU A 507 6.38 15.47 14.66
C GLU A 507 5.23 14.47 14.73
N TYR A 508 4.38 14.58 15.75
CA TYR A 508 3.36 13.59 16.04
C TYR A 508 2.09 13.76 15.22
N ASP A 509 2.18 14.41 14.05
CA ASP A 509 1.06 14.43 13.12
C ASP A 509 0.92 13.05 12.50
N GLY A 510 0.39 12.11 13.28
CA GLY A 510 0.38 10.71 12.92
C GLY A 510 1.29 9.90 13.83
N GLN A 511 2.11 9.02 13.24
CA GLN A 511 3.20 8.34 13.92
C GLN A 511 2.68 7.30 14.91
N ASP A 512 1.35 7.13 15.00
CA ASP A 512 0.77 6.11 15.86
C ASP A 512 1.37 4.73 15.54
N ALA A 513 1.65 3.97 16.60
CA ALA A 513 2.52 2.79 16.53
C ALA A 513 1.87 1.68 15.71
N CYS A 514 1.95 1.84 14.39
CA CYS A 514 1.56 0.79 13.45
C CYS A 514 2.53 0.70 12.27
N GLY A 515 3.77 1.15 12.45
CA GLY A 515 4.78 1.10 11.40
C GLY A 515 4.81 2.41 10.59
N SER A 516 4.37 2.35 9.34
CA SER A 516 4.32 3.53 8.49
C SER A 516 3.28 4.52 9.02
N ASN A 517 3.43 5.78 8.62
CA ASN A 517 2.61 6.85 9.17
C ASN A 517 2.39 7.91 8.10
N SER A 518 1.90 9.08 8.51
CA SER A 518 1.63 10.14 7.55
C SER A 518 2.89 10.63 6.88
N TRP A 519 3.97 10.78 7.64
CA TRP A 519 5.24 11.23 7.08
C TRP A 519 5.82 10.20 6.13
N ASN A 520 6.46 10.67 5.07
CA ASN A 520 7.44 9.86 4.38
C ASN A 520 8.77 9.98 5.13
N MET A 521 9.59 8.94 5.05
CA MET A 521 10.87 9.00 5.76
C MET A 521 11.91 8.19 5.01
N VAL A 522 13.16 8.63 5.13
CA VAL A 522 14.28 8.01 4.45
C VAL A 522 15.52 8.20 5.32
N ASP A 523 16.45 7.24 5.24
CA ASP A 523 17.59 7.20 6.15
C ASP A 523 18.89 7.57 5.45
N VAL A 524 19.77 8.20 6.21
CA VAL A 524 21.09 8.60 5.75
C VAL A 524 22.12 8.00 6.70
N ASP A 525 23.03 7.20 6.15
CA ASP A 525 24.12 6.66 6.95
C ASP A 525 25.11 7.75 7.29
N LEU A 526 25.81 7.58 8.40
CA LEU A 526 26.88 8.50 8.77
C LEU A 526 27.94 8.47 7.67
N PRO A 527 28.29 9.60 7.06
CA PRO A 527 29.23 9.59 5.94
C PRO A 527 30.59 9.05 6.36
N PRO A 528 31.19 8.18 5.55
CA PRO A 528 32.50 7.62 5.92
C PRO A 528 33.60 8.66 5.97
N ASN A 529 33.61 9.60 5.01
CA ASN A 529 34.60 10.67 5.01
C ASN A 529 34.26 11.68 6.09
N LYS A 530 35.14 11.81 7.09
CA LYS A 530 34.88 12.67 8.23
C LYS A 530 34.71 14.14 7.83
N ASP A 531 35.20 14.56 6.66
CA ASP A 531 35.04 15.93 6.22
C ASP A 531 33.65 16.19 5.65
N VAL A 532 33.00 15.17 5.08
CA VAL A 532 31.70 15.35 4.43
C VAL A 532 30.60 15.45 5.47
N GLU A 533 29.72 16.44 5.31
CA GLU A 533 28.54 16.60 6.16
C GLU A 533 27.44 15.64 5.74
N PRO A 534 26.67 15.10 6.69
CA PRO A 534 25.54 14.26 6.34
C PRO A 534 24.46 15.06 5.61
N GLY A 535 23.78 14.39 4.67
CA GLY A 535 22.73 15.05 3.92
C GLY A 535 21.94 14.03 3.12
N ILE A 536 20.78 14.48 2.65
CA ILE A 536 19.87 13.65 1.87
C ILE A 536 19.36 14.42 0.66
N LEU A 537 19.22 13.70 -0.46
CA LEU A 537 18.49 14.16 -1.63
C LEU A 537 17.10 13.55 -1.60
N LEU A 538 16.12 14.31 -1.13
CA LEU A 538 14.72 13.91 -1.25
C LEU A 538 14.25 14.21 -2.67
N HIS A 539 13.68 13.20 -3.32
CA HIS A 539 13.23 13.34 -4.71
C HIS A 539 11.88 12.66 -4.86
N GLY A 540 11.18 13.00 -5.94
CA GLY A 540 9.79 12.65 -6.09
C GLY A 540 8.82 13.67 -5.51
N LEU A 541 9.32 14.84 -5.14
CA LEU A 541 8.52 15.90 -4.54
C LEU A 541 7.77 16.67 -5.61
N LYS A 542 6.79 17.46 -5.17
CA LYS A 542 5.98 18.30 -6.05
C LYS A 542 6.45 19.75 -6.03
N PRO A 543 6.46 20.42 -7.19
CA PRO A 543 6.92 21.81 -7.23
C PRO A 543 6.04 22.74 -6.41
N TRP A 544 6.67 23.76 -5.83
CA TRP A 544 6.01 24.89 -5.19
C TRP A 544 5.24 24.48 -3.93
N THR A 545 5.22 23.19 -3.63
CA THR A 545 4.58 22.69 -2.42
C THR A 545 5.55 22.78 -1.23
N GLN A 546 5.01 23.12 -0.07
CA GLN A 546 5.81 23.28 1.14
C GLN A 546 5.87 21.95 1.90
N TYR A 547 7.09 21.50 2.20
CA TYR A 547 7.32 20.26 2.92
C TYR A 547 7.88 20.56 4.31
N ALA A 548 7.32 19.88 5.31
CA ALA A 548 7.93 19.84 6.63
C ALA A 548 9.00 18.74 6.62
N VAL A 549 10.25 19.12 6.87
CA VAL A 549 11.38 18.20 6.89
C VAL A 549 12.10 18.34 8.22
N TYR A 550 12.32 17.22 8.90
CA TYR A 550 13.08 17.24 10.14
C TYR A 550 13.85 15.94 10.29
N VAL A 551 14.95 16.00 11.04
CA VAL A 551 15.90 14.89 11.13
C VAL A 551 16.03 14.46 12.59
N LYS A 552 16.14 13.15 12.80
CA LYS A 552 16.35 12.56 14.11
C LYS A 552 17.51 11.58 14.06
N ALA A 553 18.34 11.58 15.12
CA ALA A 553 19.47 10.67 15.19
C ALA A 553 19.04 9.33 15.78
N VAL A 554 19.27 8.25 15.04
CA VAL A 554 19.00 6.91 15.55
C VAL A 554 20.21 6.45 16.36
N THR A 555 20.00 6.17 17.64
CA THR A 555 21.10 5.91 18.57
C THR A 555 20.79 4.68 19.42
N LEU A 556 21.87 4.09 19.95
CA LEU A 556 21.77 3.01 20.92
C LEU A 556 21.33 3.57 22.27
N THR A 557 21.19 2.65 23.24
CA THR A 557 20.87 3.01 24.62
C THR A 557 21.85 2.42 25.63
N MET A 558 23.03 1.96 25.18
CA MET A 558 23.90 1.08 25.97
C MET A 558 24.20 1.58 27.38
N VAL A 559 24.45 2.88 27.54
CA VAL A 559 24.83 3.40 28.86
C VAL A 559 23.63 3.50 29.81
N GLU A 560 22.43 3.71 29.26
CA GLU A 560 21.21 3.98 30.02
C GLU A 560 21.39 5.19 30.95
N ASN A 561 20.55 5.29 31.98
CA ASN A 561 20.56 6.43 32.90
C ASN A 561 20.46 7.76 32.17
N ASP A 562 19.72 7.75 31.05
CA ASP A 562 19.47 8.90 30.18
C ASP A 562 20.75 9.46 29.53
N HIS A 563 21.85 8.72 29.58
CA HIS A 563 23.08 9.12 28.89
C HIS A 563 23.08 8.68 27.42
N ILE A 564 22.04 9.01 26.65
CA ILE A 564 21.93 8.51 25.28
C ILE A 564 21.83 9.64 24.25
N ARG A 565 21.22 10.76 24.65
CA ARG A 565 21.16 11.99 23.87
C ARG A 565 20.75 11.79 22.41
N GLY A 566 19.52 11.33 22.16
CA GLY A 566 19.00 11.22 20.81
C GLY A 566 18.60 12.56 20.23
N ALA A 567 19.32 13.03 19.21
CA ALA A 567 19.17 14.38 18.70
C ALA A 567 17.97 14.52 17.76
N LYS A 568 17.44 15.75 17.69
CA LYS A 568 16.38 16.13 16.77
C LYS A 568 16.78 17.41 16.05
N SER A 569 16.31 17.55 14.81
CA SER A 569 16.38 18.85 14.15
C SER A 569 15.10 19.63 14.40
N GLU A 570 15.19 20.96 14.26
CA GLU A 570 13.98 21.77 14.21
C GLU A 570 13.24 21.47 12.91
N ILE A 571 11.91 21.56 12.96
CA ILE A 571 11.09 21.24 11.79
C ILE A 571 11.20 22.38 10.79
N LEU A 572 11.85 22.11 9.67
CA LEU A 572 12.14 23.12 8.67
C LEU A 572 11.11 23.02 7.54
N TYR A 573 10.41 24.12 7.29
CA TYR A 573 9.42 24.19 6.22
C TYR A 573 10.10 24.72 4.96
N ILE A 574 10.30 23.85 3.97
CA ILE A 574 11.00 24.20 2.75
C ILE A 574 10.02 24.11 1.60
N ARG A 575 9.86 25.21 0.87
CA ARG A 575 9.01 25.22 -0.32
C ARG A 575 9.90 24.93 -1.54
N THR A 576 9.59 23.83 -2.23
CA THR A 576 10.25 23.48 -3.47
C THR A 576 10.07 24.58 -4.50
N ASN A 577 10.98 24.69 -5.47
CA ASN A 577 10.91 25.75 -6.46
C ASN A 577 9.62 25.66 -7.27
N ALA A 578 9.11 26.82 -7.65
CA ALA A 578 8.04 26.85 -8.62
C ALA A 578 8.57 26.38 -9.97
N SER A 579 7.69 25.75 -10.74
CA SER A 579 8.08 25.10 -11.97
C SER A 579 7.05 25.39 -13.05
N VAL A 580 7.42 25.05 -14.28
CA VAL A 580 6.51 24.96 -15.42
C VAL A 580 5.25 24.23 -14.98
N PRO A 581 4.08 24.87 -15.02
CA PRO A 581 2.84 24.17 -14.67
C PRO A 581 2.58 22.97 -15.57
N SER A 582 1.93 21.95 -14.99
CA SER A 582 1.44 20.82 -15.76
C SER A 582 0.40 21.29 -16.77
N ILE A 583 -0.01 20.37 -17.64
CA ILE A 583 -0.95 20.78 -18.69
C ILE A 583 -2.26 21.22 -18.08
N PRO A 584 -2.91 22.28 -18.58
CA PRO A 584 -4.23 22.66 -18.05
C PRO A 584 -5.28 21.63 -18.41
N LEU A 585 -5.93 21.08 -17.40
CA LEU A 585 -6.75 19.88 -17.57
C LEU A 585 -8.01 20.15 -18.40
N ASP A 586 -8.36 19.16 -19.22
CA ASP A 586 -9.68 19.03 -19.83
C ASP A 586 -10.09 20.27 -20.63
N VAL A 587 -9.26 20.63 -21.61
CA VAL A 587 -9.63 21.68 -22.56
C VAL A 587 -10.82 21.22 -23.38
N LEU A 588 -11.87 22.04 -23.40
CA LEU A 588 -13.12 21.71 -24.08
C LEU A 588 -13.69 22.97 -24.72
N SER A 589 -14.24 22.83 -25.92
CA SER A 589 -14.61 23.99 -26.71
C SER A 589 -15.97 23.79 -27.36
N ALA A 590 -16.66 24.91 -27.58
CA ALA A 590 -17.95 24.93 -28.26
C ALA A 590 -18.08 26.27 -28.97
N SER A 591 -18.46 26.24 -30.23
CA SER A 591 -18.62 27.47 -31.01
C SER A 591 -20.09 27.89 -31.00
N ASN A 592 -20.39 28.99 -30.29
CA ASN A 592 -21.75 29.51 -30.35
C ASN A 592 -22.04 30.22 -31.66
N SER A 593 -21.01 30.51 -32.46
CA SER A 593 -21.23 31.10 -33.78
C SER A 593 -20.04 30.79 -34.67
N SER A 594 -20.27 30.90 -35.98
CA SER A 594 -19.16 30.99 -36.91
C SER A 594 -18.30 32.21 -36.58
N SER A 595 -17.00 32.05 -36.80
CA SER A 595 -15.98 33.05 -36.50
C SER A 595 -15.75 33.24 -35.00
N GLN A 596 -16.37 32.43 -34.14
CA GLN A 596 -16.17 32.53 -32.70
C GLN A 596 -16.10 31.14 -32.09
N LEU A 597 -15.43 31.06 -30.94
CA LEU A 597 -15.18 29.78 -30.26
C LEU A 597 -15.05 30.04 -28.77
N ILE A 598 -16.00 29.55 -27.98
CA ILE A 598 -15.86 29.55 -26.52
C ILE A 598 -14.98 28.37 -26.12
N VAL A 599 -13.83 28.67 -25.54
CA VAL A 599 -12.90 27.64 -25.06
C VAL A 599 -12.85 27.71 -23.54
N LYS A 600 -13.16 26.59 -22.89
CA LYS A 600 -13.13 26.45 -21.44
C LYS A 600 -12.13 25.37 -21.08
N TRP A 601 -11.54 25.50 -19.90
CA TRP A 601 -10.62 24.48 -19.40
C TRP A 601 -10.67 24.50 -17.87
N ASN A 602 -9.93 23.57 -17.26
CA ASN A 602 -9.80 23.49 -15.82
C ASN A 602 -8.34 23.74 -15.44
N PRO A 603 -8.08 24.20 -14.21
CA PRO A 603 -6.71 24.49 -13.80
C PRO A 603 -5.82 23.27 -13.97
N PRO A 604 -4.51 23.47 -14.17
CA PRO A 604 -3.60 22.33 -14.35
C PRO A 604 -3.63 21.42 -13.13
N SER A 605 -3.36 20.14 -13.39
CA SER A 605 -3.38 19.13 -12.32
C SER A 605 -2.48 19.55 -11.16
N LEU A 606 -1.32 20.11 -11.46
CA LEU A 606 -0.45 20.67 -10.43
C LEU A 606 -0.26 22.16 -10.67
N PRO A 607 -0.77 23.02 -9.80
CA PRO A 607 -0.42 24.43 -9.87
C PRO A 607 0.97 24.67 -9.32
N ASN A 608 1.99 24.57 -10.19
CA ASN A 608 3.39 24.55 -9.76
C ASN A 608 3.87 25.96 -9.44
N GLY A 609 2.94 26.82 -9.08
CA GLY A 609 3.19 28.21 -8.74
C GLY A 609 1.88 28.96 -8.72
N ASN A 610 1.92 30.18 -8.17
CA ASN A 610 0.73 31.01 -8.13
C ASN A 610 0.29 31.32 -9.54
N LEU A 611 -0.79 30.66 -9.98
CA LEU A 611 -1.21 30.78 -11.37
C LEU A 611 -1.57 32.22 -11.71
N SER A 612 -0.80 32.81 -12.62
CA SER A 612 -0.97 34.21 -12.98
C SER A 612 -1.93 34.38 -14.15
N TYR A 613 -1.83 33.51 -15.15
CA TYR A 613 -2.66 33.63 -16.35
C TYR A 613 -2.54 32.34 -17.16
N TYR A 614 -3.29 32.29 -18.25
CA TYR A 614 -3.22 31.23 -19.23
C TYR A 614 -2.95 31.83 -20.60
N ILE A 615 -2.03 31.23 -21.34
CA ILE A 615 -1.81 31.58 -22.73
C ILE A 615 -2.64 30.64 -23.59
N VAL A 616 -3.60 31.21 -24.34
CA VAL A 616 -4.44 30.47 -25.27
C VAL A 616 -3.93 30.78 -26.68
N ARG A 617 -3.70 29.72 -27.46
CA ARG A 617 -2.93 29.81 -28.70
C ARG A 617 -3.68 29.03 -29.76
N TRP A 618 -4.35 29.74 -30.68
CA TRP A 618 -5.13 29.09 -31.72
C TRP A 618 -4.42 29.20 -33.06
N GLN A 619 -4.35 28.07 -33.78
CA GLN A 619 -3.79 28.04 -35.12
C GLN A 619 -4.64 27.17 -36.03
N ARG A 620 -4.88 27.63 -37.26
CA ARG A 620 -5.63 26.84 -38.23
C ARG A 620 -4.89 25.54 -38.54
N GLN A 621 -5.63 24.58 -39.08
CA GLN A 621 -5.09 23.27 -39.43
C GLN A 621 -5.46 22.90 -40.86
N PRO A 622 -4.54 22.31 -41.62
CA PRO A 622 -4.85 21.93 -42.99
C PRO A 622 -5.88 20.80 -43.06
N GLN A 623 -6.66 20.80 -44.15
CA GLN A 623 -7.73 19.83 -44.34
C GLN A 623 -7.32 18.62 -45.16
N ASP A 624 -6.44 18.83 -46.15
CA ASP A 624 -6.39 17.92 -47.30
C ASP A 624 -5.89 16.53 -46.93
N GLY A 625 -4.89 16.43 -46.05
CA GLY A 625 -4.15 15.19 -45.92
C GLY A 625 -4.90 14.01 -45.33
N TYR A 626 -6.21 14.17 -45.12
CA TYR A 626 -7.06 13.05 -44.73
C TYR A 626 -8.26 12.97 -45.67
N LEU A 627 -8.74 14.12 -46.12
CA LEU A 627 -10.04 14.20 -46.79
C LEU A 627 -9.91 14.25 -48.31
N TYR A 628 -8.92 14.98 -48.83
CA TYR A 628 -8.96 15.44 -50.21
C TYR A 628 -8.88 14.32 -51.24
N ARG A 629 -8.53 13.11 -50.84
CA ARG A 629 -8.47 11.97 -51.76
C ARG A 629 -9.39 10.83 -51.35
N HIS A 630 -10.31 11.05 -50.42
CA HIS A 630 -10.98 9.93 -49.78
C HIS A 630 -12.05 9.27 -50.63
N ASN A 631 -12.55 9.95 -51.67
CA ASN A 631 -13.57 9.38 -52.56
C ASN A 631 -14.79 8.91 -51.76
N TYR A 632 -15.43 9.87 -51.08
CA TYR A 632 -16.45 9.54 -50.09
C TYR A 632 -17.67 8.85 -50.68
N CYS A 633 -17.87 8.90 -52.00
CA CYS A 633 -19.00 8.20 -52.60
C CYS A 633 -18.65 6.74 -52.82
N SER A 634 -18.18 6.10 -51.75
CA SER A 634 -17.90 4.67 -51.71
C SER A 634 -18.06 4.22 -50.26
N LYS A 635 -18.31 2.93 -50.07
CA LYS A 635 -18.69 2.43 -48.75
C LYS A 635 -17.54 2.55 -47.76
N ASP A 636 -17.86 3.08 -46.57
CA ASP A 636 -16.96 3.05 -45.44
C ASP A 636 -16.86 1.64 -44.86
N LYS A 637 -15.92 1.44 -43.94
CA LYS A 637 -15.83 0.16 -43.27
C LYS A 637 -17.00 -0.01 -42.28
N ILE A 638 -17.68 -1.14 -42.38
CA ILE A 638 -18.91 -1.44 -41.64
C ILE A 638 -18.59 -1.58 -40.16
N PRO A 639 -19.52 -1.25 -39.24
CA PRO A 639 -19.24 -1.42 -37.80
C PRO A 639 -19.12 -2.87 -37.37
N ILE A 640 -18.05 -3.53 -37.84
CA ILE A 640 -17.75 -4.90 -37.46
C ILE A 640 -17.51 -4.99 -35.96
N ARG A 641 -18.00 -6.08 -35.35
CA ARG A 641 -17.89 -6.29 -33.92
C ARG A 641 -16.76 -7.26 -33.60
N LYS A 642 -16.02 -6.95 -32.53
CA LYS A 642 -14.96 -7.84 -32.06
C LYS A 642 -15.54 -9.00 -31.27
N TYR A 643 -15.07 -10.21 -31.57
CA TYR A 643 -15.38 -11.34 -30.70
C TYR A 643 -14.39 -11.37 -29.53
N ALA A 644 -14.78 -12.10 -28.49
CA ALA A 644 -14.01 -12.09 -27.25
C ALA A 644 -12.66 -12.76 -27.43
N ASP A 645 -11.62 -12.12 -26.90
CA ASP A 645 -10.25 -12.58 -27.06
C ASP A 645 -9.47 -12.27 -25.78
N GLY A 646 -8.37 -13.00 -25.59
CA GLY A 646 -7.56 -12.79 -24.40
C GLY A 646 -7.40 -14.03 -23.53
N THR A 647 -7.36 -15.20 -24.17
CA THR A 647 -7.28 -16.47 -23.43
C THR A 647 -6.09 -16.51 -22.50
N ILE A 648 -6.34 -16.95 -21.27
CA ILE A 648 -5.31 -17.25 -20.28
C ILE A 648 -4.31 -16.11 -20.09
N PRO A 673 12.12 2.13 2.85
CA PRO A 673 11.03 1.23 3.26
C PRO A 673 11.49 0.15 4.24
N LYS A 674 12.66 0.34 4.84
CA LYS A 674 13.22 -0.64 5.77
C LYS A 674 12.27 -0.88 6.94
N THR A 675 12.12 -2.15 7.31
CA THR A 675 11.19 -2.54 8.35
C THR A 675 11.74 -2.22 9.73
N GLU A 676 10.83 -2.16 10.71
CA GLU A 676 11.23 -1.94 12.09
C GLU A 676 12.12 -3.08 12.58
N ALA A 677 11.82 -4.32 12.15
CA ALA A 677 12.68 -5.44 12.51
C ALA A 677 14.07 -5.28 11.90
N GLU A 678 14.16 -4.81 10.66
CA GLU A 678 15.46 -4.58 10.04
C GLU A 678 16.25 -3.51 10.78
N LYS A 679 15.58 -2.43 11.17
CA LYS A 679 16.28 -1.36 11.87
C LYS A 679 16.70 -1.79 13.27
N GLN A 680 15.89 -2.62 13.94
CA GLN A 680 16.30 -3.19 15.22
C GLN A 680 17.49 -4.13 15.05
N ALA A 681 17.52 -4.89 13.95
CA ALA A 681 18.67 -5.75 13.68
C ALA A 681 19.94 -4.92 13.48
N GLU A 682 19.82 -3.83 12.72
CA GLU A 682 20.97 -2.95 12.53
C GLU A 682 21.42 -2.34 13.86
N LYS A 683 20.48 -1.90 14.70
CA LYS A 683 20.83 -1.32 15.98
C LYS A 683 21.52 -2.35 16.88
N GLU A 684 21.00 -3.58 16.91
CA GLU A 684 21.58 -4.62 17.75
C GLU A 684 22.98 -5.01 17.26
N GLU A 685 23.16 -5.12 15.94
CA GLU A 685 24.48 -5.43 15.40
C GLU A 685 25.46 -4.31 15.69
N ALA A 686 25.02 -3.05 15.62
CA ALA A 686 25.88 -1.94 15.97
C ALA A 686 26.26 -1.96 17.45
N GLU A 687 25.30 -2.31 18.32
CA GLU A 687 25.59 -2.41 19.75
C GLU A 687 26.59 -3.53 20.04
N TYR A 688 26.42 -4.67 19.37
CA TYR A 688 27.34 -5.79 19.58
C TYR A 688 28.73 -5.48 19.04
N ARG A 689 28.80 -4.77 17.90
CA ARG A 689 30.08 -4.30 17.39
C ARG A 689 30.75 -3.33 18.37
N LYS A 690 29.96 -2.41 18.93
CA LYS A 690 30.50 -1.46 19.90
C LYS A 690 31.09 -2.18 21.10
N VAL A 691 30.33 -3.11 21.69
CA VAL A 691 30.82 -3.78 22.89
C VAL A 691 32.03 -4.66 22.57
N PHE A 692 32.07 -5.27 21.38
CA PHE A 692 33.22 -6.11 21.07
C PHE A 692 34.44 -5.27 20.72
N GLU A 693 34.26 -4.09 20.12
CA GLU A 693 35.39 -3.17 19.96
C GLU A 693 35.94 -2.73 21.31
N ASN A 694 35.04 -2.48 22.27
CA ASN A 694 35.48 -2.16 23.62
C ASN A 694 36.28 -3.32 24.23
N PHE A 695 35.84 -4.56 23.97
CA PHE A 695 36.59 -5.71 24.48
C PHE A 695 37.94 -5.85 23.77
N LEU A 696 37.96 -5.62 22.46
CA LEU A 696 39.20 -5.56 21.69
C LEU A 696 40.20 -4.63 22.35
N HIS A 697 39.80 -3.38 22.57
CA HIS A 697 40.74 -2.38 23.03
C HIS A 697 41.15 -2.61 24.48
N ASN A 698 40.17 -2.89 25.36
CA ASN A 698 40.51 -3.07 26.77
C ASN A 698 41.27 -4.36 27.03
N SER A 699 41.25 -5.33 26.10
CA SER A 699 42.06 -6.53 26.26
C SER A 699 43.41 -6.43 25.57
N ILE A 700 43.50 -5.68 24.47
CA ILE A 700 44.73 -5.60 23.70
C ILE A 700 45.68 -4.56 24.28
N PHE A 701 45.16 -3.36 24.57
CA PHE A 701 46.03 -2.27 24.98
C PHE A 701 46.35 -2.35 26.47
N VAL A 702 47.63 -2.22 26.79
CA VAL A 702 48.14 -2.39 28.16
C VAL A 702 48.96 -1.17 28.54
N PRO A 703 48.77 -0.61 29.74
CA PRO A 703 49.54 0.56 30.15
C PRO A 703 50.98 0.17 30.49
N ARG A 704 51.93 0.98 30.03
CA ARG A 704 53.33 0.79 30.39
C ARG A 704 53.48 0.95 31.90
N PRO A 705 54.03 -0.06 32.61
CA PRO A 705 54.11 -0.03 34.06
C PRO A 705 55.12 0.98 34.60
N LEU A 741 -2.74 21.51 -50.85
CA LEU A 741 -3.14 22.83 -50.37
C LEU A 741 -2.54 23.13 -49.00
N GLU A 742 -1.64 22.28 -48.55
CA GLU A 742 -1.09 22.39 -47.19
C GLU A 742 -0.27 23.67 -47.03
N THR A 743 -0.55 24.42 -45.96
CA THR A 743 0.23 25.57 -45.54
C THR A 743 0.24 25.61 -44.02
N GLU A 744 1.29 26.19 -43.46
CA GLU A 744 1.37 26.40 -42.00
C GLU A 744 0.77 27.76 -41.70
N TYR A 745 -0.46 27.75 -41.18
CA TYR A 745 -1.18 28.99 -40.92
C TYR A 745 -0.56 29.74 -39.73
N PRO A 746 -0.72 31.06 -39.70
CA PRO A 746 -0.14 31.85 -38.61
C PRO A 746 -0.70 31.46 -37.25
N PHE A 747 0.16 31.51 -36.24
CA PHE A 747 -0.28 31.38 -34.85
C PHE A 747 -1.04 32.63 -34.41
N PHE A 748 -1.93 32.46 -33.44
CA PHE A 748 -2.47 33.58 -32.68
C PHE A 748 -2.40 33.26 -31.19
N GLU A 749 -2.10 34.28 -30.39
CA GLU A 749 -1.91 34.11 -28.96
C GLU A 749 -2.71 35.16 -28.19
N SER A 750 -3.14 34.77 -26.98
CA SER A 750 -3.82 35.70 -26.10
C SER A 750 -3.56 35.28 -24.66
N ARG A 751 -3.60 36.26 -23.76
CA ARG A 751 -3.41 36.04 -22.32
C ARG A 751 -4.73 36.26 -21.60
N VAL A 752 -5.13 35.27 -20.79
CA VAL A 752 -6.37 35.33 -20.03
C VAL A 752 -6.02 35.27 -18.55
N ASP A 753 -6.48 36.26 -17.79
CA ASP A 753 -6.13 36.40 -16.37
C ASP A 753 -7.29 35.97 -15.49
N ASN A 754 -7.03 35.04 -14.57
CA ASN A 754 -7.98 34.62 -13.52
C ASN A 754 -9.33 34.23 -14.12
N LYS A 755 -9.30 33.56 -15.27
CA LYS A 755 -10.52 33.13 -15.96
C LYS A 755 -10.16 31.90 -16.79
N GLU A 756 -10.80 30.77 -16.49
CA GLU A 756 -10.47 29.51 -17.14
C GLU A 756 -11.25 29.33 -18.44
N ARG A 757 -11.73 30.43 -19.01
CA ARG A 757 -12.44 30.38 -20.29
C ARG A 757 -12.21 31.67 -21.04
N THR A 758 -12.33 31.58 -22.36
CA THR A 758 -12.15 32.75 -23.23
C THR A 758 -13.00 32.56 -24.48
N VAL A 759 -13.25 33.65 -25.18
CA VAL A 759 -14.00 33.62 -26.42
C VAL A 759 -13.09 34.05 -27.56
N ILE A 760 -12.47 33.08 -28.23
CA ILE A 760 -11.67 33.38 -29.42
C ILE A 760 -12.60 33.88 -30.52
N SER A 761 -12.17 34.94 -31.21
CA SER A 761 -13.07 35.67 -32.10
C SER A 761 -12.39 35.89 -33.45
N ASN A 762 -13.19 36.34 -34.42
CA ASN A 762 -12.73 36.68 -35.77
C ASN A 762 -12.16 35.48 -36.51
N LEU A 763 -12.68 34.29 -36.21
CA LEU A 763 -12.22 33.06 -36.86
C LEU A 763 -12.95 32.86 -38.19
N ARG A 764 -12.73 31.69 -38.80
CA ARG A 764 -13.31 31.32 -40.08
C ARG A 764 -14.54 30.44 -39.88
N PRO A 765 -15.37 30.27 -40.92
CA PRO A 765 -16.51 29.34 -40.80
C PRO A 765 -16.06 27.89 -40.90
N PHE A 766 -16.49 27.10 -39.91
CA PHE A 766 -16.20 25.66 -39.81
C PHE A 766 -14.75 25.34 -40.17
N THR A 767 -13.83 26.01 -39.50
CA THR A 767 -12.40 25.80 -39.70
C THR A 767 -11.80 25.17 -38.45
N LEU A 768 -10.98 24.13 -38.66
CA LEU A 768 -10.37 23.41 -37.55
C LEU A 768 -9.21 24.22 -36.98
N TYR A 769 -9.34 24.64 -35.72
CA TYR A 769 -8.28 25.35 -35.02
C TYR A 769 -7.72 24.44 -33.94
N ARG A 770 -6.42 24.14 -34.00
CA ARG A 770 -5.74 23.56 -32.85
C ARG A 770 -5.57 24.65 -31.79
N ILE A 771 -6.10 24.40 -30.60
CA ILE A 771 -5.99 25.31 -29.47
C ILE A 771 -5.01 24.69 -28.48
N ASP A 772 -3.84 25.30 -28.36
CA ASP A 772 -2.90 25.02 -27.28
C ASP A 772 -3.22 25.95 -26.11
N ILE A 773 -3.12 25.42 -24.90
CA ILE A 773 -3.31 26.19 -23.68
C ILE A 773 -2.14 25.87 -22.76
N HIS A 774 -1.47 26.92 -22.30
CA HIS A 774 -0.38 26.80 -21.33
C HIS A 774 -0.73 27.60 -20.09
N SER A 775 -0.71 26.96 -18.93
CA SER A 775 -0.85 27.71 -17.69
C SER A 775 0.48 28.37 -17.33
N CYS A 776 0.40 29.49 -16.60
CA CYS A 776 1.59 30.25 -16.28
C CYS A 776 1.53 30.70 -14.83
N ASN A 777 2.70 30.89 -14.23
CA ASN A 777 2.81 31.38 -12.86
C ASN A 777 3.85 32.49 -12.84
N HIS A 778 4.27 32.90 -11.64
CA HIS A 778 5.21 34.00 -11.48
C HIS A 778 6.60 33.67 -12.01
N GLU A 779 6.80 32.44 -12.49
CA GLU A 779 8.07 32.05 -13.11
C GLU A 779 8.00 32.04 -14.63
N ALA A 780 6.92 32.56 -15.22
CA ALA A 780 6.67 32.39 -16.65
C ALA A 780 7.77 33.01 -17.50
N GLU A 781 8.31 34.16 -17.09
CA GLU A 781 9.36 34.83 -17.86
C GLU A 781 10.64 34.00 -17.90
N LYS A 782 10.91 33.23 -16.85
CA LYS A 782 12.13 32.45 -16.74
C LYS A 782 11.98 31.09 -17.41
N LEU A 783 10.93 30.36 -17.05
CA LEU A 783 10.77 28.96 -17.43
C LEU A 783 9.81 28.74 -18.59
N GLY A 784 9.28 29.80 -19.21
CA GLY A 784 8.19 29.60 -20.15
C GLY A 784 6.92 29.28 -19.37
N CYS A 785 5.82 29.15 -20.10
CA CYS A 785 4.57 28.93 -19.40
C CYS A 785 4.33 27.47 -19.04
N SER A 786 4.10 26.60 -20.04
CA SER A 786 3.70 25.23 -19.73
C SER A 786 3.76 24.38 -20.98
N ALA A 787 3.84 23.07 -20.76
CA ALA A 787 3.54 22.12 -21.82
C ALA A 787 2.09 22.27 -22.24
N SER A 788 1.86 22.35 -23.54
CA SER A 788 0.52 22.67 -24.04
C SER A 788 -0.43 21.52 -23.79
N ASN A 789 -1.52 21.77 -23.07
CA ASN A 789 -2.68 20.93 -23.26
C ASN A 789 -3.43 21.46 -24.48
N PHE A 790 -4.05 20.57 -25.24
CA PHE A 790 -4.59 21.04 -26.50
C PHE A 790 -5.92 20.35 -26.81
N VAL A 791 -6.73 21.07 -27.58
CA VAL A 791 -7.97 20.53 -28.13
C VAL A 791 -8.11 21.00 -29.57
N PHE A 792 -8.53 20.10 -30.45
CA PHE A 792 -8.87 20.48 -31.81
C PHE A 792 -10.32 20.98 -31.81
N ALA A 793 -10.48 22.29 -31.94
CA ALA A 793 -11.78 22.93 -31.86
C ALA A 793 -12.30 23.20 -33.26
N ARG A 794 -13.60 23.00 -33.45
CA ARG A 794 -14.25 23.29 -34.72
C ARG A 794 -15.20 24.47 -34.55
N THR A 795 -15.04 25.47 -35.42
CA THR A 795 -15.98 26.58 -35.47
C THR A 795 -17.31 26.14 -36.06
N MET A 796 -18.38 26.77 -35.59
CA MET A 796 -19.72 26.46 -36.07
C MET A 796 -19.84 26.83 -37.54
N PRO A 797 -20.54 26.03 -38.34
CA PRO A 797 -20.66 26.35 -39.77
C PRO A 797 -21.51 27.59 -40.00
N ALA A 798 -21.23 28.25 -41.12
CA ALA A 798 -22.00 29.40 -41.55
C ALA A 798 -23.28 28.93 -42.24
N GLU A 799 -24.42 29.44 -41.79
CA GLU A 799 -25.70 28.99 -42.32
C GLU A 799 -25.81 29.29 -43.81
N GLY A 800 -26.15 28.27 -44.60
CA GLY A 800 -26.33 28.44 -46.02
C GLY A 800 -25.07 28.63 -46.82
N ALA A 801 -23.90 28.60 -46.18
CA ALA A 801 -22.65 28.73 -46.94
C ALA A 801 -22.41 27.55 -47.87
N ASP A 802 -23.11 26.43 -47.63
CA ASP A 802 -22.93 25.23 -48.44
C ASP A 802 -23.95 25.10 -49.57
N ASP A 803 -25.06 25.84 -49.54
CA ASP A 803 -26.00 25.75 -50.64
C ASP A 803 -25.38 26.36 -51.88
N ILE A 804 -25.70 25.79 -53.04
CA ILE A 804 -25.02 26.15 -54.28
C ILE A 804 -25.29 27.62 -54.61
N PRO A 805 -24.26 28.43 -54.86
CA PRO A 805 -24.47 29.88 -55.01
C PRO A 805 -25.03 30.30 -56.38
N GLY A 806 -25.39 29.37 -57.24
CA GLY A 806 -25.88 29.73 -58.55
C GLY A 806 -26.88 28.72 -59.10
N PRO A 807 -27.55 29.08 -60.19
CA PRO A 807 -28.52 28.17 -60.79
C PRO A 807 -27.85 26.97 -61.44
N VAL A 808 -28.33 25.78 -61.11
CA VAL A 808 -27.84 24.55 -61.74
C VAL A 808 -28.32 24.48 -63.18
N THR A 809 -27.54 23.82 -64.04
CA THR A 809 -27.88 23.66 -65.45
C THR A 809 -27.78 22.19 -65.85
N TRP A 810 -28.67 21.78 -66.77
CA TRP A 810 -28.60 20.45 -67.37
C TRP A 810 -28.21 20.56 -68.84
N GLU A 811 -27.51 19.53 -69.33
CA GLU A 811 -27.08 19.51 -70.73
C GLU A 811 -27.14 18.08 -71.26
N PRO A 812 -27.33 17.91 -72.57
CA PRO A 812 -27.50 16.56 -73.13
C PRO A 812 -26.18 15.83 -73.31
N ARG A 813 -26.29 14.52 -73.44
CA ARG A 813 -25.19 13.61 -73.73
C ARG A 813 -25.68 12.59 -74.72
N PRO A 814 -24.78 11.90 -75.42
CA PRO A 814 -25.22 10.89 -76.38
C PRO A 814 -25.98 9.76 -75.70
N GLU A 815 -26.77 9.06 -76.49
CA GLU A 815 -27.62 7.95 -76.04
C GLU A 815 -28.60 8.49 -74.98
N ASN A 816 -29.01 7.65 -74.03
CA ASN A 816 -30.01 8.02 -73.04
C ASN A 816 -29.47 8.84 -71.88
N SER A 817 -28.16 9.12 -71.83
CA SER A 817 -27.56 9.76 -70.68
C SER A 817 -27.75 11.28 -70.70
N ILE A 818 -27.55 11.89 -69.53
CA ILE A 818 -27.71 13.33 -69.32
C ILE A 818 -26.51 13.82 -68.49
N PHE A 819 -26.29 15.14 -68.46
CA PHE A 819 -25.25 15.73 -67.62
C PHE A 819 -25.82 16.89 -66.83
N LEU A 820 -25.38 17.04 -65.58
CA LEU A 820 -25.80 18.14 -64.71
C LEU A 820 -24.58 18.88 -64.20
N LYS A 821 -24.67 20.20 -64.08
CA LYS A 821 -23.54 21.01 -63.65
C LYS A 821 -24.01 22.12 -62.71
N TRP A 822 -23.21 22.34 -61.66
CA TRP A 822 -23.50 23.32 -60.62
C TRP A 822 -22.18 23.91 -60.14
N PRO A 823 -22.19 25.17 -59.67
CA PRO A 823 -20.94 25.78 -59.20
C PRO A 823 -20.58 25.35 -57.78
N GLU A 824 -19.28 25.41 -57.49
CA GLU A 824 -18.76 25.12 -56.16
C GLU A 824 -19.13 26.24 -55.19
N PRO A 825 -19.46 25.91 -53.94
CA PRO A 825 -19.76 26.96 -52.95
C PRO A 825 -18.57 27.88 -52.72
N GLU A 826 -18.88 29.16 -52.46
CA GLU A 826 -17.84 30.18 -52.35
C GLU A 826 -16.95 29.97 -51.13
N ASN A 827 -17.56 29.78 -49.96
CA ASN A 827 -16.83 29.59 -48.70
C ASN A 827 -17.41 28.38 -47.99
N PRO A 828 -17.13 27.18 -48.50
CA PRO A 828 -17.76 25.97 -47.93
C PRO A 828 -17.34 25.73 -46.50
N ASN A 829 -18.26 25.16 -45.73
CA ASN A 829 -18.01 24.78 -44.34
C ASN A 829 -17.10 23.56 -44.34
N GLY A 830 -15.81 23.81 -44.54
CA GLY A 830 -14.87 22.75 -44.78
C GLY A 830 -14.96 22.25 -46.21
N LEU A 831 -14.20 21.19 -46.48
CA LEU A 831 -14.23 20.57 -47.79
C LEU A 831 -15.63 20.05 -48.10
N ILE A 832 -16.08 20.26 -49.34
CA ILE A 832 -17.32 19.66 -49.79
C ILE A 832 -17.00 18.23 -50.23
N LEU A 833 -17.09 17.30 -49.27
CA LEU A 833 -16.69 15.93 -49.55
C LEU A 833 -17.67 15.19 -50.44
N MET A 834 -18.90 15.68 -50.62
CA MET A 834 -19.85 14.93 -51.44
C MET A 834 -20.82 15.89 -52.13
N TYR A 835 -21.37 15.45 -53.25
CA TYR A 835 -22.55 16.08 -53.85
C TYR A 835 -23.58 15.00 -54.18
N GLU A 836 -24.74 15.05 -53.55
CA GLU A 836 -25.79 14.08 -53.81
C GLU A 836 -26.74 14.64 -54.86
N ILE A 837 -27.18 13.78 -55.78
CA ILE A 837 -28.16 14.12 -56.81
C ILE A 837 -29.33 13.16 -56.68
N LYS A 838 -30.51 13.70 -56.43
CA LYS A 838 -31.74 12.93 -56.49
C LYS A 838 -32.45 13.24 -57.80
N TYR A 839 -32.82 12.20 -58.54
CA TYR A 839 -33.42 12.43 -59.85
C TYR A 839 -34.53 11.42 -60.10
N GLY A 840 -35.44 11.82 -60.96
CA GLY A 840 -36.54 10.97 -61.36
C GLY A 840 -37.69 11.79 -61.92
N SER A 841 -38.64 11.08 -62.52
CA SER A 841 -39.76 11.70 -63.21
C SER A 841 -40.98 11.71 -62.30
N GLN A 842 -41.40 12.91 -61.90
CA GLN A 842 -42.58 13.17 -61.07
C GLN A 842 -42.38 12.62 -59.66
N VAL A 843 -41.33 11.81 -59.48
CA VAL A 843 -40.87 11.32 -58.19
C VAL A 843 -39.36 11.19 -58.28
N GLU A 844 -38.65 11.66 -57.25
CA GLU A 844 -37.20 11.51 -57.19
C GLU A 844 -36.87 10.06 -56.80
N ASP A 845 -37.15 9.16 -57.75
CA ASP A 845 -37.08 7.72 -57.54
C ASP A 845 -35.66 7.18 -57.44
N GLN A 846 -34.65 7.94 -57.86
CA GLN A 846 -33.29 7.42 -57.99
C GLN A 846 -32.28 8.33 -57.29
N ARG A 847 -31.31 7.71 -56.63
CA ARG A 847 -30.19 8.39 -55.98
C ARG A 847 -28.92 8.29 -56.83
N GLU A 848 -28.02 9.26 -56.62
CA GLU A 848 -26.66 9.19 -57.11
C GLU A 848 -25.82 10.13 -56.26
N CYS A 849 -24.52 9.88 -56.19
CA CYS A 849 -23.67 10.85 -55.51
C CYS A 849 -22.31 10.91 -56.18
N VAL A 850 -21.68 12.08 -56.03
CA VAL A 850 -20.47 12.46 -56.74
C VAL A 850 -19.42 12.81 -55.69
N SER A 851 -18.25 12.22 -55.81
CA SER A 851 -17.17 12.52 -54.88
C SER A 851 -16.60 13.90 -55.16
N ARG A 852 -15.87 14.42 -54.17
CA ARG A 852 -15.12 15.67 -54.36
C ARG A 852 -14.17 15.56 -55.54
N GLN A 853 -13.54 14.39 -55.70
CA GLN A 853 -12.58 14.17 -56.78
C GLN A 853 -13.26 14.25 -58.15
N GLU A 854 -14.45 13.65 -58.28
CA GLU A 854 -15.15 13.68 -59.56
C GLU A 854 -15.54 15.11 -59.94
N TYR A 855 -15.94 15.92 -58.95
CA TYR A 855 -16.19 17.33 -59.23
C TYR A 855 -14.90 18.04 -59.64
N ARG A 856 -13.82 17.83 -58.88
CA ARG A 856 -12.57 18.48 -59.24
C ARG A 856 -12.09 18.07 -60.62
N LYS A 857 -12.54 16.91 -61.10
CA LYS A 857 -12.32 16.49 -62.48
C LYS A 857 -13.20 17.24 -63.48
N TYR A 858 -14.52 17.11 -63.34
CA TYR A 858 -15.44 17.43 -64.43
C TYR A 858 -16.40 18.58 -64.16
N GLY A 859 -16.34 19.21 -62.99
CA GLY A 859 -17.45 20.06 -62.59
C GLY A 859 -18.67 19.20 -62.26
N GLY A 860 -19.67 19.21 -63.14
CA GLY A 860 -20.86 18.41 -62.95
C GLY A 860 -20.60 16.91 -63.08
N ALA A 861 -21.71 16.18 -63.20
CA ALA A 861 -21.68 14.72 -63.24
C ALA A 861 -22.70 14.19 -64.24
N LYS A 862 -22.42 12.97 -64.72
CA LYS A 862 -23.29 12.26 -65.66
C LYS A 862 -24.36 11.45 -64.94
N LEU A 863 -25.55 11.41 -65.54
CA LEU A 863 -26.62 10.48 -65.17
C LEU A 863 -26.77 9.48 -66.32
N ASN A 864 -26.64 8.19 -66.00
CA ASN A 864 -26.51 7.16 -67.01
C ASN A 864 -27.86 6.53 -67.37
N ARG A 865 -28.13 6.43 -68.68
CA ARG A 865 -29.16 5.55 -69.25
C ARG A 865 -30.55 5.82 -68.66
N LEU A 866 -30.99 7.06 -68.75
CA LEU A 866 -32.32 7.43 -68.28
C LEU A 866 -33.38 7.02 -69.32
N ASN A 867 -34.62 7.43 -69.08
CA ASN A 867 -35.74 7.19 -69.98
C ASN A 867 -36.42 8.51 -70.33
N PRO A 868 -37.01 8.60 -71.52
CA PRO A 868 -37.75 9.82 -71.87
C PRO A 868 -38.86 10.10 -70.87
N GLY A 869 -38.99 11.38 -70.51
CA GLY A 869 -40.03 11.79 -69.58
C GLY A 869 -39.71 13.15 -69.00
N ASN A 870 -40.67 13.66 -68.23
CA ASN A 870 -40.51 14.94 -67.53
C ASN A 870 -39.63 14.73 -66.30
N TYR A 871 -38.38 14.41 -66.55
CA TYR A 871 -37.44 14.12 -65.47
C TYR A 871 -37.06 15.38 -64.71
N THR A 872 -36.77 15.20 -63.42
CA THR A 872 -36.40 16.28 -62.52
C THR A 872 -35.21 15.84 -61.69
N ALA A 873 -34.45 16.83 -61.20
CA ALA A 873 -33.29 16.54 -60.38
C ALA A 873 -33.07 17.67 -59.37
N ARG A 874 -32.50 17.28 -58.22
CA ARG A 874 -32.06 18.21 -57.19
C ARG A 874 -30.69 17.77 -56.68
N ILE A 875 -29.91 18.74 -56.21
CA ILE A 875 -28.53 18.52 -55.80
C ILE A 875 -28.33 19.08 -54.40
N GLN A 876 -27.47 18.42 -53.62
CA GLN A 876 -27.20 18.77 -52.24
C GLN A 876 -25.73 18.56 -51.94
N ALA A 877 -25.01 19.64 -51.63
CA ALA A 877 -23.62 19.52 -51.22
C ALA A 877 -23.52 19.00 -49.79
N THR A 878 -22.64 18.03 -49.56
CA THR A 878 -22.32 17.56 -48.22
C THR A 878 -20.89 18.02 -47.92
N SER A 879 -20.78 19.09 -47.13
CA SER A 879 -19.52 19.57 -46.61
C SER A 879 -19.16 18.80 -45.35
N LEU A 880 -17.95 19.06 -44.83
CA LEU A 880 -17.51 18.41 -43.60
C LEU A 880 -18.43 18.72 -42.43
N SER A 881 -19.19 19.82 -42.50
CA SER A 881 -20.15 20.15 -41.46
C SER A 881 -21.47 19.41 -41.62
N GLY A 882 -21.81 19.00 -42.83
CA GLY A 882 -23.08 18.35 -43.07
C GLY A 882 -23.64 18.76 -44.42
N ASN A 883 -24.88 18.34 -44.65
CA ASN A 883 -25.55 18.66 -45.90
C ASN A 883 -26.10 20.09 -45.87
N GLY A 884 -25.88 20.82 -46.96
CA GLY A 884 -26.52 22.10 -47.16
C GLY A 884 -27.92 21.93 -47.74
N SER A 885 -28.55 23.07 -47.99
CA SER A 885 -29.91 23.07 -48.52
C SER A 885 -29.94 22.50 -49.93
N TRP A 886 -30.97 21.72 -50.23
CA TRP A 886 -31.16 21.22 -51.59
C TRP A 886 -31.36 22.38 -52.56
N THR A 887 -30.76 22.25 -53.74
CA THR A 887 -30.93 23.26 -54.78
C THR A 887 -32.37 23.30 -55.27
N ASP A 888 -32.72 24.38 -55.96
CA ASP A 888 -33.99 24.47 -56.66
C ASP A 888 -34.04 23.38 -57.74
N PRO A 889 -35.20 22.79 -57.97
CA PRO A 889 -35.30 21.68 -58.94
C PRO A 889 -34.90 22.10 -60.34
N VAL A 890 -34.29 21.17 -61.07
CA VAL A 890 -33.97 21.33 -62.48
C VAL A 890 -34.79 20.32 -63.28
N PHE A 891 -35.42 20.80 -64.35
CA PHE A 891 -36.29 19.98 -65.18
C PHE A 891 -35.56 19.66 -66.49
N PHE A 892 -35.63 18.41 -66.91
CA PHE A 892 -34.95 17.97 -68.12
C PHE A 892 -35.65 16.71 -68.63
N TYR A 893 -35.33 16.34 -69.87
CA TYR A 893 -35.94 15.18 -70.50
C TYR A 893 -34.92 14.48 -71.38
N VAL A 894 -35.20 13.22 -71.70
CA VAL A 894 -34.38 12.41 -72.58
C VAL A 894 -35.07 12.27 -73.94
N GLN A 895 -34.30 12.46 -75.00
CA GLN A 895 -34.83 12.38 -76.35
C GLN A 895 -35.18 10.93 -76.72
N ALA A 896 -35.93 10.78 -77.81
CA ALA A 896 -36.29 9.46 -78.33
C ALA A 896 -35.15 8.86 -79.14
N GLU B 1 59.55 -26.34 18.00
CA GLU B 1 59.41 -25.95 19.39
C GLU B 1 57.94 -25.70 19.72
N ILE B 2 57.55 -25.94 20.97
CA ILE B 2 56.20 -25.69 21.45
C ILE B 2 56.26 -24.46 22.34
N CYS B 3 55.47 -23.45 22.00
CA CYS B 3 55.68 -22.09 22.48
C CYS B 3 54.51 -21.62 23.33
N GLY B 4 54.81 -20.93 24.43
CA GLY B 4 53.82 -20.42 25.34
C GLY B 4 54.39 -19.35 26.25
N PRO B 5 53.58 -18.81 27.18
CA PRO B 5 52.17 -19.10 27.46
C PRO B 5 51.21 -18.35 26.54
N GLY B 6 51.76 -17.57 25.61
CA GLY B 6 50.98 -16.76 24.71
C GLY B 6 51.85 -15.73 24.01
N ILE B 7 51.53 -15.43 22.76
CA ILE B 7 52.41 -14.64 21.88
C ILE B 7 51.67 -13.37 21.47
N ASP B 8 52.24 -12.22 21.83
CA ASP B 8 51.80 -10.93 21.30
C ASP B 8 52.76 -10.51 20.19
N ILE B 9 52.43 -10.84 18.95
CA ILE B 9 53.16 -10.33 17.80
C ILE B 9 52.69 -8.90 17.58
N ARG B 10 53.51 -7.93 17.93
CA ARG B 10 53.02 -6.55 17.99
C ARG B 10 54.00 -5.59 17.32
N ASN B 11 53.44 -4.68 16.54
CA ASN B 11 54.09 -3.49 16.01
C ASN B 11 55.12 -3.77 14.90
N ASP B 12 55.52 -5.02 14.70
CA ASP B 12 56.64 -5.33 13.83
C ASP B 12 56.41 -6.61 13.02
N TYR B 13 56.47 -6.50 11.70
CA TYR B 13 56.66 -7.70 10.88
C TYR B 13 58.00 -8.36 11.18
N GLN B 14 59.00 -7.57 11.57
CA GLN B 14 60.26 -8.12 12.03
C GLN B 14 60.10 -8.88 13.35
N GLN B 15 59.10 -8.52 14.16
CA GLN B 15 58.75 -9.31 15.33
C GLN B 15 57.87 -10.51 14.99
N LEU B 16 57.20 -10.48 13.84
CA LEU B 16 56.48 -11.68 13.40
C LEU B 16 57.38 -12.89 13.25
N LYS B 17 58.68 -12.67 13.05
CA LYS B 17 59.68 -13.73 12.92
C LYS B 17 59.77 -14.63 14.15
N ARG B 18 59.17 -14.23 15.28
CA ARG B 18 59.21 -15.01 16.50
C ARG B 18 58.57 -16.39 16.36
N LEU B 19 57.83 -16.63 15.28
CA LEU B 19 57.15 -17.89 15.04
C LEU B 19 57.92 -18.84 14.12
N GLU B 20 59.18 -18.53 13.81
CA GLU B 20 59.90 -19.25 12.76
C GLU B 20 59.99 -20.76 13.04
N ASN B 21 60.13 -21.17 14.31
CA ASN B 21 60.17 -22.59 14.59
C ASN B 21 59.22 -22.98 15.73
N CYS B 22 58.10 -22.28 15.88
CA CYS B 22 57.01 -22.76 16.71
C CYS B 22 56.09 -23.65 15.90
N THR B 23 55.59 -24.70 16.52
CA THR B 23 54.61 -25.58 15.87
C THR B 23 53.26 -25.59 16.59
N VAL B 24 53.27 -25.60 17.92
CA VAL B 24 52.06 -25.53 18.74
C VAL B 24 52.18 -24.36 19.70
N ILE B 25 51.22 -23.46 19.66
CA ILE B 25 51.18 -22.32 20.57
C ILE B 25 50.31 -22.71 21.77
N GLU B 26 50.95 -22.85 22.94
CA GLU B 26 50.21 -23.21 24.15
C GLU B 26 49.58 -21.98 24.75
N GLY B 27 48.82 -21.25 23.93
CA GLY B 27 48.18 -20.03 24.38
C GLY B 27 47.50 -19.35 23.21
N TYR B 28 47.18 -18.08 23.41
CA TYR B 28 46.67 -17.27 22.31
C TYR B 28 47.81 -16.88 21.37
N LEU B 29 47.43 -16.45 20.17
CA LEU B 29 48.37 -15.84 19.23
C LEU B 29 47.79 -14.53 18.74
N HIS B 30 48.45 -13.42 19.08
CA HIS B 30 48.01 -12.09 18.68
C HIS B 30 48.93 -11.54 17.61
N ILE B 31 48.35 -11.08 16.50
CA ILE B 31 49.03 -10.33 15.46
C ILE B 31 48.38 -8.95 15.42
N LEU B 32 49.05 -7.94 15.96
CA LEU B 32 48.42 -6.68 16.31
C LEU B 32 49.16 -5.50 15.73
N LEU B 33 48.42 -4.60 15.07
CA LEU B 33 48.78 -3.20 14.85
C LEU B 33 50.07 -3.01 14.06
N ILE B 34 50.52 -4.02 13.31
CA ILE B 34 51.72 -3.88 12.50
C ILE B 34 51.41 -2.99 11.30
N SER B 35 52.11 -1.86 11.21
CA SER B 35 51.88 -0.87 10.15
C SER B 35 52.92 -0.92 9.04
N LYS B 36 54.13 -1.42 9.32
CA LYS B 36 55.25 -1.34 8.38
C LYS B 36 55.17 -2.40 7.29
N ALA B 37 54.09 -2.39 6.49
CA ALA B 37 53.89 -3.41 5.48
C ALA B 37 54.98 -3.40 4.41
N GLU B 38 55.02 -2.35 3.60
CA GLU B 38 55.92 -2.32 2.45
C GLU B 38 57.38 -2.31 2.85
N ASP B 39 57.68 -2.05 4.13
CA ASP B 39 59.06 -2.10 4.59
C ASP B 39 59.57 -3.52 4.79
N TYR B 40 58.68 -4.48 5.04
CA TYR B 40 59.17 -5.81 5.43
C TYR B 40 58.58 -6.99 4.68
N ARG B 41 57.28 -6.95 4.38
CA ARG B 41 56.44 -8.14 4.25
C ARG B 41 57.06 -9.21 3.35
N SER B 42 57.52 -10.31 3.96
CA SER B 42 58.00 -11.47 3.21
C SER B 42 57.75 -12.81 3.90
N TYR B 43 56.97 -12.82 4.98
CA TYR B 43 57.05 -13.91 5.95
C TYR B 43 56.10 -15.06 5.63
N ARG B 44 56.55 -16.28 5.97
CA ARG B 44 55.75 -17.50 5.93
C ARG B 44 56.22 -18.40 7.08
N PHE B 45 55.30 -19.20 7.62
CA PHE B 45 55.58 -20.07 8.76
C PHE B 45 54.94 -21.44 8.58
N PRO B 46 55.57 -22.31 7.78
CA PRO B 46 55.02 -23.67 7.60
C PRO B 46 54.93 -24.50 8.87
N LYS B 47 55.76 -24.23 9.87
CA LYS B 47 55.85 -25.12 11.03
C LYS B 47 54.61 -25.08 11.92
N LEU B 48 53.84 -24.00 11.88
CA LEU B 48 52.71 -23.85 12.79
C LEU B 48 51.63 -24.88 12.48
N THR B 49 51.13 -25.54 13.52
CA THR B 49 50.12 -26.58 13.37
C THR B 49 48.91 -26.38 14.27
N VAL B 50 49.11 -25.97 15.53
CA VAL B 50 48.03 -25.91 16.51
C VAL B 50 48.12 -24.62 17.30
N ILE B 51 46.97 -24.01 17.56
CA ILE B 51 46.83 -22.93 18.55
C ILE B 51 45.86 -23.42 19.61
N THR B 52 46.30 -23.44 20.86
CA THR B 52 45.49 -24.04 21.92
C THR B 52 44.37 -23.11 22.39
N GLU B 53 44.62 -21.80 22.48
CA GLU B 53 43.59 -20.90 22.99
C GLU B 53 42.79 -20.17 21.90
N TYR B 54 43.43 -19.26 21.16
CA TYR B 54 42.75 -18.55 20.08
C TYR B 54 43.76 -17.77 19.24
N LEU B 55 43.34 -17.43 18.02
CA LEU B 55 44.10 -16.57 17.12
C LEU B 55 43.35 -15.26 16.95
N LEU B 56 44.04 -14.15 17.21
CA LEU B 56 43.49 -12.81 17.06
C LEU B 56 44.40 -12.02 16.11
N LEU B 57 43.82 -11.46 15.07
CA LEU B 57 44.50 -10.52 14.19
C LEU B 57 43.77 -9.18 14.22
N PHE B 58 44.51 -8.11 14.49
CA PHE B 58 43.93 -6.79 14.71
C PHE B 58 44.77 -5.73 14.00
N ARG B 59 44.22 -5.17 12.92
CA ARG B 59 44.83 -4.03 12.21
C ARG B 59 46.26 -4.34 11.74
N VAL B 60 46.45 -5.52 11.16
CA VAL B 60 47.73 -5.83 10.50
C VAL B 60 47.68 -5.29 9.08
N ALA B 61 48.66 -4.47 8.73
CA ALA B 61 48.66 -3.78 7.45
C ALA B 61 49.25 -4.65 6.34
N GLY B 62 48.61 -4.60 5.16
CA GLY B 62 49.19 -5.15 3.95
C GLY B 62 49.27 -6.65 3.86
N LEU B 63 48.58 -7.37 4.74
CA LEU B 63 48.58 -8.83 4.71
C LEU B 63 47.47 -9.30 3.78
N GLU B 64 47.84 -9.69 2.56
CA GLU B 64 46.87 -10.07 1.55
C GLU B 64 46.39 -11.51 1.68
N SER B 65 46.89 -12.27 2.67
CA SER B 65 46.35 -13.58 3.00
C SER B 65 46.97 -14.13 4.28
N LEU B 66 46.20 -14.81 5.11
CA LEU B 66 46.83 -15.63 6.13
C LEU B 66 47.37 -16.93 5.55
N GLY B 67 47.05 -17.23 4.28
CA GLY B 67 47.71 -18.30 3.58
C GLY B 67 49.17 -18.02 3.28
N ASP B 68 49.60 -16.77 3.41
CA ASP B 68 51.03 -16.49 3.42
C ASP B 68 51.64 -16.91 4.75
N LEU B 69 51.05 -16.49 5.87
CA LEU B 69 51.66 -16.71 7.17
C LEU B 69 51.58 -18.17 7.60
N PHE B 70 50.37 -18.75 7.60
CA PHE B 70 50.10 -20.02 8.26
C PHE B 70 49.46 -20.99 7.28
N PRO B 71 50.24 -21.55 6.35
CA PRO B 71 49.69 -22.54 5.40
C PRO B 71 49.31 -23.86 6.06
N ASN B 72 49.88 -24.18 7.20
CA ASN B 72 49.69 -25.49 7.82
C ASN B 72 49.03 -25.42 9.19
N LEU B 73 48.52 -24.26 9.60
CA LEU B 73 47.76 -24.18 10.85
C LEU B 73 46.53 -25.07 10.73
N THR B 74 46.45 -26.09 11.59
CA THR B 74 45.47 -27.15 11.42
C THR B 74 44.32 -27.09 12.41
N VAL B 75 44.56 -26.73 13.67
CA VAL B 75 43.51 -26.79 14.69
C VAL B 75 43.65 -25.61 15.64
N ILE B 76 42.50 -25.05 16.00
CA ILE B 76 42.39 -24.08 17.08
C ILE B 76 41.53 -24.69 18.18
N ARG B 77 42.12 -24.97 19.33
CA ARG B 77 41.46 -25.77 20.36
C ARG B 77 40.59 -24.96 21.33
N GLY B 78 40.76 -23.64 21.39
CA GLY B 78 39.82 -22.82 22.13
C GLY B 78 39.69 -23.10 23.62
N TRP B 79 40.74 -23.60 24.29
CA TRP B 79 40.62 -23.87 25.71
C TRP B 79 40.44 -22.59 26.52
N LYS B 80 41.02 -21.49 26.07
CA LYS B 80 40.69 -20.16 26.57
C LYS B 80 40.33 -19.29 25.38
N LEU B 81 39.41 -18.35 25.60
CA LEU B 81 38.68 -17.78 24.48
C LEU B 81 38.65 -16.27 24.59
N PHE B 82 38.35 -15.63 23.45
CA PHE B 82 38.29 -14.19 23.32
C PHE B 82 36.86 -13.80 22.95
N TYR B 83 36.04 -13.52 23.98
CA TYR B 83 34.67 -13.07 23.80
C TYR B 83 33.86 -14.04 22.93
N ASN B 84 33.89 -15.32 23.30
CA ASN B 84 33.25 -16.46 22.68
C ASN B 84 33.98 -16.91 21.39
N TYR B 85 35.03 -16.23 20.95
CA TYR B 85 35.63 -16.51 19.66
C TYR B 85 37.01 -17.15 19.80
N ALA B 86 37.23 -18.22 19.03
CA ALA B 86 38.54 -18.84 18.88
C ALA B 86 39.34 -18.21 17.74
N LEU B 87 38.67 -17.66 16.74
CA LEU B 87 39.31 -16.95 15.65
C LEU B 87 38.70 -15.56 15.53
N VAL B 88 39.53 -14.54 15.65
CA VAL B 88 39.11 -13.15 15.45
C VAL B 88 40.00 -12.54 14.38
N ILE B 89 39.39 -11.98 13.34
CA ILE B 89 40.09 -11.23 12.31
C ILE B 89 39.38 -9.89 12.20
N PHE B 90 40.05 -8.81 12.59
CA PHE B 90 39.38 -7.54 12.87
C PHE B 90 40.15 -6.38 12.23
N GLU B 91 39.41 -5.56 11.47
CA GLU B 91 39.92 -4.31 10.89
C GLU B 91 41.20 -4.49 10.09
N MET B 92 41.40 -5.67 9.49
CA MET B 92 42.55 -5.88 8.64
C MET B 92 42.39 -5.12 7.33
N THR B 93 43.50 -4.59 6.81
CA THR B 93 43.48 -3.83 5.57
C THR B 93 44.07 -4.69 4.44
N ASN B 94 43.38 -4.67 3.29
CA ASN B 94 43.79 -5.42 2.10
C ASN B 94 43.92 -6.91 2.36
N LEU B 95 43.00 -7.47 3.16
CA LEU B 95 43.11 -8.87 3.59
C LEU B 95 42.86 -9.85 2.45
N LYS B 96 41.77 -9.65 1.71
CA LYS B 96 41.47 -10.29 0.43
C LYS B 96 41.13 -11.78 0.51
N ASP B 97 41.45 -12.44 1.62
CA ASP B 97 40.99 -13.82 1.86
C ASP B 97 41.45 -14.24 3.25
N ILE B 98 40.82 -15.29 3.78
CA ILE B 98 41.27 -15.86 5.05
C ILE B 98 42.50 -16.73 4.82
N GLY B 99 42.41 -17.70 3.91
CA GLY B 99 43.57 -18.46 3.49
C GLY B 99 44.13 -19.46 4.48
N LEU B 100 43.43 -19.72 5.59
CA LEU B 100 43.86 -20.77 6.51
C LEU B 100 43.40 -22.12 5.98
N TYR B 101 43.85 -22.48 4.78
CA TYR B 101 43.23 -23.57 4.02
C TYR B 101 43.33 -24.93 4.72
N ASN B 102 44.28 -25.13 5.63
CA ASN B 102 44.45 -26.41 6.28
C ASN B 102 43.88 -26.45 7.70
N LEU B 103 43.12 -25.43 8.11
CA LEU B 103 42.50 -25.36 9.43
C LEU B 103 41.28 -26.27 9.50
N ARG B 104 41.49 -27.59 9.68
CA ARG B 104 40.39 -28.53 9.57
C ARG B 104 39.48 -28.58 10.81
N ASN B 105 39.90 -28.05 11.96
CA ASN B 105 39.01 -28.05 13.12
C ASN B 105 39.31 -26.87 14.05
N ILE B 106 38.22 -26.25 14.51
CA ILE B 106 38.27 -25.24 15.56
C ILE B 106 37.38 -25.73 16.69
N THR B 107 37.99 -25.98 17.86
CA THR B 107 37.31 -26.65 18.95
C THR B 107 36.85 -25.64 20.00
N ARG B 108 35.58 -25.74 20.38
CA ARG B 108 34.98 -24.94 21.45
C ARG B 108 35.31 -23.46 21.30
N GLY B 109 34.80 -22.88 20.23
CA GLY B 109 34.91 -21.45 20.02
C GLY B 109 34.33 -20.99 18.70
N ALA B 110 33.63 -19.86 18.73
CA ALA B 110 33.06 -19.29 17.52
C ALA B 110 34.13 -18.55 16.72
N ILE B 111 33.75 -18.08 15.54
CA ILE B 111 34.63 -17.26 14.71
C ILE B 111 33.93 -15.93 14.46
N ARG B 112 34.62 -14.83 14.77
CA ARG B 112 34.20 -13.52 14.32
C ARG B 112 35.25 -12.94 13.39
N ILE B 113 34.81 -12.47 12.23
CA ILE B 113 35.67 -11.83 11.26
C ILE B 113 34.95 -10.57 10.79
N GLU B 114 35.44 -9.41 11.22
CA GLU B 114 34.68 -8.17 11.10
C GLU B 114 35.54 -7.03 10.57
N LYS B 115 34.91 -6.17 9.75
CA LYS B 115 35.49 -4.91 9.27
C LYS B 115 36.80 -5.10 8.52
N ASN B 116 36.96 -6.25 7.86
CA ASN B 116 38.05 -6.46 6.92
C ASN B 116 37.53 -6.14 5.53
N ALA B 117 37.69 -4.87 5.14
CA ALA B 117 36.94 -4.30 4.02
C ALA B 117 37.25 -4.93 2.67
N ASP B 118 38.37 -5.64 2.53
CA ASP B 118 38.69 -6.29 1.27
C ASP B 118 38.48 -7.81 1.29
N LEU B 119 38.00 -8.36 2.41
CA LEU B 119 37.86 -9.81 2.54
C LEU B 119 36.80 -10.32 1.58
N CYS B 120 37.20 -11.23 0.68
CA CYS B 120 36.33 -11.66 -0.42
C CYS B 120 36.20 -13.18 -0.50
N TYR B 121 36.50 -13.89 0.59
CA TYR B 121 36.35 -15.35 0.60
C TYR B 121 35.72 -15.84 1.90
N LEU B 122 34.93 -15.01 2.57
CA LEU B 122 34.42 -15.34 3.90
C LEU B 122 33.22 -16.28 3.85
N SER B 123 32.34 -16.13 2.88
CA SER B 123 31.13 -16.94 2.81
C SER B 123 31.37 -18.32 2.21
N THR B 124 32.50 -18.53 1.54
CA THR B 124 32.77 -19.77 0.83
C THR B 124 33.42 -20.85 1.70
N VAL B 125 33.56 -20.61 3.00
CA VAL B 125 34.15 -21.60 3.91
C VAL B 125 33.01 -22.27 4.70
N ASP B 126 32.91 -23.60 4.56
CA ASP B 126 31.85 -24.37 5.21
C ASP B 126 32.23 -24.63 6.66
N TRP B 127 31.94 -23.65 7.51
CA TRP B 127 32.28 -23.75 8.92
C TRP B 127 31.59 -24.93 9.61
N SER B 128 30.52 -25.46 9.01
CA SER B 128 29.87 -26.64 9.58
C SER B 128 30.82 -27.83 9.68
N LEU B 129 31.88 -27.87 8.88
CA LEU B 129 32.85 -28.95 9.00
C LEU B 129 34.10 -28.53 9.74
N ILE B 130 34.11 -27.33 10.34
CA ILE B 130 35.24 -26.84 11.14
C ILE B 130 34.89 -26.82 12.62
N LEU B 131 33.73 -26.26 12.98
CA LEU B 131 33.30 -26.14 14.37
C LEU B 131 31.83 -26.55 14.48
N ASP B 132 31.46 -27.00 15.68
CA ASP B 132 30.05 -27.36 15.92
C ASP B 132 29.16 -26.14 16.05
N ALA B 133 29.61 -25.13 16.80
CA ALA B 133 28.76 -23.99 17.14
C ALA B 133 28.78 -22.93 16.04
N VAL B 134 28.37 -23.30 14.82
CA VAL B 134 28.25 -22.33 13.74
C VAL B 134 27.18 -21.29 14.06
N SER B 135 26.25 -21.60 14.95
CA SER B 135 25.20 -20.66 15.33
C SER B 135 25.75 -19.42 16.04
N ASN B 136 27.01 -19.43 16.48
CA ASN B 136 27.59 -18.33 17.23
C ASN B 136 28.55 -17.48 16.41
N ASN B 137 28.82 -17.82 15.16
CA ASN B 137 29.75 -17.06 14.35
C ASN B 137 29.23 -15.65 14.09
N TYR B 138 30.16 -14.70 13.92
CA TYR B 138 29.82 -13.31 13.62
C TYR B 138 30.72 -12.85 12.47
N ILE B 139 30.28 -13.12 11.25
CA ILE B 139 30.97 -12.66 10.05
C ILE B 139 30.38 -11.35 9.57
N VAL B 140 29.54 -10.72 10.40
CA VAL B 140 28.62 -9.70 9.93
C VAL B 140 29.36 -8.54 9.26
N GLY B 141 30.45 -8.07 9.85
CA GLY B 141 31.10 -6.89 9.34
C GLY B 141 31.97 -7.12 8.11
N ASN B 142 31.55 -8.01 7.23
CA ASN B 142 32.35 -8.38 6.08
C ASN B 142 32.44 -7.23 5.07
N LYS B 143 33.30 -7.42 4.08
CA LYS B 143 33.23 -6.63 2.86
C LYS B 143 31.89 -6.86 2.18
N PRO B 144 31.31 -5.83 1.56
CA PRO B 144 30.03 -6.03 0.85
C PRO B 144 30.11 -7.19 -0.12
N PRO B 145 29.11 -8.08 -0.11
CA PRO B 145 29.24 -9.34 -0.84
C PRO B 145 29.00 -9.24 -2.33
N LYS B 146 28.97 -8.03 -2.86
CA LYS B 146 28.64 -7.81 -4.28
C LYS B 146 29.72 -8.32 -5.24
N GLU B 147 30.79 -8.96 -4.74
CA GLU B 147 31.94 -9.25 -5.60
C GLU B 147 32.61 -10.59 -5.30
N CYS B 148 32.05 -11.44 -4.45
CA CYS B 148 32.81 -12.56 -3.89
C CYS B 148 32.20 -13.93 -4.15
N GLY B 149 31.28 -14.05 -5.11
CA GLY B 149 30.68 -15.34 -5.41
C GLY B 149 31.45 -16.15 -6.45
N ASP B 150 31.45 -17.47 -6.23
CA ASP B 150 31.99 -18.48 -7.15
C ASP B 150 33.44 -18.23 -7.56
N LEU B 151 34.24 -17.63 -6.69
CA LEU B 151 35.66 -17.40 -6.95
C LEU B 151 36.54 -18.60 -6.59
N CYS B 152 35.93 -19.73 -6.24
CA CYS B 152 36.67 -20.90 -5.79
C CYS B 152 37.40 -21.57 -6.95
N PRO B 153 38.43 -22.40 -6.65
CA PRO B 153 39.04 -23.26 -7.67
C PRO B 153 38.05 -24.15 -8.41
N GLY B 154 36.80 -24.21 -7.92
CA GLY B 154 35.75 -24.90 -8.65
C GLY B 154 35.45 -24.29 -10.01
N THR B 155 35.88 -23.05 -10.23
CA THR B 155 35.67 -22.38 -11.51
C THR B 155 36.98 -21.80 -12.05
N MET B 156 37.91 -21.45 -11.15
CA MET B 156 39.05 -20.63 -11.55
C MET B 156 39.96 -21.35 -12.53
N GLU B 157 40.30 -22.62 -12.27
CA GLU B 157 41.05 -23.37 -13.29
C GLU B 157 40.10 -23.97 -14.31
N GLU B 158 39.16 -23.16 -14.81
CA GLU B 158 38.31 -23.46 -15.97
C GLU B 158 37.34 -24.62 -15.72
N LYS B 159 37.53 -25.33 -14.63
CA LYS B 159 36.67 -26.44 -14.21
C LYS B 159 37.11 -26.88 -12.83
N PRO B 160 36.24 -27.56 -12.07
CA PRO B 160 36.50 -27.73 -10.63
C PRO B 160 37.80 -28.46 -10.31
N MET B 161 38.49 -27.96 -9.29
CA MET B 161 39.44 -28.69 -8.48
C MET B 161 39.01 -28.60 -7.03
N CYS B 162 37.73 -28.82 -6.78
CA CYS B 162 37.06 -28.36 -5.57
C CYS B 162 35.89 -29.28 -5.25
N GLU B 163 35.17 -28.95 -4.19
CA GLU B 163 33.96 -29.66 -3.81
C GLU B 163 32.91 -28.66 -3.34
N LYS B 164 31.68 -29.16 -3.18
CA LYS B 164 30.53 -28.31 -2.89
C LYS B 164 29.74 -28.92 -1.74
N THR B 165 28.96 -28.08 -1.08
CA THR B 165 28.27 -28.46 0.14
C THR B 165 27.08 -27.54 0.37
N THR B 166 26.30 -27.87 1.39
CA THR B 166 25.11 -27.12 1.77
C THR B 166 25.34 -26.38 3.09
N ILE B 167 24.91 -25.12 3.12
CA ILE B 167 24.86 -24.32 4.35
C ILE B 167 23.47 -23.74 4.46
N ASN B 168 22.87 -23.83 5.64
CA ASN B 168 21.43 -23.58 5.80
C ASN B 168 20.69 -24.49 4.83
N ASN B 169 20.22 -23.94 3.70
CA ASN B 169 19.72 -24.76 2.60
C ASN B 169 20.29 -24.30 1.26
N GLU B 170 21.15 -23.28 1.25
CA GLU B 170 21.86 -22.89 0.04
C GLU B 170 23.02 -23.84 -0.22
N TYR B 171 23.53 -23.81 -1.45
CA TYR B 171 24.45 -24.83 -1.93
C TYR B 171 25.53 -24.19 -2.79
N ASN B 172 26.79 -24.38 -2.39
CA ASN B 172 27.90 -23.69 -3.04
C ASN B 172 29.18 -24.50 -2.92
N TYR B 173 30.15 -24.17 -3.78
CA TYR B 173 31.53 -24.65 -3.62
C TYR B 173 32.07 -24.21 -2.28
N ARG B 174 33.05 -24.93 -1.73
CA ARG B 174 33.71 -24.53 -0.49
C ARG B 174 35.20 -24.34 -0.75
N CYS B 175 35.70 -23.14 -0.44
CA CYS B 175 37.13 -22.85 -0.57
C CYS B 175 37.52 -21.77 0.41
N TRP B 176 38.80 -21.73 0.74
CA TRP B 176 39.39 -20.65 1.53
C TRP B 176 39.89 -19.51 0.67
N THR B 177 40.34 -19.81 -0.54
CA THR B 177 40.97 -18.84 -1.43
C THR B 177 41.16 -19.53 -2.77
N THR B 178 41.79 -18.81 -3.71
CA THR B 178 42.16 -19.45 -4.95
C THR B 178 43.30 -20.46 -4.68
N ASN B 179 43.42 -21.43 -5.59
CA ASN B 179 44.46 -22.45 -5.56
C ASN B 179 44.30 -23.44 -4.41
N ARG B 180 43.29 -23.25 -3.54
CA ARG B 180 43.01 -24.17 -2.44
C ARG B 180 41.51 -24.30 -2.21
N CYS B 181 41.04 -25.51 -1.95
CA CYS B 181 39.67 -25.76 -1.53
C CYS B 181 39.63 -26.53 -0.21
N GLN B 182 38.51 -26.42 0.50
CA GLN B 182 38.41 -26.91 1.86
C GLN B 182 38.56 -28.43 1.92
N LYS B 183 39.34 -28.91 2.89
CA LYS B 183 39.70 -30.32 3.02
C LYS B 183 38.65 -31.08 3.83
N MET B 184 37.53 -31.37 3.17
CA MET B 184 36.56 -32.30 3.73
C MET B 184 36.94 -33.74 3.36
N CYS B 185 36.18 -34.70 3.86
CA CYS B 185 36.44 -36.10 3.56
C CYS B 185 35.11 -36.85 3.56
N PRO B 186 35.07 -38.03 2.94
CA PRO B 186 33.80 -38.75 2.79
C PRO B 186 33.12 -39.11 4.10
N SER B 187 31.84 -39.48 3.99
CA SER B 187 31.01 -39.82 5.14
C SER B 187 31.57 -40.99 5.95
N THR B 188 32.36 -41.88 5.34
CA THR B 188 32.95 -42.97 6.10
C THR B 188 33.99 -42.48 7.10
N CYS B 189 34.49 -41.26 6.95
CA CYS B 189 35.25 -40.58 7.98
C CYS B 189 34.48 -39.42 8.58
N GLY B 190 33.15 -39.50 8.57
CA GLY B 190 32.31 -38.38 8.98
C GLY B 190 32.41 -37.99 10.44
N LYS B 191 33.08 -38.79 11.25
CA LYS B 191 33.41 -38.41 12.63
C LYS B 191 34.87 -38.71 12.90
N ARG B 192 35.70 -38.57 11.86
CA ARG B 192 37.12 -38.91 11.92
C ARG B 192 37.90 -37.84 11.17
N ALA B 193 39.22 -37.88 11.32
CA ALA B 193 40.08 -36.73 11.03
C ALA B 193 40.44 -36.56 9.56
N CYS B 194 40.06 -37.50 8.68
CA CYS B 194 40.41 -37.43 7.26
C CYS B 194 41.92 -37.47 7.02
N THR B 195 42.33 -37.49 5.76
CA THR B 195 43.73 -37.40 5.38
C THR B 195 43.86 -36.64 4.06
N GLU B 196 45.07 -36.18 3.77
CA GLU B 196 45.32 -35.60 2.44
C GLU B 196 45.19 -36.66 1.36
N ASN B 197 45.42 -37.93 1.69
CA ASN B 197 45.24 -39.04 0.77
C ASN B 197 43.83 -39.63 0.85
N ASN B 198 42.93 -38.97 1.57
CA ASN B 198 41.51 -39.36 1.67
C ASN B 198 41.31 -40.78 2.20
N GLU B 199 42.17 -41.21 3.11
CA GLU B 199 41.85 -42.34 3.98
C GLU B 199 41.47 -41.82 5.37
N CYS B 200 40.60 -42.56 6.05
CA CYS B 200 40.19 -42.18 7.40
C CYS B 200 41.34 -42.47 8.36
N CYS B 201 41.80 -41.44 9.09
CA CYS B 201 42.93 -41.56 9.98
C CYS B 201 42.48 -42.14 11.34
N HIS B 202 43.32 -42.01 12.36
CA HIS B 202 43.10 -42.67 13.63
C HIS B 202 41.82 -42.17 14.30
N PRO B 203 41.14 -43.04 15.05
CA PRO B 203 39.91 -42.60 15.75
C PRO B 203 40.13 -41.43 16.71
N GLU B 204 41.28 -41.38 17.39
CA GLU B 204 41.54 -40.34 18.39
C GLU B 204 42.20 -39.11 17.78
N CYS B 205 41.95 -38.84 16.50
CA CYS B 205 42.67 -37.83 15.74
C CYS B 205 41.75 -36.64 15.48
N LEU B 206 42.34 -35.46 15.33
CA LEU B 206 41.58 -34.23 15.19
C LEU B 206 41.93 -33.43 13.95
N GLY B 207 43.19 -33.45 13.53
CA GLY B 207 43.64 -32.59 12.46
C GLY B 207 43.73 -33.31 11.13
N SER B 208 44.93 -33.72 10.75
CA SER B 208 45.16 -34.30 9.43
C SER B 208 46.32 -35.28 9.53
N CYS B 209 46.41 -36.14 8.52
CA CYS B 209 47.49 -37.11 8.46
C CYS B 209 48.00 -37.18 7.03
N SER B 210 49.31 -37.33 6.88
CA SER B 210 49.92 -37.47 5.57
C SER B 210 49.89 -38.92 5.10
N ALA B 211 50.36 -39.83 5.96
CA ALA B 211 50.14 -41.24 5.75
C ALA B 211 48.67 -41.57 6.00
N PRO B 212 48.16 -42.66 5.42
CA PRO B 212 46.71 -42.90 5.51
C PRO B 212 46.21 -43.20 6.90
N ASP B 213 46.90 -44.04 7.66
CA ASP B 213 46.43 -44.35 9.02
C ASP B 213 47.58 -44.44 10.02
N ASN B 214 48.72 -43.80 9.74
CA ASN B 214 49.91 -43.95 10.58
C ASN B 214 49.73 -43.09 11.84
N ASP B 215 49.13 -43.73 12.85
CA ASP B 215 49.04 -43.11 14.17
C ASP B 215 50.42 -42.68 14.64
N THR B 216 50.45 -41.67 15.52
CA THR B 216 51.61 -40.85 15.88
C THR B 216 52.01 -39.91 14.75
N ALA B 217 51.15 -39.73 13.75
CA ALA B 217 51.37 -38.72 12.72
C ALA B 217 50.12 -37.85 12.53
N CYS B 218 49.34 -37.70 13.60
CA CYS B 218 48.22 -36.76 13.60
C CYS B 218 48.74 -35.35 13.84
N VAL B 219 48.54 -34.46 12.88
CA VAL B 219 49.03 -33.09 12.98
C VAL B 219 48.45 -32.39 14.20
N ALA B 220 47.24 -32.77 14.61
CA ALA B 220 46.65 -32.30 15.85
C ALA B 220 45.86 -33.45 16.46
N CYS B 221 45.98 -33.61 17.77
CA CYS B 221 45.32 -34.70 18.47
C CYS B 221 43.95 -34.27 18.96
N ARG B 222 42.99 -35.20 18.89
CA ARG B 222 41.76 -35.07 19.65
C ARG B 222 42.03 -35.46 21.09
N HIS B 223 41.23 -34.92 22.00
CA HIS B 223 41.47 -35.08 23.44
C HIS B 223 42.86 -34.56 23.79
N TYR B 224 43.79 -35.46 24.10
CA TYR B 224 45.08 -35.04 24.63
C TYR B 224 46.25 -35.66 23.87
N TYR B 225 47.31 -34.86 23.74
CA TYR B 225 48.57 -35.26 23.13
C TYR B 225 49.58 -35.64 24.20
N TYR B 226 50.45 -36.59 23.89
CA TYR B 226 51.50 -36.99 24.85
C TYR B 226 52.63 -37.69 24.12
N ALA B 227 53.84 -37.14 24.25
CA ALA B 227 55.08 -37.81 23.81
C ALA B 227 55.01 -38.28 22.36
N GLY B 228 54.29 -37.52 21.53
CA GLY B 228 54.19 -37.82 20.11
C GLY B 228 53.01 -38.68 19.71
N VAL B 229 52.16 -39.07 20.65
CA VAL B 229 50.99 -39.88 20.34
C VAL B 229 49.77 -39.24 20.98
N CYS B 230 48.63 -39.39 20.32
CA CYS B 230 47.35 -39.00 20.89
C CYS B 230 46.86 -40.05 21.87
N VAL B 231 45.97 -39.64 22.77
CA VAL B 231 45.42 -40.55 23.76
C VAL B 231 44.05 -40.02 24.20
N PRO B 232 43.05 -40.89 24.39
CA PRO B 232 41.74 -40.39 24.84
C PRO B 232 41.75 -39.86 26.26
N ALA B 233 42.60 -40.41 27.13
CA ALA B 233 42.80 -39.91 28.48
C ALA B 233 44.26 -40.16 28.84
N CYS B 234 44.83 -39.23 29.61
CA CYS B 234 46.27 -39.22 29.79
C CYS B 234 46.74 -40.51 30.48
N PRO B 235 47.87 -41.07 30.06
CA PRO B 235 48.40 -42.31 30.67
C PRO B 235 48.50 -42.18 32.18
N PRO B 236 48.51 -43.31 32.89
CA PRO B 236 48.27 -43.28 34.35
C PRO B 236 49.32 -42.51 35.14
N ASN B 237 50.50 -42.22 34.61
CA ASN B 237 51.47 -41.41 35.32
C ASN B 237 51.82 -40.15 34.54
N THR B 238 50.83 -39.61 33.84
CA THR B 238 50.91 -38.31 33.20
C THR B 238 49.64 -37.54 33.54
N TYR B 239 49.73 -36.22 33.47
CA TYR B 239 48.64 -35.37 33.94
C TYR B 239 48.27 -34.34 32.89
N ARG B 240 46.98 -34.05 32.80
CA ARG B 240 46.46 -33.13 31.79
C ARG B 240 46.91 -31.70 32.10
N PHE B 241 47.30 -30.96 31.06
CA PHE B 241 47.82 -29.61 31.26
C PHE B 241 47.44 -28.73 30.07
N GLU B 242 47.03 -27.49 30.38
CA GLU B 242 46.64 -26.48 29.39
C GLU B 242 45.67 -27.01 28.33
N GLY B 243 44.86 -27.98 28.70
CA GLY B 243 43.75 -28.44 27.88
C GLY B 243 44.10 -29.04 26.53
N TRP B 244 45.38 -29.33 26.27
CA TRP B 244 45.73 -29.99 25.02
C TRP B 244 46.70 -31.16 25.14
N ARG B 245 47.53 -31.24 26.18
CA ARG B 245 48.55 -32.28 26.24
C ARG B 245 48.72 -32.84 27.64
N CYS B 246 49.20 -34.07 27.69
CA CYS B 246 49.64 -34.69 28.92
C CYS B 246 51.11 -34.37 29.18
N VAL B 247 51.47 -34.26 30.45
CA VAL B 247 52.87 -34.05 30.82
C VAL B 247 53.24 -35.01 31.93
N ASP B 248 54.49 -35.46 31.88
CA ASP B 248 55.12 -36.01 33.07
C ASP B 248 55.37 -34.88 34.07
N ARG B 249 55.45 -35.24 35.35
CA ARG B 249 55.38 -34.25 36.42
C ARG B 249 56.44 -33.16 36.29
N ASP B 250 57.61 -33.49 35.73
CA ASP B 250 58.73 -32.56 35.72
C ASP B 250 58.52 -31.35 34.82
N PHE B 251 57.38 -31.24 34.12
CA PHE B 251 57.06 -29.97 33.45
C PHE B 251 56.17 -29.10 34.32
N CYS B 252 55.07 -29.64 34.83
CA CYS B 252 54.20 -28.89 35.72
C CYS B 252 54.91 -28.52 37.01
N ALA B 253 56.01 -29.20 37.34
CA ALA B 253 56.87 -28.79 38.45
C ALA B 253 57.84 -27.68 38.08
N ASN B 254 57.90 -27.29 36.80
CA ASN B 254 58.85 -26.28 36.34
C ASN B 254 58.15 -25.23 35.49
N ILE B 255 56.98 -24.77 35.94
CA ILE B 255 56.30 -23.62 35.37
C ILE B 255 56.39 -22.49 36.38
N LEU B 256 56.98 -21.37 35.98
CA LEU B 256 57.24 -20.29 36.91
C LEU B 256 55.97 -19.52 37.22
N GLU B 264 54.29 -19.86 42.01
CA GLU B 264 54.11 -20.85 43.08
C GLU B 264 54.04 -22.26 42.51
N GLY B 265 54.08 -22.38 41.19
CA GLY B 265 54.00 -23.67 40.54
C GLY B 265 52.59 -24.21 40.43
N PHE B 266 52.33 -24.97 39.37
CA PHE B 266 51.01 -25.52 39.14
C PHE B 266 50.77 -26.76 39.99
N VAL B 267 49.51 -26.93 40.43
CA VAL B 267 49.13 -28.06 41.27
C VAL B 267 48.74 -29.26 40.40
N ILE B 268 48.65 -30.43 41.05
CA ILE B 268 48.14 -31.64 40.40
C ILE B 268 46.89 -32.08 41.18
N HIS B 269 45.76 -32.17 40.49
CA HIS B 269 44.53 -32.64 41.11
C HIS B 269 43.56 -33.10 40.02
N ASP B 270 42.78 -34.14 40.33
CA ASP B 270 41.82 -34.74 39.39
C ASP B 270 42.48 -35.10 38.05
N GLY B 271 43.77 -35.42 38.08
CA GLY B 271 44.48 -35.78 36.87
C GLY B 271 44.75 -34.62 35.94
N GLU B 272 44.65 -33.39 36.44
CA GLU B 272 44.90 -32.19 35.65
C GLU B 272 45.76 -31.21 36.46
N CYS B 273 46.37 -30.29 35.72
CA CYS B 273 47.39 -29.39 36.24
C CYS B 273 46.94 -27.95 35.97
N MET B 274 46.73 -27.18 37.04
CA MET B 274 46.20 -25.81 36.96
C MET B 274 46.95 -24.92 37.94
N GLN B 275 46.62 -23.62 37.89
CA GLN B 275 47.34 -22.63 38.68
C GLN B 275 47.16 -22.84 40.19
N GLU B 276 46.00 -23.33 40.61
CA GLU B 276 45.70 -23.49 42.03
C GLU B 276 44.63 -24.55 42.19
N CYS B 277 44.60 -25.16 43.38
CA CYS B 277 43.61 -26.19 43.68
C CYS B 277 42.20 -25.60 43.57
N PRO B 278 41.23 -26.39 43.10
CA PRO B 278 39.86 -25.88 42.99
C PRO B 278 39.23 -25.64 44.34
N SER B 279 37.99 -25.18 44.35
CA SER B 279 37.29 -24.88 45.59
C SER B 279 37.20 -26.12 46.47
N GLY B 280 37.43 -25.91 47.77
CA GLY B 280 37.42 -26.98 48.74
C GLY B 280 38.75 -27.67 48.96
N PHE B 281 39.78 -27.33 48.19
CA PHE B 281 41.07 -27.99 48.28
C PHE B 281 42.17 -26.98 48.60
N ILE B 282 43.21 -27.48 49.27
CA ILE B 282 44.37 -26.68 49.66
C ILE B 282 45.62 -27.54 49.42
N ARG B 283 46.74 -26.88 49.18
CA ARG B 283 47.97 -27.61 48.87
C ARG B 283 48.51 -28.31 50.11
N ASN B 284 48.93 -29.56 49.93
CA ASN B 284 49.16 -30.49 51.05
C ASN B 284 50.38 -30.10 51.88
N GLY B 285 50.38 -30.53 53.13
CA GLY B 285 51.51 -30.28 54.00
C GLY B 285 52.66 -31.25 53.79
N SER B 286 53.86 -30.70 53.57
CA SER B 286 55.13 -31.41 53.44
C SER B 286 55.17 -32.21 52.14
N GLN B 287 54.04 -32.31 51.46
CA GLN B 287 53.99 -32.69 50.05
C GLN B 287 53.50 -31.50 49.25
N SER B 288 54.20 -30.36 49.33
CA SER B 288 53.61 -29.10 48.88
C SER B 288 53.56 -29.01 47.36
N MET B 289 52.94 -30.01 46.72
CA MET B 289 52.56 -29.96 45.32
C MET B 289 51.11 -30.41 45.12
N TYR B 290 50.70 -31.41 45.88
CA TYR B 290 49.39 -32.03 45.72
C TYR B 290 48.29 -31.23 46.43
N CYS B 291 47.07 -31.40 45.95
CA CYS B 291 45.89 -30.84 46.58
C CYS B 291 45.26 -31.85 47.52
N ILE B 292 44.69 -31.36 48.62
CA ILE B 292 44.05 -32.20 49.63
C ILE B 292 42.82 -31.45 50.11
N PRO B 293 41.70 -32.12 50.41
CA PRO B 293 40.52 -31.40 50.86
C PRO B 293 40.71 -30.82 52.26
N CYS B 294 40.20 -29.60 52.44
CA CYS B 294 40.29 -28.91 53.73
C CYS B 294 39.51 -29.64 54.81
N PRO B 297 36.43 -27.63 54.25
CA PRO B 297 36.06 -27.19 52.91
C PRO B 297 36.28 -25.69 52.69
N CYS B 298 37.47 -25.34 52.22
CA CYS B 298 37.83 -23.94 51.99
C CYS B 298 37.15 -23.42 50.72
N PRO B 299 36.28 -22.41 50.81
CA PRO B 299 35.63 -21.88 49.60
C PRO B 299 36.56 -20.92 48.86
N LYS B 300 36.69 -21.11 47.56
CA LYS B 300 37.57 -20.29 46.72
C LYS B 300 36.90 -18.96 46.40
N VAL B 301 37.32 -17.90 47.10
CA VAL B 301 36.80 -16.57 46.84
C VAL B 301 37.48 -15.96 45.62
N CYS B 302 36.72 -15.22 44.83
CA CYS B 302 37.24 -14.58 43.62
C CYS B 302 36.78 -13.13 43.59
N GLU B 303 37.53 -12.31 42.86
CA GLU B 303 37.35 -10.85 42.90
C GLU B 303 37.87 -10.25 41.60
N GLU B 304 37.57 -8.97 41.40
CA GLU B 304 38.05 -8.19 40.26
C GLU B 304 38.35 -6.77 40.73
N GLU B 305 39.24 -6.09 39.98
CA GLU B 305 39.55 -4.70 40.31
C GLU B 305 38.32 -3.82 40.23
N LYS B 306 37.52 -3.97 39.17
CA LYS B 306 36.20 -3.37 39.12
C LYS B 306 35.26 -4.18 40.01
N LYS B 307 34.58 -3.51 40.93
CA LYS B 307 33.69 -4.20 41.85
C LYS B 307 32.47 -4.79 41.15
N THR B 308 32.17 -4.37 39.92
CA THR B 308 31.14 -4.98 39.10
C THR B 308 31.80 -5.69 37.92
N LYS B 309 31.59 -7.01 37.84
CA LYS B 309 32.04 -7.79 36.69
C LYS B 309 30.88 -7.92 35.72
N THR B 310 31.04 -7.36 34.52
CA THR B 310 30.06 -7.56 33.46
C THR B 310 30.36 -8.86 32.73
N ILE B 311 29.34 -9.70 32.58
CA ILE B 311 29.46 -10.99 31.93
C ILE B 311 28.69 -10.90 30.62
N ASP B 312 29.39 -10.58 29.53
CA ASP B 312 28.81 -10.59 28.21
C ASP B 312 29.28 -11.78 27.38
N SER B 313 30.25 -12.54 27.86
CA SER B 313 30.88 -13.56 27.04
C SER B 313 31.44 -14.68 27.90
N VAL B 314 31.72 -15.79 27.23
CA VAL B 314 32.25 -16.96 27.92
C VAL B 314 33.61 -16.63 28.55
N THR B 315 34.35 -15.67 27.97
CA THR B 315 35.59 -15.24 28.60
C THR B 315 35.33 -14.55 29.95
N SER B 316 34.41 -13.59 29.95
CA SER B 316 34.13 -12.84 31.18
C SER B 316 33.54 -13.75 32.26
N ALA B 317 32.86 -14.82 31.86
CA ALA B 317 32.45 -15.83 32.83
C ALA B 317 33.58 -16.78 33.21
N GLN B 318 34.47 -17.09 32.26
CA GLN B 318 35.55 -18.04 32.45
C GLN B 318 36.64 -17.49 33.36
N MET B 319 36.68 -16.18 33.57
CA MET B 319 37.55 -15.66 34.61
C MET B 319 37.15 -16.14 36.00
N LEU B 320 35.95 -16.71 36.15
CA LEU B 320 35.47 -17.24 37.41
C LEU B 320 35.39 -18.77 37.43
N GLN B 321 36.02 -19.46 36.48
CA GLN B 321 35.94 -20.91 36.40
C GLN B 321 36.40 -21.58 37.69
N GLY B 322 35.50 -22.29 38.36
CA GLY B 322 35.81 -22.96 39.61
C GLY B 322 35.66 -22.13 40.85
N CYS B 323 35.26 -20.87 40.73
CA CYS B 323 35.03 -20.02 41.89
C CYS B 323 33.75 -20.43 42.60
N THR B 324 33.68 -20.12 43.90
CA THR B 324 32.51 -20.42 44.72
C THR B 324 31.87 -19.21 45.36
N ILE B 325 32.67 -18.24 45.80
CA ILE B 325 32.15 -16.99 46.36
C ILE B 325 32.71 -15.86 45.52
N PHE B 326 31.85 -14.97 45.06
CA PHE B 326 32.26 -13.86 44.21
C PHE B 326 32.14 -12.56 45.00
N LYS B 327 33.28 -11.92 45.25
CA LYS B 327 33.31 -10.59 45.85
C LYS B 327 33.08 -9.57 44.75
N GLY B 328 31.87 -9.04 44.68
CA GLY B 328 31.49 -8.09 43.65
C GLY B 328 30.10 -8.37 43.11
N ASN B 329 29.73 -7.57 42.12
CA ASN B 329 28.40 -7.63 41.52
C ASN B 329 28.47 -8.30 40.15
N LEU B 330 27.51 -9.19 39.88
CA LEU B 330 27.40 -9.83 38.58
C LEU B 330 26.45 -9.02 37.71
N LEU B 331 26.98 -8.39 36.66
CA LEU B 331 26.15 -7.72 35.66
C LEU B 331 26.06 -8.66 34.47
N ILE B 332 25.06 -9.55 34.51
CA ILE B 332 24.91 -10.57 33.47
C ILE B 332 24.31 -9.92 32.23
N ASN B 333 25.03 -10.05 31.10
CA ASN B 333 24.77 -9.21 29.94
C ASN B 333 24.83 -9.99 28.63
N ILE B 334 24.40 -11.25 28.65
CA ILE B 334 24.55 -12.14 27.49
C ILE B 334 23.54 -11.77 26.40
N ARG B 335 24.00 -11.02 25.39
CA ARG B 335 23.10 -10.48 24.39
C ARG B 335 22.88 -11.43 23.20
N ARG B 336 23.88 -12.21 22.81
CA ARG B 336 23.77 -13.02 21.60
C ARG B 336 24.35 -14.43 21.76
N GLY B 337 24.66 -14.87 22.97
CA GLY B 337 25.34 -16.13 23.21
C GLY B 337 24.48 -17.38 23.04
N ASN B 338 24.18 -17.74 21.79
CA ASN B 338 23.40 -18.94 21.52
C ASN B 338 24.01 -20.17 22.17
N ASN B 339 23.20 -20.87 22.95
CA ASN B 339 23.56 -22.16 23.57
C ASN B 339 24.73 -22.01 24.53
N ILE B 340 25.22 -20.79 24.78
CA ILE B 340 26.35 -20.63 25.69
C ILE B 340 25.93 -20.69 27.15
N ALA B 341 24.64 -20.92 27.43
CA ALA B 341 24.21 -21.20 28.80
C ALA B 341 24.88 -22.45 29.33
N SER B 342 25.20 -23.41 28.44
CA SER B 342 25.94 -24.59 28.86
C SER B 342 27.37 -24.25 29.30
N GLU B 343 27.98 -23.25 28.67
CA GLU B 343 29.32 -22.80 29.08
C GLU B 343 29.25 -21.96 30.35
N LEU B 344 28.24 -21.09 30.44
CA LEU B 344 28.04 -20.30 31.65
C LEU B 344 27.82 -21.21 32.84
N GLU B 345 27.11 -22.32 32.66
CA GLU B 345 26.98 -23.31 33.72
C GLU B 345 28.31 -23.93 34.07
N ASN B 346 29.15 -24.24 33.06
CA ASN B 346 30.45 -24.85 33.31
C ASN B 346 31.36 -23.94 34.12
N PHE B 347 31.26 -22.63 33.89
CA PHE B 347 32.11 -21.69 34.63
C PHE B 347 31.50 -21.30 35.97
N MET B 348 30.31 -20.69 35.94
CA MET B 348 29.70 -20.06 37.10
C MET B 348 28.80 -20.97 37.92
N GLY B 349 28.55 -22.20 37.47
CA GLY B 349 27.64 -23.07 38.19
C GLY B 349 28.19 -23.60 39.49
N LEU B 350 29.30 -23.01 39.96
CA LEU B 350 29.87 -23.32 41.24
C LEU B 350 29.90 -22.14 42.20
N ILE B 351 29.51 -20.94 41.76
CA ILE B 351 29.44 -19.79 42.65
C ILE B 351 28.19 -19.94 43.50
N GLU B 352 28.37 -20.36 44.76
CA GLU B 352 27.24 -20.47 45.68
C GLU B 352 26.79 -19.11 46.18
N VAL B 353 27.70 -18.14 46.28
CA VAL B 353 27.43 -16.86 46.92
C VAL B 353 27.90 -15.73 46.02
N VAL B 354 27.01 -14.79 45.72
CA VAL B 354 27.34 -13.51 45.13
C VAL B 354 27.22 -12.46 46.23
N THR B 355 28.33 -11.79 46.55
CA THR B 355 28.31 -10.85 47.67
C THR B 355 27.58 -9.57 47.32
N GLY B 356 27.76 -9.06 46.11
CA GLY B 356 27.10 -7.86 45.67
C GLY B 356 25.74 -8.16 45.07
N TYR B 357 25.26 -7.22 44.26
CA TYR B 357 24.00 -7.41 43.57
C TYR B 357 24.19 -8.25 42.31
N VAL B 358 23.08 -8.81 41.83
CA VAL B 358 23.03 -9.49 40.55
C VAL B 358 22.12 -8.70 39.63
N LYS B 359 22.66 -8.26 38.49
CA LYS B 359 21.91 -7.47 37.52
C LYS B 359 21.92 -8.20 36.19
N ILE B 360 20.75 -8.69 35.79
CA ILE B 360 20.55 -9.37 34.51
C ILE B 360 19.83 -8.36 33.61
N ARG B 361 20.61 -7.67 32.78
CA ARG B 361 20.10 -6.59 31.94
C ARG B 361 20.48 -6.84 30.49
N HIS B 362 19.50 -6.70 29.59
CA HIS B 362 19.67 -6.89 28.16
C HIS B 362 20.24 -8.27 27.83
N SER B 363 20.09 -9.24 28.73
CA SER B 363 20.64 -10.58 28.56
C SER B 363 19.68 -11.46 27.76
N HIS B 364 19.48 -11.09 26.50
CA HIS B 364 18.48 -11.74 25.65
C HIS B 364 18.78 -13.21 25.38
N ALA B 365 20.04 -13.64 25.53
CA ALA B 365 20.38 -15.02 25.24
C ALA B 365 19.90 -15.98 26.33
N LEU B 366 19.61 -15.47 27.52
CA LEU B 366 19.20 -16.30 28.65
C LEU B 366 17.71 -16.64 28.52
N VAL B 367 17.41 -17.86 28.09
CA VAL B 367 16.06 -18.38 28.26
C VAL B 367 15.79 -18.72 29.72
N SER B 368 16.81 -19.09 30.47
CA SER B 368 16.67 -19.40 31.88
C SER B 368 17.91 -18.95 32.63
N LEU B 369 17.71 -18.53 33.88
CA LEU B 369 18.81 -18.21 34.79
C LEU B 369 19.40 -19.46 35.45
N SER B 370 18.85 -20.64 35.14
CA SER B 370 19.25 -21.87 35.81
C SER B 370 20.72 -22.22 35.58
N PHE B 371 21.40 -21.58 34.62
CA PHE B 371 22.83 -21.77 34.48
C PHE B 371 23.58 -21.38 35.75
N LEU B 372 22.99 -20.56 36.60
CA LEU B 372 23.59 -20.27 37.89
C LEU B 372 23.35 -21.43 38.85
N LYS B 373 23.88 -22.60 38.47
CA LYS B 373 23.77 -23.79 39.31
C LYS B 373 24.44 -23.56 40.65
N ASN B 374 23.87 -24.16 41.69
CA ASN B 374 24.44 -24.16 43.04
C ASN B 374 24.47 -22.76 43.64
N LEU B 375 23.96 -21.76 42.94
CA LEU B 375 23.84 -20.43 43.54
C LEU B 375 22.86 -20.48 44.71
N ARG B 376 23.28 -19.91 45.84
CA ARG B 376 22.52 -20.06 47.07
C ARG B 376 22.18 -18.71 47.71
N LEU B 377 23.10 -17.75 47.64
CA LEU B 377 22.87 -16.45 48.26
C LEU B 377 23.32 -15.32 47.35
N ILE B 378 22.54 -14.25 47.35
CA ILE B 378 22.93 -12.99 46.73
C ILE B 378 22.87 -11.94 47.85
N LEU B 379 24.01 -11.70 48.48
CA LEU B 379 24.02 -11.01 49.77
C LEU B 379 23.68 -9.53 49.65
N GLY B 380 23.85 -8.93 48.49
CA GLY B 380 23.51 -7.52 48.34
C GLY B 380 24.32 -6.59 49.21
N GLU B 381 25.57 -6.94 49.49
CA GLU B 381 26.44 -6.07 50.28
C GLU B 381 26.84 -4.80 49.53
N GLU B 382 26.61 -4.76 48.22
CA GLU B 382 26.48 -3.52 47.47
C GLU B 382 25.19 -3.59 46.68
N GLN B 383 24.53 -2.44 46.51
CA GLN B 383 23.22 -2.39 45.89
C GLN B 383 23.19 -1.27 44.86
N LEU B 384 22.33 -1.44 43.86
CA LEU B 384 22.16 -0.45 42.81
C LEU B 384 21.38 0.75 43.33
N GLU B 385 21.34 1.81 42.51
CA GLU B 385 20.52 2.97 42.83
C GLU B 385 19.05 2.55 42.93
N GLY B 386 18.44 2.85 44.07
CA GLY B 386 17.17 2.27 44.42
C GLY B 386 17.27 1.09 45.38
N ASN B 387 18.47 0.81 45.91
CA ASN B 387 18.68 -0.21 46.93
C ASN B 387 18.33 -1.61 46.43
N TYR B 388 18.48 -1.85 45.12
CA TYR B 388 18.22 -3.15 44.55
C TYR B 388 19.44 -4.07 44.65
N SER B 389 19.19 -5.33 45.01
CA SER B 389 20.20 -6.37 45.02
C SER B 389 20.00 -7.43 43.95
N PHE B 390 18.79 -7.55 43.40
CA PHE B 390 18.51 -8.48 42.30
C PHE B 390 17.66 -7.71 41.29
N TYR B 391 18.30 -7.28 40.20
CA TYR B 391 17.72 -6.36 39.24
C TYR B 391 17.68 -7.04 37.88
N VAL B 392 16.49 -7.15 37.29
CA VAL B 392 16.27 -7.91 36.06
C VAL B 392 15.53 -7.01 35.08
N LEU B 393 16.21 -6.57 34.03
CA LEU B 393 15.67 -5.57 33.11
C LEU B 393 15.84 -6.00 31.66
N ASP B 394 14.76 -5.86 30.88
CA ASP B 394 14.81 -5.93 29.40
C ASP B 394 15.37 -7.25 28.90
N ASN B 395 15.10 -8.35 29.61
CA ASN B 395 15.51 -9.69 29.18
C ASN B 395 14.38 -10.31 28.37
N GLN B 396 14.44 -10.09 27.05
CA GLN B 396 13.39 -10.47 26.11
C GLN B 396 12.98 -11.94 26.18
N ASN B 397 13.94 -12.83 26.44
CA ASN B 397 13.69 -14.27 26.37
C ASN B 397 13.69 -14.97 27.73
N LEU B 398 13.85 -14.24 28.83
CA LEU B 398 13.98 -14.89 30.13
C LEU B 398 12.65 -15.51 30.55
N GLN B 399 12.70 -16.81 30.88
CA GLN B 399 11.51 -17.56 31.26
C GLN B 399 11.52 -18.06 32.70
N GLN B 400 12.70 -18.21 33.31
CA GLN B 400 12.77 -18.80 34.65
C GLN B 400 13.97 -18.23 35.39
N LEU B 401 13.75 -17.82 36.65
CA LEU B 401 14.80 -17.41 37.57
C LEU B 401 15.28 -18.55 38.45
N TRP B 402 15.30 -19.76 37.92
CA TRP B 402 15.30 -21.02 38.69
C TRP B 402 14.18 -20.88 39.71
N ASP B 403 14.45 -21.05 41.01
CA ASP B 403 13.45 -20.89 42.07
C ASP B 403 12.27 -21.84 41.90
N TRP B 404 12.39 -22.88 41.08
CA TRP B 404 11.41 -23.95 41.08
C TRP B 404 11.61 -24.81 42.34
N ASP B 405 10.81 -25.86 42.47
CA ASP B 405 10.74 -26.57 43.75
C ASP B 405 11.92 -27.53 43.92
N HIS B 406 13.14 -27.01 43.76
CA HIS B 406 14.34 -27.82 43.99
C HIS B 406 15.46 -27.10 44.71
N ARG B 407 15.44 -25.77 44.84
CA ARG B 407 16.57 -25.03 45.41
C ARG B 407 16.08 -23.67 45.86
N ASN B 408 16.57 -23.22 47.02
CA ASN B 408 16.12 -21.97 47.63
C ASN B 408 17.25 -20.94 47.67
N LEU B 409 16.98 -19.75 47.13
CA LEU B 409 17.87 -18.61 47.24
C LEU B 409 17.67 -17.86 48.55
N THR B 410 18.63 -17.02 48.89
CA THR B 410 18.48 -16.06 49.98
C THR B 410 19.14 -14.74 49.58
N ILE B 411 18.41 -13.65 49.74
CA ILE B 411 18.91 -12.30 49.49
C ILE B 411 18.98 -11.61 50.84
N LYS B 412 20.18 -11.54 51.43
CA LYS B 412 20.32 -11.02 52.78
C LYS B 412 19.87 -9.57 52.86
N ALA B 413 20.25 -8.75 51.89
CA ALA B 413 19.86 -7.35 51.85
C ALA B 413 19.58 -6.93 50.43
N GLY B 414 18.80 -5.85 50.29
CA GLY B 414 18.46 -5.32 48.98
C GLY B 414 17.11 -5.77 48.42
N LYS B 415 16.51 -4.89 47.62
CA LYS B 415 15.19 -5.11 47.04
C LYS B 415 15.31 -5.80 45.67
N MET B 416 14.20 -6.39 45.24
CA MET B 416 14.15 -7.01 43.92
C MET B 416 13.47 -6.08 42.91
N TYR B 417 13.90 -6.17 41.66
CA TYR B 417 13.34 -5.38 40.58
C TYR B 417 13.18 -6.25 39.34
N PHE B 418 12.04 -6.13 38.68
CA PHE B 418 11.74 -6.89 37.46
C PHE B 418 11.00 -5.97 36.51
N ALA B 419 11.59 -5.69 35.34
CA ALA B 419 10.94 -4.88 34.33
C ALA B 419 11.27 -5.41 32.95
N PHE B 420 10.26 -5.38 32.07
CA PHE B 420 10.39 -5.75 30.66
C PHE B 420 11.02 -7.13 30.48
N ASN B 421 10.39 -8.13 31.09
CA ASN B 421 10.75 -9.53 30.91
C ASN B 421 9.55 -10.25 30.30
N PRO B 422 9.30 -10.03 29.01
CA PRO B 422 7.99 -10.40 28.44
C PRO B 422 7.63 -11.87 28.58
N LYS B 423 8.58 -12.78 28.40
CA LYS B 423 8.30 -14.21 28.40
C LYS B 423 8.31 -14.82 29.80
N LEU B 424 8.55 -14.01 30.83
CA LEU B 424 8.72 -14.50 32.20
C LEU B 424 7.36 -14.49 32.90
N CYS B 425 6.84 -15.67 33.25
CA CYS B 425 5.59 -15.74 33.98
C CYS B 425 5.70 -14.97 35.29
N VAL B 426 4.73 -14.09 35.54
CA VAL B 426 4.74 -13.28 36.76
C VAL B 426 4.57 -14.15 38.00
N SER B 427 3.93 -15.31 37.84
CA SER B 427 3.91 -16.29 38.92
C SER B 427 5.31 -16.66 39.36
N GLU B 428 6.27 -16.68 38.43
CA GLU B 428 7.63 -17.00 38.81
C GLU B 428 8.27 -15.89 39.64
N ILE B 429 8.01 -14.62 39.30
CA ILE B 429 8.64 -13.56 40.07
C ILE B 429 8.00 -13.42 41.45
N TYR B 430 6.74 -13.86 41.60
CA TYR B 430 6.18 -13.93 42.96
C TYR B 430 6.65 -15.18 43.71
N ARG B 431 6.76 -16.30 43.00
CA ARG B 431 7.33 -17.50 43.58
C ARG B 431 8.77 -17.25 44.04
N MET B 432 9.47 -16.34 43.37
CA MET B 432 10.80 -15.96 43.81
C MET B 432 10.75 -15.27 45.16
N GLU B 433 9.75 -14.41 45.39
CA GLU B 433 9.55 -13.84 46.71
C GLU B 433 9.27 -14.93 47.73
N GLU B 434 8.48 -15.93 47.35
CA GLU B 434 8.20 -17.04 48.27
C GLU B 434 9.47 -17.83 48.62
N VAL B 435 10.28 -18.15 47.61
CA VAL B 435 11.44 -19.01 47.81
C VAL B 435 12.55 -18.27 48.52
N THR B 436 12.78 -17.00 48.18
CA THR B 436 13.89 -16.22 48.71
C THR B 436 13.58 -15.56 50.04
N GLY B 437 12.30 -15.43 50.41
CA GLY B 437 11.93 -14.70 51.60
C GLY B 437 11.94 -13.20 51.46
N THR B 438 12.00 -12.68 50.23
CA THR B 438 12.01 -11.25 49.98
C THR B 438 10.62 -10.63 49.94
N LYS B 439 9.61 -11.29 50.53
CA LYS B 439 8.25 -10.78 50.52
C LYS B 439 8.16 -9.37 51.10
N GLY B 440 8.99 -9.06 52.09
CA GLY B 440 8.92 -7.80 52.81
C GLY B 440 9.60 -6.61 52.14
N ARG B 441 10.15 -6.78 50.94
CA ARG B 441 10.97 -5.74 50.33
C ARG B 441 10.27 -4.97 49.21
N GLN B 442 9.61 -5.67 48.28
CA GLN B 442 9.25 -5.10 47.00
C GLN B 442 8.04 -4.18 47.07
N SER B 443 8.05 -3.17 46.19
CA SER B 443 6.90 -2.33 45.87
C SER B 443 6.24 -2.80 44.58
N LYS B 444 4.99 -2.38 44.38
CA LYS B 444 4.31 -2.67 43.13
C LYS B 444 4.98 -1.99 41.93
N GLY B 445 5.72 -0.90 42.17
CA GLY B 445 6.50 -0.30 41.11
C GLY B 445 7.75 -1.06 40.74
N ASP B 446 8.22 -1.94 41.62
CA ASP B 446 9.42 -2.72 41.36
C ASP B 446 9.13 -4.01 40.62
N ILE B 447 8.11 -4.76 41.05
CA ILE B 447 7.64 -5.94 40.35
C ILE B 447 6.32 -5.56 39.69
N ASN B 448 6.27 -5.65 38.37
CA ASN B 448 5.16 -5.13 37.58
C ASN B 448 4.43 -6.27 36.88
N THR B 449 3.10 -6.28 37.02
CA THR B 449 2.27 -7.18 36.23
C THR B 449 2.11 -6.72 34.79
N ARG B 450 2.55 -5.50 34.46
CA ARG B 450 2.36 -4.94 33.13
C ARG B 450 3.40 -5.44 32.14
N ASN B 451 4.69 -5.30 32.47
CA ASN B 451 5.77 -5.61 31.54
C ASN B 451 6.46 -6.94 31.85
N ASN B 452 5.98 -7.68 32.84
CA ASN B 452 6.45 -9.04 33.12
C ASN B 452 5.28 -9.99 32.97
N GLY B 453 5.50 -11.11 32.28
CA GLY B 453 4.39 -11.95 31.89
C GLY B 453 3.61 -11.46 30.70
N GLU B 454 4.12 -10.46 29.98
CA GLU B 454 3.42 -9.92 28.82
C GLU B 454 3.22 -10.96 27.72
N ARG B 455 4.12 -11.94 27.64
CA ARG B 455 4.07 -12.94 26.58
C ARG B 455 4.44 -14.32 27.14
N ALA B 456 4.06 -15.36 26.39
CA ALA B 456 4.49 -16.74 26.64
C ALA B 456 4.22 -17.20 28.07
N SER B 457 3.17 -16.68 28.71
CA SER B 457 2.91 -16.97 30.11
C SER B 457 2.46 -18.40 30.31
N CYS B 458 3.01 -19.06 31.33
CA CYS B 458 2.44 -20.31 31.81
C CYS B 458 1.13 -20.04 32.55
N GLU B 459 0.33 -21.10 32.73
CA GLU B 459 -1.05 -20.94 33.12
C GLU B 459 -1.51 -22.16 33.93
N SER B 460 -2.34 -21.91 34.96
CA SER B 460 -2.99 -22.98 35.71
C SER B 460 -4.50 -22.82 35.85
N ASP B 461 -5.02 -21.59 35.84
CA ASP B 461 -6.46 -21.37 35.98
C ASP B 461 -7.13 -21.40 34.62
N VAL B 462 -8.38 -21.87 34.59
CA VAL B 462 -9.07 -22.18 33.33
C VAL B 462 -10.43 -21.49 33.32
N LEU B 463 -10.76 -20.89 32.17
CA LEU B 463 -12.09 -20.38 31.88
C LEU B 463 -12.72 -21.26 30.80
N HIS B 464 -13.97 -21.66 31.00
CA HIS B 464 -14.66 -22.54 30.06
C HIS B 464 -15.71 -21.75 29.27
N PHE B 465 -15.77 -22.03 27.97
CA PHE B 465 -16.84 -21.51 27.12
C PHE B 465 -18.16 -22.19 27.50
N THR B 466 -19.06 -21.44 28.14
CA THR B 466 -20.33 -22.05 28.54
C THR B 466 -21.28 -22.19 27.36
N SER B 467 -21.31 -21.21 26.46
CA SER B 467 -22.15 -21.31 25.28
C SER B 467 -21.66 -20.35 24.21
N THR B 468 -22.01 -20.67 22.97
CA THR B 468 -21.68 -19.84 21.82
C THR B 468 -22.88 -19.76 20.89
N THR B 469 -22.92 -18.68 20.11
CA THR B 469 -23.96 -18.41 19.13
C THR B 469 -23.31 -17.73 17.94
N THR B 470 -23.89 -17.88 16.76
CA THR B 470 -23.20 -17.49 15.54
C THR B 470 -24.18 -16.89 14.55
N SER B 471 -23.70 -15.92 13.77
CA SER B 471 -24.46 -15.31 12.69
C SER B 471 -23.47 -14.92 11.59
N LYS B 472 -24.00 -14.29 10.53
CA LYS B 472 -23.17 -13.94 9.38
C LYS B 472 -22.01 -13.05 9.77
N ASN B 473 -22.28 -11.98 10.53
CA ASN B 473 -21.27 -11.00 10.90
C ASN B 473 -20.92 -11.02 12.39
N ARG B 474 -21.44 -11.99 13.14
CA ARG B 474 -21.38 -11.92 14.60
C ARG B 474 -20.99 -13.25 15.20
N ILE B 475 -20.37 -13.18 16.37
CA ILE B 475 -20.18 -14.31 17.27
C ILE B 475 -20.56 -13.87 18.68
N ILE B 476 -21.35 -14.69 19.37
CA ILE B 476 -21.75 -14.41 20.74
C ILE B 476 -21.16 -15.49 21.62
N ILE B 477 -20.45 -15.09 22.67
CA ILE B 477 -19.68 -16.03 23.48
C ILE B 477 -19.93 -15.77 24.95
N THR B 478 -20.09 -16.85 25.72
CA THR B 478 -20.29 -16.77 27.16
C THR B 478 -19.30 -17.69 27.86
N TRP B 479 -19.03 -17.38 29.13
CA TRP B 479 -18.14 -18.17 29.94
C TRP B 479 -18.60 -18.13 31.40
N HIS B 480 -17.99 -18.98 32.22
CA HIS B 480 -18.35 -19.06 33.63
C HIS B 480 -18.01 -17.76 34.37
N ARG B 481 -18.80 -17.47 35.41
CA ARG B 481 -18.53 -16.34 36.31
C ARG B 481 -17.41 -16.75 37.26
N TYR B 482 -16.17 -16.60 36.78
CA TYR B 482 -15.01 -16.95 37.57
C TYR B 482 -14.84 -15.98 38.73
N ARG B 483 -14.47 -16.52 39.89
CA ARG B 483 -14.10 -15.73 41.06
C ARG B 483 -13.39 -16.63 42.08
N PRO B 484 -12.27 -16.18 42.64
CA PRO B 484 -11.55 -16.99 43.62
C PRO B 484 -12.14 -16.81 45.01
N PRO B 485 -11.61 -17.49 46.03
CA PRO B 485 -12.05 -17.19 47.40
C PRO B 485 -11.81 -15.74 47.80
N ASP B 486 -10.82 -15.07 47.21
CA ASP B 486 -10.64 -13.63 47.40
C ASP B 486 -11.60 -12.91 46.46
N TYR B 487 -12.77 -12.56 47.00
CA TYR B 487 -13.79 -11.91 46.20
C TYR B 487 -13.47 -10.43 46.07
N ARG B 488 -12.32 -10.13 45.46
CA ARG B 488 -11.79 -8.77 45.48
C ARG B 488 -12.63 -7.82 44.65
N ASP B 489 -12.62 -8.00 43.32
CA ASP B 489 -13.05 -6.97 42.39
C ASP B 489 -14.10 -7.53 41.44
N LEU B 490 -14.66 -6.62 40.63
CA LEU B 490 -15.47 -6.97 39.48
C LEU B 490 -14.52 -7.39 38.36
N ILE B 491 -14.13 -8.67 38.40
CA ILE B 491 -13.07 -9.17 37.53
C ILE B 491 -13.46 -8.96 36.07
N SER B 492 -12.61 -8.25 35.34
CA SER B 492 -12.87 -7.84 33.97
C SER B 492 -12.33 -8.90 33.02
N PHE B 493 -13.19 -9.36 32.12
CA PHE B 493 -12.82 -10.44 31.20
C PHE B 493 -12.56 -9.84 29.83
N THR B 494 -11.37 -10.08 29.30
CA THR B 494 -10.97 -9.56 28.00
C THR B 494 -11.07 -10.69 26.99
N VAL B 495 -11.84 -10.49 25.92
CA VAL B 495 -11.96 -11.48 24.85
C VAL B 495 -11.02 -11.07 23.73
N TYR B 496 -10.06 -11.95 23.43
CA TYR B 496 -9.12 -11.73 22.34
C TYR B 496 -9.60 -12.53 21.15
N TYR B 497 -9.91 -11.83 20.04
CA TYR B 497 -10.37 -12.46 18.81
C TYR B 497 -9.46 -12.05 17.67
N LYS B 498 -9.10 -13.03 16.84
CA LYS B 498 -8.22 -12.80 15.70
C LYS B 498 -8.59 -13.76 14.57
N GLU B 499 -8.53 -13.29 13.33
CA GLU B 499 -8.75 -14.18 12.20
C GLU B 499 -7.72 -15.30 12.22
N ALA B 500 -8.22 -16.53 12.28
CA ALA B 500 -7.36 -17.70 12.33
C ALA B 500 -7.60 -18.54 11.09
N PRO B 501 -6.82 -18.34 10.00
CA PRO B 501 -7.01 -19.18 8.81
C PRO B 501 -6.75 -20.65 9.08
N PHE B 502 -5.90 -20.94 10.06
CA PHE B 502 -5.60 -22.30 10.47
C PHE B 502 -5.54 -22.32 12.00
N LYS B 503 -5.53 -23.52 12.58
CA LYS B 503 -5.55 -23.64 14.03
C LYS B 503 -4.17 -23.62 14.65
N ASN B 504 -3.13 -23.31 13.88
CA ASN B 504 -1.78 -23.14 14.42
C ASN B 504 -1.60 -21.68 14.89
N VAL B 505 -2.33 -21.36 15.96
CA VAL B 505 -2.39 -19.99 16.48
C VAL B 505 -1.88 -19.99 17.91
N THR B 506 -1.06 -18.99 18.25
CA THR B 506 -0.58 -18.80 19.61
C THR B 506 -1.64 -18.06 20.41
N GLU B 507 -1.31 -17.78 21.68
CA GLU B 507 -2.08 -16.83 22.48
C GLU B 507 -1.70 -15.43 22.00
N TYR B 508 -2.00 -14.40 22.80
CA TYR B 508 -1.38 -13.11 22.50
C TYR B 508 0.02 -13.11 23.10
N ASP B 509 0.79 -14.15 22.79
CA ASP B 509 2.17 -14.30 23.25
C ASP B 509 3.10 -13.70 22.20
N GLY B 510 2.89 -12.41 21.93
CA GLY B 510 3.68 -11.71 20.95
C GLY B 510 3.79 -10.24 21.30
N GLN B 511 4.85 -9.63 20.78
CA GLN B 511 5.06 -8.19 20.89
C GLN B 511 4.47 -7.45 19.69
N ASP B 512 3.78 -8.16 18.80
CA ASP B 512 3.16 -7.58 17.62
C ASP B 512 1.93 -6.78 18.05
N ALA B 513 2.18 -5.55 18.49
CA ALA B 513 1.09 -4.63 18.79
C ALA B 513 0.24 -4.37 17.55
N CYS B 514 0.88 -4.31 16.38
CA CYS B 514 0.17 -4.18 15.12
C CYS B 514 0.91 -4.91 14.01
N GLY B 515 0.15 -5.25 12.98
CA GLY B 515 0.68 -5.74 11.72
C GLY B 515 -0.12 -6.91 11.20
N SER B 516 -0.66 -6.76 9.98
CA SER B 516 -1.48 -7.78 9.35
C SER B 516 -2.57 -8.25 10.30
N ASN B 517 -2.58 -9.55 10.59
CA ASN B 517 -3.49 -10.14 11.56
C ASN B 517 -2.82 -10.14 12.93
N SER B 518 -3.30 -9.31 13.84
CA SER B 518 -2.87 -9.33 15.22
C SER B 518 -4.11 -9.45 16.10
N TRP B 519 -3.95 -10.13 17.23
CA TRP B 519 -5.09 -10.40 18.10
C TRP B 519 -5.76 -9.12 18.55
N ASN B 520 -6.99 -8.91 18.08
CA ASN B 520 -7.80 -7.81 18.57
C ASN B 520 -8.31 -8.15 19.97
N MET B 521 -8.49 -7.12 20.80
CA MET B 521 -8.96 -7.31 22.17
C MET B 521 -10.19 -6.46 22.39
N VAL B 522 -11.28 -7.09 22.81
CA VAL B 522 -12.49 -6.40 23.23
C VAL B 522 -12.67 -6.69 24.72
N ASP B 523 -12.61 -5.64 25.53
CA ASP B 523 -12.80 -5.85 26.95
C ASP B 523 -14.28 -5.91 27.27
N VAL B 524 -14.61 -6.70 28.30
CA VAL B 524 -15.97 -6.88 28.80
C VAL B 524 -15.87 -6.90 30.32
N ASP B 525 -16.97 -6.53 30.97
CA ASP B 525 -17.04 -6.53 32.42
C ASP B 525 -18.05 -7.57 32.87
N LEU B 526 -17.74 -8.23 33.99
CA LEU B 526 -18.67 -9.18 34.58
C LEU B 526 -19.94 -8.44 35.00
N PRO B 527 -21.12 -8.82 34.50
CA PRO B 527 -22.33 -8.09 34.86
C PRO B 527 -22.65 -8.28 36.33
N PRO B 528 -23.25 -7.27 36.98
CA PRO B 528 -23.64 -7.43 38.39
C PRO B 528 -24.64 -8.53 38.61
N ASN B 529 -25.53 -8.78 37.65
CA ASN B 529 -26.51 -9.86 37.78
C ASN B 529 -25.80 -11.21 37.80
N LYS B 530 -25.92 -11.92 38.92
CA LYS B 530 -25.13 -13.13 39.13
C LYS B 530 -25.63 -14.29 38.27
N ASP B 531 -26.90 -14.26 37.86
CA ASP B 531 -27.44 -15.35 37.04
C ASP B 531 -26.81 -15.37 35.65
N VAL B 532 -26.59 -14.19 35.06
CA VAL B 532 -26.15 -14.11 33.67
C VAL B 532 -24.67 -14.44 33.56
N GLU B 533 -24.33 -15.39 32.70
CA GLU B 533 -22.93 -15.65 32.40
C GLU B 533 -22.38 -14.51 31.53
N PRO B 534 -21.15 -14.05 31.81
CA PRO B 534 -20.59 -12.96 31.02
C PRO B 534 -20.48 -13.34 29.55
N GLY B 535 -20.78 -12.38 28.67
CA GLY B 535 -20.80 -12.64 27.26
C GLY B 535 -20.33 -11.45 26.46
N ILE B 536 -19.91 -11.75 25.23
CA ILE B 536 -19.48 -10.72 24.29
C ILE B 536 -20.16 -10.98 22.95
N LEU B 537 -20.71 -9.93 22.36
CA LEU B 537 -21.19 -9.94 20.99
C LEU B 537 -20.10 -9.38 20.07
N LEU B 538 -19.11 -10.23 19.77
CA LEU B 538 -18.08 -9.86 18.82
C LEU B 538 -18.74 -9.60 17.46
N HIS B 539 -18.46 -8.43 16.89
CA HIS B 539 -19.17 -7.93 15.72
C HIS B 539 -18.17 -7.26 14.79
N GLY B 540 -18.57 -7.10 13.54
CA GLY B 540 -17.68 -6.67 12.49
C GLY B 540 -16.92 -7.81 11.84
N LEU B 541 -17.14 -9.03 12.30
CA LEU B 541 -16.40 -10.19 11.79
C LEU B 541 -16.89 -10.52 10.39
N LYS B 542 -15.94 -10.96 9.54
CA LYS B 542 -16.30 -11.30 8.17
C LYS B 542 -17.04 -12.63 8.15
N PRO B 543 -17.92 -12.83 7.18
CA PRO B 543 -18.67 -14.09 7.10
C PRO B 543 -17.74 -15.27 6.82
N TRP B 544 -17.95 -16.35 7.54
CA TRP B 544 -17.33 -17.67 7.35
C TRP B 544 -15.88 -17.69 7.77
N THR B 545 -15.29 -16.56 8.20
CA THR B 545 -13.91 -16.58 8.61
C THR B 545 -13.79 -17.25 9.97
N GLN B 546 -12.72 -18.00 10.18
CA GLN B 546 -12.47 -18.65 11.45
C GLN B 546 -11.73 -17.69 12.37
N TYR B 547 -12.30 -17.44 13.55
CA TYR B 547 -11.76 -16.51 14.53
C TYR B 547 -11.37 -17.29 15.78
N ALA B 548 -10.10 -17.20 16.15
CA ALA B 548 -9.66 -17.66 17.45
C ALA B 548 -10.11 -16.64 18.51
N VAL B 549 -10.74 -17.15 19.56
CA VAL B 549 -11.21 -16.35 20.69
C VAL B 549 -10.71 -17.00 21.97
N TYR B 550 -10.07 -16.20 22.82
CA TYR B 550 -9.67 -16.68 24.14
C TYR B 550 -9.98 -15.61 25.18
N VAL B 551 -10.66 -16.03 26.25
CA VAL B 551 -11.00 -15.11 27.33
C VAL B 551 -9.83 -15.02 28.30
N LYS B 552 -9.77 -13.90 29.01
CA LYS B 552 -8.73 -13.66 30.00
C LYS B 552 -9.29 -12.79 31.11
N ALA B 553 -8.55 -12.71 32.22
CA ALA B 553 -9.01 -12.05 33.43
C ALA B 553 -8.13 -10.84 33.74
N VAL B 554 -8.71 -9.92 34.52
CA VAL B 554 -8.05 -8.67 34.91
C VAL B 554 -8.00 -8.59 36.43
N THR B 555 -6.92 -8.01 36.95
CA THR B 555 -6.75 -7.75 38.38
C THR B 555 -7.99 -7.09 39.00
N ILE B 564 -1.69 -14.69 42.61
CA ILE B 564 -2.44 -13.45 42.54
C ILE B 564 -3.71 -13.62 41.71
N ARG B 565 -3.56 -14.22 40.53
CA ARG B 565 -4.65 -14.34 39.57
C ARG B 565 -4.32 -15.37 38.50
N GLY B 566 -5.11 -15.41 37.43
CA GLY B 566 -4.97 -16.43 36.40
C GLY B 566 -6.09 -16.28 35.37
N ALA B 567 -6.80 -17.39 35.15
CA ALA B 567 -8.04 -17.40 34.38
C ALA B 567 -7.88 -17.04 32.91
N LYS B 568 -7.23 -17.92 32.15
CA LYS B 568 -7.23 -17.89 30.69
C LYS B 568 -8.16 -19.00 30.19
N SER B 569 -8.76 -18.80 29.04
CA SER B 569 -9.51 -19.89 28.40
C SER B 569 -8.66 -20.56 27.32
N GLU B 570 -9.10 -21.74 26.89
CA GLU B 570 -8.55 -22.34 25.69
C GLU B 570 -8.94 -21.51 24.46
N ILE B 571 -8.13 -21.63 23.41
CA ILE B 571 -8.47 -20.94 22.17
C ILE B 571 -9.62 -21.66 21.48
N LEU B 572 -10.70 -20.93 21.21
CA LEU B 572 -11.84 -21.46 20.47
C LEU B 572 -11.76 -20.93 19.05
N TYR B 573 -11.62 -21.84 18.09
CA TYR B 573 -11.52 -21.46 16.67
C TYR B 573 -12.92 -21.41 16.05
N ILE B 574 -13.75 -20.53 16.62
CA ILE B 574 -15.15 -20.49 16.22
C ILE B 574 -15.27 -19.84 14.85
N ARG B 575 -16.21 -20.34 14.06
CA ARG B 575 -16.39 -19.86 12.69
C ARG B 575 -17.74 -19.17 12.56
N THR B 576 -17.72 -17.97 12.01
CA THR B 576 -18.96 -17.26 11.71
C THR B 576 -19.75 -18.01 10.64
N ASN B 577 -21.06 -17.85 10.67
CA ASN B 577 -21.93 -18.56 9.74
C ASN B 577 -21.71 -18.03 8.32
N ALA B 578 -22.00 -18.89 7.35
CA ALA B 578 -21.80 -18.51 5.96
C ALA B 578 -22.80 -17.45 5.54
N SER B 579 -22.45 -16.72 4.48
CA SER B 579 -23.31 -15.73 3.88
C SER B 579 -23.25 -15.88 2.36
N VAL B 580 -24.13 -15.16 1.68
CA VAL B 580 -24.09 -15.17 0.21
C VAL B 580 -22.76 -14.61 -0.26
N PRO B 581 -22.05 -15.28 -1.17
CA PRO B 581 -20.72 -14.81 -1.55
C PRO B 581 -20.76 -13.45 -2.23
N SER B 582 -19.63 -12.77 -2.21
CA SER B 582 -19.47 -11.58 -3.04
C SER B 582 -19.40 -11.97 -4.52
N ILE B 583 -19.43 -10.97 -5.38
CA ILE B 583 -19.37 -11.18 -6.82
C ILE B 583 -18.08 -11.88 -7.20
N PRO B 584 -18.10 -12.85 -8.12
CA PRO B 584 -16.86 -13.40 -8.65
C PRO B 584 -16.08 -12.34 -9.43
N LEU B 585 -14.91 -11.97 -8.92
CA LEU B 585 -14.21 -10.79 -9.39
C LEU B 585 -13.60 -11.00 -10.77
N ASP B 586 -13.43 -9.88 -11.48
CA ASP B 586 -12.58 -9.79 -12.66
C ASP B 586 -12.90 -10.86 -13.71
N VAL B 587 -14.20 -10.97 -14.04
CA VAL B 587 -14.62 -11.93 -15.06
C VAL B 587 -14.10 -11.51 -16.42
N LEU B 588 -13.59 -12.49 -17.18
CA LEU B 588 -13.07 -12.30 -18.53
C LEU B 588 -13.56 -13.46 -19.39
N SER B 589 -13.53 -13.25 -20.71
CA SER B 589 -14.06 -14.26 -21.62
C SER B 589 -13.30 -14.23 -22.95
N ALA B 590 -13.40 -15.34 -23.68
CA ALA B 590 -12.79 -15.48 -25.00
C ALA B 590 -13.53 -16.56 -25.77
N SER B 591 -13.23 -16.66 -27.07
CA SER B 591 -13.83 -17.68 -27.92
C SER B 591 -12.77 -18.25 -28.86
N ASN B 592 -12.32 -19.47 -28.59
CA ASN B 592 -11.46 -20.17 -29.54
C ASN B 592 -12.25 -20.79 -30.68
N SER B 593 -13.56 -20.91 -30.55
CA SER B 593 -14.34 -21.73 -31.48
C SER B 593 -15.77 -21.21 -31.53
N SER B 594 -16.31 -21.12 -32.73
CA SER B 594 -17.74 -20.81 -32.87
C SER B 594 -18.56 -21.89 -32.16
N SER B 595 -19.69 -21.46 -31.60
CA SER B 595 -20.57 -22.25 -30.75
C SER B 595 -19.95 -22.60 -29.41
N GLN B 596 -18.82 -21.99 -29.06
CA GLN B 596 -18.20 -22.20 -27.74
C GLN B 596 -17.65 -20.89 -27.21
N LEU B 597 -17.61 -20.78 -25.88
CA LEU B 597 -17.00 -19.68 -25.15
C LEU B 597 -16.16 -20.24 -24.00
N ILE B 598 -15.05 -19.59 -23.70
CA ILE B 598 -14.29 -19.84 -22.47
C ILE B 598 -14.51 -18.65 -21.55
N VAL B 599 -14.90 -18.93 -20.30
CA VAL B 599 -15.15 -17.89 -19.32
C VAL B 599 -14.25 -18.16 -18.12
N LYS B 600 -13.63 -17.09 -17.60
CA LYS B 600 -12.68 -17.21 -16.51
C LYS B 600 -12.97 -16.10 -15.51
N TRP B 601 -12.74 -16.39 -14.23
CA TRP B 601 -12.95 -15.40 -13.18
C TRP B 601 -11.96 -15.71 -12.06
N ASN B 602 -12.17 -15.07 -10.90
CA ASN B 602 -11.36 -15.25 -9.71
C ASN B 602 -12.27 -15.65 -8.56
N PRO B 603 -11.73 -16.26 -7.52
CA PRO B 603 -12.49 -16.42 -6.29
C PRO B 603 -12.98 -15.07 -5.80
N PRO B 604 -14.22 -15.00 -5.30
CA PRO B 604 -14.80 -13.70 -4.96
C PRO B 604 -14.02 -12.99 -3.87
N SER B 605 -14.19 -11.66 -3.83
CA SER B 605 -13.53 -10.85 -2.81
C SER B 605 -13.80 -11.39 -1.41
N LEU B 606 -15.04 -11.78 -1.15
CA LEU B 606 -15.38 -12.51 0.07
C LEU B 606 -16.05 -13.82 -0.33
N PRO B 607 -15.40 -14.97 -0.15
CA PRO B 607 -16.10 -16.24 -0.42
C PRO B 607 -17.33 -16.45 0.44
N ASN B 608 -17.28 -16.02 1.70
CA ASN B 608 -18.35 -16.22 2.68
C ASN B 608 -18.75 -17.69 2.80
N GLY B 609 -17.85 -18.59 2.45
CA GLY B 609 -18.10 -20.02 2.57
C GLY B 609 -17.08 -20.79 1.76
N ASN B 610 -17.18 -22.11 1.85
CA ASN B 610 -16.43 -22.96 0.93
C ASN B 610 -17.00 -22.80 -0.47
N LEU B 611 -16.14 -22.43 -1.42
CA LEU B 611 -16.57 -22.23 -2.80
C LEU B 611 -16.86 -23.60 -3.43
N SER B 612 -17.95 -24.21 -2.95
CA SER B 612 -18.31 -25.55 -3.39
C SER B 612 -18.56 -25.61 -4.88
N TYR B 613 -19.20 -24.59 -5.44
CA TYR B 613 -19.42 -24.52 -6.88
C TYR B 613 -19.76 -23.08 -7.25
N TYR B 614 -19.45 -22.74 -8.50
CA TYR B 614 -19.92 -21.52 -9.14
C TYR B 614 -21.06 -21.89 -10.08
N ILE B 615 -22.18 -21.19 -9.97
CA ILE B 615 -23.21 -21.24 -11.00
C ILE B 615 -22.75 -20.37 -12.17
N VAL B 616 -22.96 -20.85 -13.38
CA VAL B 616 -22.73 -20.04 -14.57
C VAL B 616 -23.99 -20.07 -15.40
N ARG B 617 -24.54 -18.88 -15.67
CA ARG B 617 -25.73 -18.77 -16.50
C ARG B 617 -25.38 -17.92 -17.70
N TRP B 618 -25.94 -18.28 -18.85
CA TRP B 618 -25.72 -17.51 -20.06
C TRP B 618 -27.03 -17.38 -20.82
N GLN B 619 -27.17 -16.25 -21.51
CA GLN B 619 -28.39 -15.93 -22.24
C GLN B 619 -28.03 -15.16 -23.49
N ARG B 620 -28.71 -15.48 -24.59
CA ARG B 620 -28.50 -14.78 -25.85
C ARG B 620 -28.98 -13.33 -25.72
N GLN B 621 -28.11 -12.41 -26.07
CA GLN B 621 -28.63 -11.08 -26.36
C GLN B 621 -29.05 -11.01 -27.83
N PRO B 622 -30.20 -10.40 -28.12
CA PRO B 622 -30.58 -10.23 -29.52
C PRO B 622 -29.60 -9.32 -30.23
N GLN B 623 -29.46 -9.51 -31.54
CA GLN B 623 -28.68 -8.58 -32.33
C GLN B 623 -29.30 -7.19 -32.18
N ASP B 624 -28.44 -6.18 -32.03
CA ASP B 624 -28.92 -4.84 -31.69
C ASP B 624 -30.00 -4.39 -32.66
N GLY B 625 -31.10 -3.87 -32.11
CA GLY B 625 -32.28 -3.59 -32.92
C GLY B 625 -32.00 -2.63 -34.06
N TYR B 626 -31.09 -1.67 -33.83
CA TYR B 626 -30.79 -0.70 -34.88
C TYR B 626 -30.13 -1.36 -36.08
N LEU B 627 -29.57 -2.56 -35.90
CA LEU B 627 -28.96 -3.27 -37.03
C LEU B 627 -30.01 -3.67 -38.06
N TYR B 628 -31.25 -3.90 -37.62
CA TYR B 628 -32.36 -4.19 -38.53
C TYR B 628 -32.95 -2.95 -39.17
N ARG B 629 -32.63 -1.77 -38.62
CA ARG B 629 -33.22 -0.51 -39.06
C ARG B 629 -32.28 0.37 -39.88
N HIS B 630 -30.96 0.17 -39.75
CA HIS B 630 -30.00 1.21 -40.11
C HIS B 630 -29.99 1.53 -41.60
N ASN B 631 -30.24 0.54 -42.46
CA ASN B 631 -30.06 0.71 -43.91
C ASN B 631 -28.62 1.09 -44.23
N TYR B 632 -27.73 0.14 -43.94
CA TYR B 632 -26.29 0.36 -43.95
C TYR B 632 -25.74 0.82 -45.31
N CYS B 633 -26.56 0.92 -46.34
CA CYS B 633 -26.12 1.46 -47.61
C CYS B 633 -26.30 2.96 -47.71
N SER B 634 -26.67 3.61 -46.61
CA SER B 634 -26.73 5.05 -46.53
C SER B 634 -25.33 5.63 -46.30
N LYS B 635 -25.26 6.96 -46.37
CA LYS B 635 -23.99 7.69 -46.29
C LYS B 635 -23.53 7.87 -44.84
N ASP B 636 -22.21 7.99 -44.68
CA ASP B 636 -21.59 8.44 -43.44
C ASP B 636 -20.25 9.09 -43.78
N LYS B 637 -19.72 9.87 -42.82
CA LYS B 637 -18.69 10.85 -43.12
C LYS B 637 -17.30 10.55 -42.52
N ILE B 638 -17.20 9.63 -41.57
CA ILE B 638 -15.91 9.19 -40.99
C ILE B 638 -15.02 10.36 -40.57
N PRO B 639 -15.48 11.26 -39.70
CA PRO B 639 -14.60 12.37 -39.29
C PRO B 639 -13.64 11.93 -38.18
N ILE B 640 -12.35 12.13 -38.41
CA ILE B 640 -11.31 11.85 -37.42
C ILE B 640 -10.29 12.98 -37.46
N ARG B 641 -9.60 13.17 -36.34
CA ARG B 641 -8.49 14.12 -36.20
C ARG B 641 -8.90 15.54 -36.55
N LYS B 674 2.78 7.97 -2.72
CA LYS B 674 1.58 8.70 -3.12
C LYS B 674 1.24 9.77 -2.10
N THR B 675 1.02 11.00 -2.58
CA THR B 675 0.71 12.10 -1.68
C THR B 675 -0.74 12.01 -1.20
N GLU B 676 -1.07 12.92 -0.29
CA GLU B 676 -2.40 12.94 0.31
C GLU B 676 -3.49 13.11 -0.75
N ALA B 677 -3.23 13.85 -1.82
CA ALA B 677 -4.25 14.06 -2.85
C ALA B 677 -4.52 12.77 -3.63
N GLU B 678 -3.46 12.05 -4.01
CA GLU B 678 -3.67 10.78 -4.69
C GLU B 678 -4.36 9.77 -3.79
N LYS B 679 -3.98 9.72 -2.52
CA LYS B 679 -4.63 8.80 -1.59
C LYS B 679 -6.09 9.15 -1.39
N GLN B 680 -6.42 10.45 -1.32
CA GLN B 680 -7.80 10.88 -1.20
C GLN B 680 -8.62 10.49 -2.42
N ALA B 681 -8.06 10.65 -3.62
CA ALA B 681 -8.78 10.28 -4.83
C ALA B 681 -9.04 8.77 -4.87
N GLU B 682 -8.04 7.97 -4.49
CA GLU B 682 -8.26 6.53 -4.46
C GLU B 682 -9.28 6.14 -3.39
N LYS B 683 -9.29 6.83 -2.25
CA LYS B 683 -10.26 6.52 -1.21
C LYS B 683 -11.68 6.89 -1.64
N GLU B 684 -11.83 8.00 -2.38
CA GLU B 684 -13.15 8.34 -2.91
C GLU B 684 -13.64 7.29 -3.88
N GLU B 685 -12.75 6.82 -4.78
CA GLU B 685 -13.14 5.73 -5.68
C GLU B 685 -13.50 4.48 -4.89
N ALA B 686 -12.78 4.21 -3.80
CA ALA B 686 -13.06 3.05 -2.97
C ALA B 686 -14.45 3.12 -2.36
N GLU B 687 -14.82 4.29 -1.82
CA GLU B 687 -16.15 4.45 -1.26
C GLU B 687 -17.22 4.29 -2.33
N TYR B 688 -16.96 4.84 -3.53
CA TYR B 688 -17.90 4.68 -4.63
C TYR B 688 -18.15 3.21 -4.96
N ARG B 689 -17.08 2.41 -5.00
CA ARG B 689 -17.26 0.98 -5.24
C ARG B 689 -17.99 0.31 -4.09
N LYS B 690 -17.67 0.70 -2.85
CA LYS B 690 -18.22 0.03 -1.68
C LYS B 690 -19.72 0.24 -1.55
N VAL B 691 -20.24 1.40 -1.97
CA VAL B 691 -21.68 1.59 -1.86
C VAL B 691 -22.44 0.60 -2.76
N PHE B 692 -21.92 0.34 -3.97
CA PHE B 692 -22.61 -0.60 -4.86
C PHE B 692 -22.41 -2.04 -4.42
N GLU B 693 -21.26 -2.35 -3.81
CA GLU B 693 -21.12 -3.68 -3.21
C GLU B 693 -22.13 -3.85 -2.07
N ASN B 694 -22.31 -2.83 -1.23
CA ASN B 694 -23.34 -2.88 -0.21
C ASN B 694 -24.72 -3.03 -0.82
N PHE B 695 -24.91 -2.53 -2.04
CA PHE B 695 -26.17 -2.72 -2.74
C PHE B 695 -26.39 -4.20 -3.09
N LEU B 696 -25.47 -4.77 -3.89
CA LEU B 696 -25.76 -6.09 -4.46
C LEU B 696 -25.36 -7.26 -3.55
N HIS B 697 -24.65 -7.04 -2.44
CA HIS B 697 -24.41 -8.18 -1.55
C HIS B 697 -25.62 -8.50 -0.69
N ASN B 698 -26.60 -7.60 -0.65
CA ASN B 698 -27.91 -7.90 -0.09
C ASN B 698 -28.86 -8.50 -1.13
N SER B 699 -28.38 -8.68 -2.36
CA SER B 699 -29.14 -9.35 -3.41
C SER B 699 -28.67 -10.79 -3.54
N ILE B 700 -29.61 -11.72 -3.61
CA ILE B 700 -29.33 -13.15 -3.61
C ILE B 700 -30.02 -13.78 -4.80
N PHE B 701 -29.42 -14.83 -5.35
CA PHE B 701 -30.00 -15.57 -6.48
C PHE B 701 -30.33 -16.99 -6.03
N VAL B 702 -31.57 -17.41 -6.25
CA VAL B 702 -32.01 -18.75 -5.87
C VAL B 702 -31.81 -19.67 -7.08
N PRO B 703 -30.94 -20.68 -6.99
CA PRO B 703 -30.69 -21.55 -8.14
C PRO B 703 -31.92 -22.33 -8.56
N ARG B 704 -31.86 -22.83 -9.79
CA ARG B 704 -32.97 -23.60 -10.36
C ARG B 704 -33.17 -24.90 -9.60
N PRO B 705 -34.40 -25.21 -9.15
CA PRO B 705 -34.73 -26.46 -8.46
C PRO B 705 -34.47 -27.70 -9.32
N LEU B 741 -38.22 -9.82 -35.96
CA LEU B 741 -38.15 -11.26 -36.16
C LEU B 741 -37.48 -11.96 -34.97
N GLU B 742 -36.87 -11.17 -34.09
CA GLU B 742 -36.21 -11.71 -32.91
C GLU B 742 -36.51 -10.83 -31.71
N THR B 743 -36.97 -11.45 -30.61
CA THR B 743 -37.27 -10.67 -29.41
C THR B 743 -36.46 -11.05 -28.18
N GLU B 744 -36.52 -12.31 -27.76
CA GLU B 744 -36.05 -12.70 -26.43
C GLU B 744 -35.74 -14.19 -26.41
N TYR B 745 -34.85 -14.59 -25.51
CA TYR B 745 -34.32 -15.95 -25.46
C TYR B 745 -34.27 -16.45 -24.02
N PRO B 746 -34.34 -17.77 -23.82
CA PRO B 746 -34.31 -18.31 -22.46
C PRO B 746 -32.91 -18.41 -21.89
N PHE B 747 -32.85 -18.55 -20.57
CA PHE B 747 -31.59 -18.71 -19.85
C PHE B 747 -31.08 -20.15 -19.93
N PHE B 748 -29.77 -20.29 -19.80
CA PHE B 748 -29.11 -21.59 -19.65
C PHE B 748 -28.20 -21.53 -18.42
N GLU B 749 -27.97 -22.70 -17.81
CA GLU B 749 -27.41 -22.76 -16.46
C GLU B 749 -26.52 -23.99 -16.31
N SER B 750 -25.44 -23.84 -15.54
CA SER B 750 -24.50 -24.92 -15.25
C SER B 750 -23.94 -24.78 -13.84
N ARG B 751 -23.77 -25.91 -13.16
CA ARG B 751 -22.94 -25.96 -11.95
C ARG B 751 -21.52 -26.35 -12.35
N VAL B 752 -20.54 -25.49 -12.09
CA VAL B 752 -19.13 -25.82 -12.29
C VAL B 752 -18.45 -25.80 -10.93
N ASP B 753 -17.85 -26.93 -10.55
CA ASP B 753 -17.33 -27.06 -9.20
C ASP B 753 -15.82 -27.12 -9.10
N ASN B 754 -15.12 -27.38 -10.21
CA ASN B 754 -13.68 -27.63 -10.14
C ASN B 754 -12.85 -26.36 -9.91
N LYS B 755 -12.89 -25.42 -10.83
CA LYS B 755 -11.98 -24.28 -10.82
C LYS B 755 -12.67 -23.05 -11.37
N GLU B 756 -11.97 -21.91 -11.29
CA GLU B 756 -12.49 -20.64 -11.75
C GLU B 756 -12.30 -20.49 -13.26
N ARG B 757 -12.77 -21.48 -14.03
CA ARG B 757 -12.79 -21.42 -15.48
C ARG B 757 -13.80 -22.42 -15.98
N THR B 758 -14.46 -22.09 -17.10
CA THR B 758 -15.44 -23.00 -17.66
C THR B 758 -15.50 -22.84 -19.17
N VAL B 759 -15.99 -23.89 -19.83
CA VAL B 759 -16.25 -23.92 -21.26
C VAL B 759 -17.75 -24.05 -21.46
N ILE B 760 -18.35 -23.09 -22.14
CA ILE B 760 -19.77 -23.09 -22.44
C ILE B 760 -19.93 -23.46 -23.91
N SER B 761 -20.77 -24.44 -24.19
CA SER B 761 -20.79 -25.08 -25.50
C SER B 761 -22.21 -25.11 -26.06
N ASN B 762 -22.30 -25.50 -27.33
CA ASN B 762 -23.54 -25.58 -28.10
C ASN B 762 -24.15 -24.21 -28.36
N LEU B 763 -23.35 -23.15 -28.36
CA LEU B 763 -23.86 -21.79 -28.49
C LEU B 763 -24.19 -21.44 -29.94
N ARG B 764 -24.97 -20.37 -30.11
CA ARG B 764 -25.24 -19.81 -31.42
C ARG B 764 -24.00 -19.10 -31.96
N PRO B 765 -23.71 -19.19 -33.26
CA PRO B 765 -22.49 -18.55 -33.78
C PRO B 765 -22.53 -17.03 -33.65
N PHE B 766 -21.39 -16.47 -33.27
CA PHE B 766 -21.14 -15.03 -33.20
C PHE B 766 -22.19 -14.28 -32.38
N THR B 767 -22.87 -14.96 -31.47
CA THR B 767 -23.93 -14.35 -30.67
C THR B 767 -23.37 -13.82 -29.35
N LEU B 768 -23.80 -12.62 -28.99
CA LEU B 768 -23.45 -12.04 -27.70
C LEU B 768 -24.25 -12.73 -26.60
N TYR B 769 -23.55 -13.17 -25.57
CA TYR B 769 -24.13 -13.88 -24.43
C TYR B 769 -23.79 -13.11 -23.17
N ARG B 770 -24.80 -12.88 -22.32
CA ARG B 770 -24.52 -12.41 -20.98
C ARG B 770 -24.13 -13.59 -20.09
N ILE B 771 -22.87 -13.61 -19.66
CA ILE B 771 -22.36 -14.65 -18.78
C ILE B 771 -22.47 -14.12 -17.36
N ASP B 772 -23.56 -14.49 -16.69
CA ASP B 772 -23.82 -14.22 -15.28
C ASP B 772 -23.11 -15.30 -14.46
N ILE B 773 -21.96 -14.95 -13.90
CA ILE B 773 -21.27 -15.83 -12.97
C ILE B 773 -21.80 -15.58 -11.57
N HIS B 774 -22.30 -16.62 -10.93
CA HIS B 774 -22.90 -16.55 -9.60
C HIS B 774 -22.04 -17.41 -8.68
N SER B 775 -21.11 -16.79 -7.96
CA SER B 775 -20.34 -17.51 -6.95
C SER B 775 -21.28 -18.08 -5.90
N CYS B 776 -21.03 -19.33 -5.50
CA CYS B 776 -21.93 -20.04 -4.60
C CYS B 776 -21.11 -20.82 -3.58
N ASN B 777 -21.76 -21.24 -2.50
CA ASN B 777 -21.06 -21.93 -1.43
C ASN B 777 -21.95 -23.03 -0.85
N HIS B 778 -21.41 -23.73 0.15
CA HIS B 778 -22.08 -24.89 0.74
C HIS B 778 -23.45 -24.56 1.30
N GLU B 779 -23.67 -23.33 1.77
CA GLU B 779 -24.96 -22.96 2.32
C GLU B 779 -25.90 -22.37 1.27
N ALA B 780 -25.65 -22.67 -0.01
CA ALA B 780 -26.55 -22.25 -1.08
C ALA B 780 -27.97 -22.75 -0.87
N GLU B 781 -28.12 -23.96 -0.32
CA GLU B 781 -29.44 -24.54 -0.13
C GLU B 781 -30.33 -23.68 0.76
N LYS B 782 -29.72 -22.84 1.60
CA LYS B 782 -30.44 -21.96 2.50
C LYS B 782 -30.38 -20.49 2.09
N LEU B 783 -29.28 -20.06 1.46
CA LEU B 783 -29.06 -18.64 1.22
C LEU B 783 -29.01 -18.23 -0.25
N GLY B 784 -28.74 -19.16 -1.17
CA GLY B 784 -28.61 -18.84 -2.57
C GLY B 784 -27.21 -18.37 -2.94
N CYS B 785 -26.98 -18.30 -4.25
CA CYS B 785 -25.72 -17.86 -4.80
C CYS B 785 -25.66 -16.33 -4.87
N SER B 786 -24.45 -15.84 -5.14
CA SER B 786 -24.20 -14.41 -5.26
C SER B 786 -24.92 -13.82 -6.46
N ALA B 787 -25.29 -12.54 -6.35
CA ALA B 787 -25.76 -11.80 -7.51
C ALA B 787 -24.68 -11.78 -8.58
N SER B 788 -25.10 -11.80 -9.84
CA SER B 788 -24.20 -12.08 -10.94
C SER B 788 -23.17 -10.98 -11.14
N ASN B 789 -21.93 -11.38 -11.41
CA ASN B 789 -20.94 -10.49 -12.01
C ASN B 789 -20.91 -10.81 -13.50
N PHE B 790 -21.65 -10.04 -14.28
CA PHE B 790 -21.88 -10.37 -15.68
C PHE B 790 -20.70 -9.96 -16.55
N VAL B 791 -20.53 -10.67 -17.66
CA VAL B 791 -19.68 -10.20 -18.75
C VAL B 791 -20.38 -10.51 -20.06
N PHE B 792 -20.33 -9.57 -21.00
CA PHE B 792 -20.99 -9.74 -22.29
C PHE B 792 -19.96 -10.25 -23.29
N ALA B 793 -20.02 -11.54 -23.58
CA ALA B 793 -19.01 -12.22 -24.40
C ALA B 793 -19.62 -12.58 -25.75
N ARG B 794 -18.88 -12.30 -26.82
CA ARG B 794 -19.33 -12.61 -28.17
C ARG B 794 -18.57 -13.83 -28.69
N THR B 795 -19.33 -14.82 -29.14
CA THR B 795 -18.74 -16.00 -29.78
C THR B 795 -18.01 -15.57 -31.05
N MET B 796 -16.91 -16.26 -31.36
CA MET B 796 -16.18 -15.96 -32.58
C MET B 796 -17.01 -16.37 -33.80
N PRO B 797 -16.83 -15.70 -34.93
CA PRO B 797 -17.63 -16.05 -36.12
C PRO B 797 -17.25 -17.42 -36.67
N ALA B 798 -18.27 -18.14 -37.12
CA ALA B 798 -18.05 -19.41 -37.81
C ALA B 798 -17.63 -19.12 -39.25
N GLU B 799 -16.36 -19.34 -39.56
CA GLU B 799 -15.88 -19.11 -40.91
C GLU B 799 -16.57 -20.04 -41.90
N GLY B 800 -16.96 -19.49 -43.04
CA GLY B 800 -17.75 -20.25 -44.00
C GLY B 800 -19.19 -20.44 -43.63
N ALA B 801 -19.73 -19.57 -42.77
CA ALA B 801 -21.13 -19.64 -42.37
C ALA B 801 -21.91 -18.39 -42.73
N ASP B 802 -21.26 -17.34 -43.22
CA ASP B 802 -21.97 -16.15 -43.68
C ASP B 802 -21.70 -15.82 -45.13
N ASP B 803 -20.86 -16.59 -45.82
CA ASP B 803 -20.83 -16.55 -47.27
C ASP B 803 -22.10 -17.20 -47.83
N ILE B 804 -22.53 -16.73 -48.99
CA ILE B 804 -23.82 -17.16 -49.54
C ILE B 804 -23.81 -18.66 -49.75
N PRO B 805 -24.83 -19.40 -49.29
CA PRO B 805 -24.74 -20.87 -49.28
C PRO B 805 -25.04 -21.52 -50.62
N GLY B 806 -25.03 -20.74 -51.70
CA GLY B 806 -25.33 -21.30 -53.00
C GLY B 806 -24.96 -20.39 -54.15
N PRO B 807 -25.12 -20.89 -55.37
CA PRO B 807 -24.77 -20.09 -56.55
C PRO B 807 -25.77 -18.96 -56.76
N VAL B 808 -25.23 -17.77 -57.07
CA VAL B 808 -26.09 -16.63 -57.38
C VAL B 808 -26.83 -16.88 -58.69
N THR B 809 -28.08 -16.44 -58.76
CA THR B 809 -28.91 -16.53 -59.95
C THR B 809 -29.22 -15.12 -60.43
N TRP B 810 -29.49 -14.98 -61.72
CA TRP B 810 -29.76 -13.66 -62.30
C TRP B 810 -30.93 -13.72 -63.28
N GLU B 811 -31.55 -12.56 -63.49
CA GLU B 811 -32.67 -12.37 -64.40
C GLU B 811 -32.47 -11.10 -65.23
N PRO B 812 -32.88 -11.09 -66.48
CA PRO B 812 -33.02 -9.82 -67.20
C PRO B 812 -34.27 -9.08 -66.74
N ARG B 813 -34.21 -7.76 -66.80
CA ARG B 813 -35.27 -6.91 -66.28
C ARG B 813 -35.54 -5.80 -67.27
N PRO B 814 -36.71 -5.17 -67.19
CA PRO B 814 -37.02 -4.07 -68.12
C PRO B 814 -36.09 -2.89 -67.92
N GLU B 815 -35.94 -2.11 -68.99
CA GLU B 815 -35.11 -0.91 -69.02
C GLU B 815 -33.65 -1.24 -68.72
N ASN B 816 -33.09 -2.12 -69.56
CA ASN B 816 -31.67 -2.49 -69.56
C ASN B 816 -31.13 -2.67 -68.14
N SER B 817 -31.81 -3.52 -67.38
CA SER B 817 -31.49 -3.78 -65.98
C SER B 817 -31.38 -5.27 -65.73
N ILE B 818 -30.74 -5.62 -64.62
CA ILE B 818 -30.53 -7.00 -64.22
C ILE B 818 -31.03 -7.16 -62.80
N PHE B 819 -31.49 -8.35 -62.45
CA PHE B 819 -31.76 -8.69 -61.06
C PHE B 819 -30.84 -9.83 -60.63
N LEU B 820 -30.16 -9.65 -59.50
CA LEU B 820 -29.36 -10.70 -58.89
C LEU B 820 -30.12 -11.23 -57.67
N LYS B 821 -30.23 -12.54 -57.57
CA LYS B 821 -30.95 -13.22 -56.51
C LYS B 821 -30.04 -14.26 -55.87
N TRP B 822 -30.03 -14.29 -54.53
CA TRP B 822 -29.14 -15.17 -53.81
C TRP B 822 -29.76 -15.52 -52.47
N PRO B 823 -29.59 -16.74 -51.98
CA PRO B 823 -30.14 -17.11 -50.67
C PRO B 823 -29.41 -16.41 -49.52
N GLU B 824 -30.16 -16.15 -48.46
CA GLU B 824 -29.56 -15.67 -47.22
C GLU B 824 -28.86 -16.83 -46.50
N PRO B 825 -27.67 -16.59 -45.93
CA PRO B 825 -26.98 -17.66 -45.20
C PRO B 825 -27.84 -18.22 -44.07
N GLU B 826 -27.74 -19.54 -43.87
CA GLU B 826 -28.63 -20.23 -42.95
C GLU B 826 -28.43 -19.76 -41.51
N ASN B 827 -27.18 -19.58 -41.09
CA ASN B 827 -26.85 -19.12 -39.75
C ASN B 827 -25.77 -18.05 -39.84
N PRO B 828 -26.13 -16.85 -40.28
CA PRO B 828 -25.13 -15.79 -40.44
C PRO B 828 -24.55 -15.36 -39.11
N ASN B 829 -23.30 -14.88 -39.17
CA ASN B 829 -22.61 -14.43 -37.96
C ASN B 829 -23.26 -13.14 -37.49
N GLY B 830 -24.16 -13.27 -36.52
CA GLY B 830 -24.92 -12.14 -36.01
C GLY B 830 -26.07 -11.78 -36.93
N LEU B 831 -25.73 -11.13 -38.04
CA LEU B 831 -26.70 -10.70 -39.05
C LEU B 831 -25.95 -10.50 -40.35
N ILE B 832 -26.69 -10.39 -41.45
CA ILE B 832 -26.13 -9.86 -42.69
C ILE B 832 -26.57 -8.41 -42.82
N LEU B 833 -25.63 -7.50 -42.64
CA LEU B 833 -25.95 -6.08 -42.65
C LEU B 833 -26.12 -5.54 -44.06
N MET B 834 -25.32 -6.04 -45.01
CA MET B 834 -25.42 -5.60 -46.40
C MET B 834 -24.74 -6.62 -47.30
N TYR B 835 -25.03 -6.50 -48.60
CA TYR B 835 -24.34 -7.24 -49.64
C TYR B 835 -23.67 -6.26 -50.59
N GLU B 836 -22.38 -6.45 -50.83
CA GLU B 836 -21.69 -5.73 -51.89
C GLU B 836 -21.82 -6.51 -53.18
N ILE B 837 -22.16 -5.83 -54.27
CA ILE B 837 -22.20 -6.43 -55.59
C ILE B 837 -21.14 -5.76 -56.44
N LYS B 838 -20.08 -6.49 -56.75
CA LYS B 838 -19.06 -6.04 -57.68
C LYS B 838 -19.50 -6.45 -59.09
N TYR B 839 -19.59 -5.48 -60.00
CA TYR B 839 -20.00 -5.78 -61.35
C TYR B 839 -19.17 -4.98 -62.35
N GLY B 840 -18.98 -5.57 -63.52
CA GLY B 840 -18.26 -4.92 -64.60
C GLY B 840 -18.25 -5.82 -65.81
N SER B 841 -18.05 -5.19 -66.97
CA SER B 841 -18.11 -5.93 -68.23
C SER B 841 -16.91 -6.85 -68.43
N GLN B 842 -15.72 -6.45 -67.98
CA GLN B 842 -14.55 -7.30 -68.05
C GLN B 842 -13.89 -7.43 -66.68
N VAL B 843 -13.89 -6.33 -65.91
CA VAL B 843 -13.44 -6.32 -64.53
C VAL B 843 -14.48 -5.60 -63.69
N GLU B 844 -14.61 -6.01 -62.43
CA GLU B 844 -15.65 -5.48 -61.54
C GLU B 844 -15.26 -4.08 -61.06
N ASP B 845 -15.26 -3.14 -62.00
CA ASP B 845 -15.00 -1.74 -61.66
C ASP B 845 -16.12 -1.17 -60.78
N GLN B 846 -17.37 -1.38 -61.18
CA GLN B 846 -18.47 -0.74 -60.48
C GLN B 846 -18.92 -1.56 -59.28
N ARG B 847 -19.42 -0.87 -58.26
CA ARG B 847 -19.82 -1.50 -57.00
C ARG B 847 -21.19 -0.99 -56.58
N GLU B 848 -22.03 -1.90 -56.11
CA GLU B 848 -23.39 -1.60 -55.67
C GLU B 848 -23.58 -2.11 -54.24
N CYS B 849 -24.41 -1.41 -53.47
CA CYS B 849 -24.67 -1.74 -52.09
C CYS B 849 -26.14 -2.14 -51.94
N VAL B 850 -26.37 -3.26 -51.24
CA VAL B 850 -27.72 -3.73 -50.98
C VAL B 850 -27.88 -3.89 -49.47
N SER B 851 -28.75 -3.10 -48.87
CA SER B 851 -28.97 -3.22 -47.44
C SER B 851 -29.88 -4.42 -47.13
N ARG B 852 -29.79 -4.89 -45.88
CA ARG B 852 -30.64 -6.00 -45.44
C ARG B 852 -32.11 -5.67 -45.61
N GLN B 853 -32.49 -4.40 -45.37
CA GLN B 853 -33.89 -4.01 -45.47
C GLN B 853 -34.42 -4.19 -46.89
N GLU B 854 -33.60 -3.90 -47.90
CA GLU B 854 -33.98 -4.09 -49.30
C GLU B 854 -33.90 -5.56 -49.70
N TYR B 855 -32.87 -6.28 -49.21
CA TYR B 855 -32.75 -7.70 -49.52
C TYR B 855 -33.96 -8.48 -49.00
N ARG B 856 -34.36 -8.25 -47.75
CA ARG B 856 -35.51 -8.96 -47.22
C ARG B 856 -36.80 -8.58 -47.92
N LYS B 857 -36.78 -7.51 -48.72
CA LYS B 857 -37.93 -7.12 -49.50
C LYS B 857 -37.93 -7.70 -50.91
N TYR B 858 -36.77 -8.06 -51.44
CA TYR B 858 -36.72 -8.50 -52.83
C TYR B 858 -35.98 -9.80 -53.10
N GLY B 859 -35.48 -10.49 -52.07
CA GLY B 859 -34.69 -11.69 -52.29
C GLY B 859 -33.42 -11.47 -53.07
N GLY B 860 -32.94 -10.23 -53.13
CA GLY B 860 -31.81 -9.90 -53.99
C GLY B 860 -31.70 -8.41 -54.20
N ALA B 861 -31.26 -8.03 -55.39
CA ALA B 861 -31.14 -6.62 -55.74
C ALA B 861 -31.26 -6.41 -57.24
N LYS B 862 -31.80 -5.25 -57.61
CA LYS B 862 -31.87 -4.85 -59.02
C LYS B 862 -30.65 -4.00 -59.36
N LEU B 863 -29.73 -4.57 -60.16
CA LEU B 863 -28.69 -3.79 -60.79
C LEU B 863 -29.32 -2.97 -61.91
N ASN B 864 -29.68 -1.73 -61.59
CA ASN B 864 -30.48 -0.90 -62.49
C ASN B 864 -29.60 -0.18 -63.51
N ARG B 865 -30.11 -0.11 -64.74
CA ARG B 865 -29.58 0.77 -65.79
C ARG B 865 -28.10 0.54 -66.07
N LEU B 866 -27.71 -0.73 -66.20
CA LEU B 866 -26.37 -1.05 -66.66
C LEU B 866 -26.27 -0.86 -68.18
N ASN B 867 -25.08 -0.50 -68.64
CA ASN B 867 -24.85 -0.39 -70.08
C ASN B 867 -24.94 -1.77 -70.72
N PRO B 868 -25.54 -1.87 -71.91
CA PRO B 868 -25.71 -3.19 -72.54
C PRO B 868 -24.37 -3.81 -72.94
N GLY B 869 -24.27 -5.11 -72.75
CA GLY B 869 -23.09 -5.85 -73.15
C GLY B 869 -22.94 -7.10 -72.31
N ASN B 870 -21.85 -7.82 -72.56
CA ASN B 870 -21.47 -8.95 -71.73
C ASN B 870 -20.96 -8.46 -70.38
N TYR B 871 -21.29 -9.18 -69.32
CA TYR B 871 -21.07 -8.69 -67.97
C TYR B 871 -20.66 -9.81 -67.02
N THR B 872 -20.01 -9.41 -65.93
CA THR B 872 -19.63 -10.30 -64.84
C THR B 872 -19.94 -9.61 -63.50
N ALA B 873 -20.30 -10.43 -62.51
CA ALA B 873 -20.59 -9.91 -61.18
C ALA B 873 -20.26 -10.95 -60.12
N ARG B 874 -19.92 -10.45 -58.93
CA ARG B 874 -19.70 -11.25 -57.73
C ARG B 874 -20.34 -10.56 -56.54
N ILE B 875 -20.76 -11.34 -55.54
CA ILE B 875 -21.49 -10.82 -54.40
C ILE B 875 -20.78 -11.22 -53.12
N GLN B 876 -20.55 -10.25 -52.24
CA GLN B 876 -19.92 -10.47 -50.94
C GLN B 876 -20.87 -10.04 -49.84
N ALA B 877 -21.27 -10.98 -48.99
CA ALA B 877 -22.08 -10.63 -47.83
C ALA B 877 -21.19 -10.05 -46.72
N THR B 878 -21.58 -8.89 -46.19
CA THR B 878 -20.91 -8.30 -45.05
C THR B 878 -21.78 -8.53 -43.83
N SER B 879 -21.33 -9.41 -42.93
CA SER B 879 -22.04 -9.76 -41.73
C SER B 879 -21.63 -8.83 -40.59
N LEU B 880 -22.12 -9.13 -39.39
CA LEU B 880 -21.70 -8.39 -38.21
C LEU B 880 -20.26 -8.67 -37.82
N SER B 881 -19.63 -9.68 -38.42
CA SER B 881 -18.28 -10.08 -38.07
C SER B 881 -17.23 -9.76 -39.13
N GLY B 882 -17.65 -9.52 -40.37
CA GLY B 882 -16.71 -9.29 -41.44
C GLY B 882 -17.32 -9.73 -42.76
N ASN B 883 -16.46 -9.80 -43.77
CA ASN B 883 -16.92 -10.15 -45.10
C ASN B 883 -17.01 -11.67 -45.28
N GLY B 884 -18.05 -12.09 -45.98
CA GLY B 884 -18.04 -13.42 -46.55
C GLY B 884 -17.32 -13.42 -47.88
N SER B 885 -16.68 -14.54 -48.21
CA SER B 885 -15.86 -14.61 -49.41
C SER B 885 -16.71 -14.36 -50.64
N TRP B 886 -16.16 -13.61 -51.60
CA TRP B 886 -16.87 -13.27 -52.82
C TRP B 886 -17.34 -14.52 -53.53
N THR B 887 -18.63 -14.55 -53.85
CA THR B 887 -19.28 -15.74 -54.37
C THR B 887 -18.76 -16.09 -55.76
N ASP B 888 -19.19 -17.27 -56.23
CA ASP B 888 -18.90 -17.70 -57.59
C ASP B 888 -19.50 -16.70 -58.58
N PRO B 889 -18.73 -16.23 -59.56
CA PRO B 889 -19.21 -15.15 -60.44
C PRO B 889 -20.38 -15.57 -61.31
N VAL B 890 -21.23 -14.59 -61.61
CA VAL B 890 -22.36 -14.77 -62.54
C VAL B 890 -22.11 -13.93 -63.79
N PHE B 891 -22.17 -14.59 -64.94
CA PHE B 891 -21.86 -13.96 -66.23
C PHE B 891 -23.11 -13.54 -66.98
N PHE B 892 -23.88 -12.60 -66.44
CA PHE B 892 -25.10 -12.16 -67.09
C PHE B 892 -24.79 -11.26 -68.28
N TYR B 893 -25.81 -11.06 -69.12
CA TYR B 893 -25.72 -10.26 -70.33
C TYR B 893 -26.87 -9.26 -70.37
N VAL B 894 -26.59 -8.03 -70.81
CA VAL B 894 -27.62 -7.02 -71.03
C VAL B 894 -27.71 -6.76 -72.54
N GLN B 895 -28.92 -6.78 -73.08
CA GLN B 895 -29.13 -6.72 -74.52
C GLN B 895 -29.50 -5.31 -74.96
N ALA B 896 -28.85 -4.84 -76.03
CA ALA B 896 -29.15 -3.55 -76.63
C ALA B 896 -30.28 -3.66 -77.65
N ASP C 4 38.45 15.46 24.63
CA ASP C 4 37.18 14.76 24.76
C ASP C 4 37.39 13.24 24.69
N LYS C 5 36.35 12.51 24.34
CA LYS C 5 36.40 11.05 24.33
C LYS C 5 36.78 10.51 22.96
N LEU C 6 37.55 9.42 22.94
CA LEU C 6 37.90 8.70 21.74
C LEU C 6 37.56 7.22 21.95
N CYS C 7 36.72 6.67 21.08
CA CYS C 7 36.13 5.36 21.35
C CYS C 7 36.54 4.25 20.40
N GLY C 8 36.20 4.40 19.11
CA GLY C 8 36.28 3.31 18.16
C GLY C 8 37.47 3.34 17.23
N LYS C 9 37.21 3.53 15.93
CA LYS C 9 38.27 3.81 14.98
C LYS C 9 39.14 4.96 15.48
N ASP C 10 38.50 6.00 16.01
CA ASP C 10 39.22 7.16 16.50
C ASP C 10 40.23 6.84 17.59
N LEU C 11 39.89 5.91 18.50
CA LEU C 11 40.78 5.64 19.62
C LEU C 11 42.07 4.97 19.16
N VAL C 12 41.96 3.98 18.27
CA VAL C 12 43.16 3.32 17.77
C VAL C 12 43.92 4.24 16.82
N ASP C 13 43.22 5.08 16.05
CA ASP C 13 43.93 6.02 15.18
C ASP C 13 44.73 7.02 16.00
N ALA C 14 44.13 7.56 17.06
CA ALA C 14 44.84 8.47 17.94
C ALA C 14 46.01 7.77 18.63
N LEU C 15 45.80 6.53 19.08
CA LEU C 15 46.88 5.79 19.74
C LEU C 15 48.05 5.55 18.78
N LEU C 16 47.74 5.19 17.53
CA LEU C 16 48.80 5.00 16.54
C LEU C 16 49.49 6.30 16.19
N LEU C 17 48.76 7.43 16.19
CA LEU C 17 49.40 8.71 15.94
C LEU C 17 50.29 9.11 17.10
N VAL C 18 49.92 8.71 18.32
CA VAL C 18 50.72 9.02 19.50
C VAL C 18 51.99 8.15 19.55
N CYS C 19 51.87 6.88 19.18
CA CYS C 19 52.97 5.93 19.30
C CYS C 19 53.47 5.42 17.95
N GLY C 20 53.40 6.22 16.89
CA GLY C 20 53.52 5.68 15.55
C GLY C 20 54.85 5.09 15.14
N GLU C 21 55.87 5.15 16.00
CA GLU C 21 57.06 4.36 15.79
C GLU C 21 57.52 3.75 17.12
N LYS C 22 57.10 4.37 18.23
CA LYS C 22 57.42 3.85 19.55
C LYS C 22 56.82 2.48 19.80
N GLY C 23 55.70 2.18 19.14
CA GLY C 23 55.04 0.90 19.30
C GLY C 23 54.11 0.86 20.51
N VAL C 24 53.38 -0.25 20.61
CA VAL C 24 52.39 -0.47 21.67
C VAL C 24 52.91 -1.57 22.60
N TYR C 25 52.60 -1.43 23.89
CA TYR C 25 53.12 -2.29 24.95
C TYR C 25 52.36 -3.63 24.99
N SER C 26 52.96 -4.60 25.69
CA SER C 26 52.42 -5.95 25.85
C SER C 26 52.65 -6.43 27.27
N PRO C 27 51.69 -7.18 27.85
CA PRO C 27 51.76 -7.47 29.29
C PRO C 27 52.85 -8.44 29.76
N LYS C 28 52.89 -9.65 29.22
CA LYS C 28 53.77 -10.71 29.71
C LYS C 28 53.83 -10.75 31.24
N MET C 29 52.66 -10.94 31.87
CA MET C 29 52.55 -10.86 33.34
C MET C 29 53.03 -12.12 34.08
N GLY C 30 53.59 -13.16 33.45
CA GLY C 30 54.07 -14.31 34.19
C GLY C 30 52.99 -15.06 34.94
N TYR C 31 51.86 -15.31 34.26
CA TYR C 31 50.74 -16.08 34.78
C TYR C 31 50.00 -15.35 35.91
N ALA C 32 50.50 -14.19 36.31
CA ALA C 32 49.88 -13.43 37.39
C ALA C 32 50.40 -12.01 37.45
N GLY C 39 42.65 -1.96 36.05
CA GLY C 39 42.47 -2.79 34.87
C GLY C 39 41.21 -2.48 34.09
N ASN C 40 40.79 -1.20 34.11
CA ASN C 40 39.60 -0.81 33.38
C ASN C 40 39.85 -0.76 31.88
N GLY C 41 41.07 -0.47 31.46
CA GLY C 41 41.44 -0.50 30.05
C GLY C 41 41.27 0.84 29.35
N ILE C 42 41.81 0.87 28.12
CA ILE C 42 41.82 2.10 27.34
C ILE C 42 40.41 2.48 26.88
N ALA C 43 39.59 1.48 26.53
CA ALA C 43 38.24 1.75 26.07
C ALA C 43 37.31 2.22 27.18
N ASP C 44 37.77 2.19 28.43
CA ASP C 44 37.05 2.74 29.57
C ASP C 44 37.61 4.07 30.02
N VAL C 45 38.94 4.17 30.15
CA VAL C 45 39.55 5.43 30.59
C VAL C 45 39.35 6.52 29.55
N CYS C 46 39.35 6.16 28.26
CA CYS C 46 39.22 7.15 27.21
C CYS C 46 37.82 7.23 26.60
N CYS C 47 37.04 6.15 26.65
CA CYS C 47 35.74 6.19 26.00
C CYS C 47 34.54 5.97 26.94
N THR C 48 34.48 4.81 27.59
CA THR C 48 33.20 4.42 28.18
C THR C 48 32.87 5.24 29.43
N SER C 49 33.87 5.58 30.22
CA SER C 49 33.59 6.38 31.41
C SER C 49 33.54 7.87 31.05
N ALA C 50 33.00 8.65 31.98
CA ALA C 50 32.97 10.10 31.84
C ALA C 50 34.36 10.71 31.98
N ASN C 51 35.37 9.86 32.17
CA ASN C 51 36.73 10.33 32.40
C ASN C 51 37.25 11.15 31.22
N GLY C 52 36.98 10.72 29.99
CA GLY C 52 37.48 11.40 28.82
C GLY C 52 38.92 11.08 28.51
N CYS C 53 39.31 11.20 27.24
CA CYS C 53 40.64 10.80 26.80
C CYS C 53 41.65 11.93 27.02
N ASP C 54 42.93 11.59 26.87
CA ASP C 54 44.01 12.54 27.10
C ASP C 54 45.16 12.20 26.16
N LEU C 55 45.59 13.19 25.37
CA LEU C 55 46.79 13.01 24.54
C LEU C 55 48.04 12.84 25.39
N ASN C 56 48.02 13.30 26.63
CA ASN C 56 49.13 13.13 27.56
C ASN C 56 49.02 11.82 28.35
N PHE C 57 47.99 11.02 28.12
CA PHE C 57 47.84 9.75 28.81
C PHE C 57 47.84 8.59 27.83
N LEU C 58 47.53 8.87 26.56
CA LEU C 58 47.72 7.87 25.51
C LEU C 58 49.19 7.47 25.40
N GLU C 59 50.11 8.34 25.84
CA GLU C 59 51.52 7.98 25.89
C GLU C 59 51.78 6.78 26.79
N LYS C 60 50.95 6.59 27.83
CA LYS C 60 51.14 5.48 28.76
C LYS C 60 50.94 4.13 28.09
N PHE C 61 50.20 4.08 26.98
CA PHE C 61 49.97 2.83 26.28
C PHE C 61 50.96 2.60 25.13
N CYS C 62 51.88 3.53 24.92
CA CYS C 62 53.00 3.29 24.02
C CYS C 62 54.07 2.44 24.71
N LYS C 63 54.81 1.68 23.91
CA LYS C 63 55.97 0.97 24.44
C LYS C 63 57.13 1.95 24.60
N THR C 64 57.79 1.88 25.74
CA THR C 64 58.96 2.72 25.99
C THR C 64 59.93 2.04 26.95
#